data_1WHR
#
_entry.id   1WHR
#
_entity_poly.entity_id   1
_entity_poly.type   'polypeptide(L)'
_entity_poly.pdbx_seq_one_letter_code
;GSSGSSGTDSTGIDLHEFLVNTLKKNPRDRMMLLKLEQEILEFINDNNNQFKKFPQMTSYHRMLLHRVAAYFGMDHNVDQ
TGKAVIINKTSNTRIPEQRFSEHIKDEKNTEFQQRFILSGPSSG
;
_entity_poly.pdbx_strand_id   A
#
# COMPACT_ATOMS: atom_id res chain seq x y z
N GLY A 1 5.46 25.12 21.01
CA GLY A 1 5.35 23.69 21.26
C GLY A 1 4.72 22.94 20.10
N SER A 2 3.54 23.39 19.68
CA SER A 2 2.83 22.75 18.58
C SER A 2 1.67 23.63 18.10
N SER A 3 1.50 23.70 16.78
CA SER A 3 0.43 24.51 16.20
C SER A 3 0.22 24.14 14.74
N GLY A 4 -1.03 24.20 14.29
CA GLY A 4 -1.35 23.87 12.91
C GLY A 4 -1.75 22.42 12.74
N SER A 5 -2.77 22.18 11.92
CA SER A 5 -3.26 20.84 11.67
C SER A 5 -3.96 20.75 10.32
N SER A 6 -4.27 19.52 9.90
CA SER A 6 -4.94 19.30 8.62
C SER A 6 -6.42 19.67 8.71
N GLY A 7 -6.77 20.78 8.07
CA GLY A 7 -8.16 21.22 8.08
C GLY A 7 -8.42 22.32 7.06
N THR A 8 -8.07 23.55 7.41
CA THR A 8 -8.27 24.69 6.52
C THR A 8 -7.55 24.48 5.20
N ASP A 9 -6.58 23.57 5.19
CA ASP A 9 -5.81 23.28 3.98
C ASP A 9 -5.72 21.77 3.75
N SER A 10 -6.46 21.29 2.76
CA SER A 10 -6.46 19.87 2.43
C SER A 10 -5.89 19.63 1.04
N THR A 11 -6.49 20.28 0.04
CA THR A 11 -6.04 20.13 -1.34
C THR A 11 -4.69 20.80 -1.55
N GLY A 12 -3.68 19.98 -1.87
CA GLY A 12 -2.35 20.51 -2.10
C GLY A 12 -1.53 19.62 -3.02
N ILE A 13 -0.49 19.00 -2.47
CA ILE A 13 0.38 18.13 -3.23
C ILE A 13 -0.39 16.93 -3.79
N ASP A 14 -0.53 16.86 -5.10
CA ASP A 14 -1.25 15.77 -5.74
C ASP A 14 -0.45 14.47 -5.64
N LEU A 15 -0.76 13.67 -4.62
CA LEU A 15 -0.09 12.40 -4.41
C LEU A 15 0.28 11.75 -5.73
N HIS A 16 -0.74 11.41 -6.52
CA HIS A 16 -0.53 10.77 -7.81
C HIS A 16 0.72 11.34 -8.50
N GLU A 17 0.76 12.65 -8.66
CA GLU A 17 1.90 13.31 -9.30
C GLU A 17 3.22 12.72 -8.79
N PHE A 18 3.34 12.62 -7.47
CA PHE A 18 4.55 12.08 -6.86
C PHE A 18 4.79 10.64 -7.31
N LEU A 19 3.78 9.79 -7.09
CA LEU A 19 3.89 8.38 -7.48
C LEU A 19 4.32 8.24 -8.92
N VAL A 20 3.48 8.70 -9.84
CA VAL A 20 3.77 8.63 -11.27
C VAL A 20 5.20 9.09 -11.56
N ASN A 21 5.57 10.24 -11.01
CA ASN A 21 6.91 10.79 -11.20
C ASN A 21 7.98 9.78 -10.82
N THR A 22 7.77 9.12 -9.68
CA THR A 22 8.71 8.11 -9.20
C THR A 22 8.80 6.93 -10.15
N LEU A 23 7.66 6.55 -10.71
CA LEU A 23 7.60 5.43 -11.64
C LEU A 23 8.48 5.70 -12.87
N LYS A 24 8.46 6.93 -13.34
CA LYS A 24 9.25 7.33 -14.50
C LYS A 24 10.72 7.50 -14.13
N LYS A 25 10.98 8.40 -13.19
CA LYS A 25 12.34 8.65 -12.73
C LYS A 25 12.98 7.38 -12.19
N ASN A 26 12.29 6.71 -11.28
CA ASN A 26 12.80 5.48 -10.69
C ASN A 26 12.04 4.27 -11.22
N PRO A 27 12.42 3.81 -12.42
CA PRO A 27 11.78 2.65 -13.06
C PRO A 27 12.10 1.35 -12.34
N ARG A 28 13.06 1.40 -11.42
CA ARG A 28 13.47 0.22 -10.67
C ARG A 28 12.67 0.10 -9.36
N ASP A 29 12.34 1.24 -8.78
CA ASP A 29 11.58 1.26 -7.54
C ASP A 29 10.19 0.68 -7.74
N ARG A 30 9.57 1.02 -8.86
CA ARG A 30 8.23 0.54 -9.18
C ARG A 30 8.04 -0.89 -8.66
N MET A 31 9.03 -1.74 -8.90
CA MET A 31 8.96 -3.12 -8.46
C MET A 31 8.37 -3.23 -7.06
N MET A 32 8.97 -2.50 -6.12
CA MET A 32 8.49 -2.51 -4.73
C MET A 32 7.05 -2.02 -4.65
N LEU A 33 6.84 -0.75 -4.99
CA LEU A 33 5.52 -0.15 -4.95
C LEU A 33 4.46 -1.14 -5.43
N LEU A 34 4.78 -1.88 -6.49
CA LEU A 34 3.86 -2.87 -7.03
C LEU A 34 3.55 -3.95 -6.01
N LYS A 35 4.60 -4.60 -5.51
CA LYS A 35 4.44 -5.67 -4.52
C LYS A 35 3.52 -5.22 -3.39
N LEU A 36 3.92 -4.15 -2.70
CA LEU A 36 3.13 -3.62 -1.59
C LEU A 36 1.66 -3.47 -1.99
N GLU A 37 1.43 -2.91 -3.17
CA GLU A 37 0.07 -2.71 -3.66
C GLU A 37 -0.70 -4.02 -3.66
N GLN A 38 -0.05 -5.09 -4.08
CA GLN A 38 -0.68 -6.41 -4.13
C GLN A 38 -1.11 -6.86 -2.74
N GLU A 39 -0.14 -6.94 -1.83
CA GLU A 39 -0.43 -7.36 -0.45
C GLU A 39 -1.51 -6.48 0.16
N ILE A 40 -1.39 -5.18 -0.02
CA ILE A 40 -2.36 -4.22 0.53
C ILE A 40 -3.77 -4.53 0.02
N LEU A 41 -3.86 -4.98 -1.23
CA LEU A 41 -5.14 -5.31 -1.83
C LEU A 41 -5.76 -6.53 -1.15
N GLU A 42 -5.03 -7.64 -1.15
CA GLU A 42 -5.50 -8.87 -0.54
C GLU A 42 -5.85 -8.64 0.93
N PHE A 43 -5.15 -7.70 1.57
CA PHE A 43 -5.39 -7.40 2.97
C PHE A 43 -6.73 -6.68 3.15
N ILE A 44 -6.83 -5.47 2.59
CA ILE A 44 -8.05 -4.68 2.69
C ILE A 44 -9.28 -5.56 2.50
N ASN A 45 -9.29 -6.35 1.43
CA ASN A 45 -10.41 -7.23 1.14
C ASN A 45 -10.58 -8.27 2.24
N ASP A 46 -9.47 -8.81 2.72
CA ASP A 46 -9.49 -9.81 3.77
C ASP A 46 -10.17 -9.27 5.03
N ASN A 47 -11.37 -9.77 5.30
CA ASN A 47 -12.13 -9.33 6.47
C ASN A 47 -11.59 -9.98 7.74
N ASN A 48 -11.29 -11.27 7.65
CA ASN A 48 -10.77 -12.02 8.80
C ASN A 48 -9.69 -11.22 9.52
N ASN A 49 -8.82 -10.57 8.75
CA ASN A 49 -7.74 -9.77 9.31
C ASN A 49 -8.18 -8.32 9.50
N GLN A 50 -7.94 -7.78 10.69
CA GLN A 50 -8.31 -6.41 11.01
C GLN A 50 -7.10 -5.47 10.88
N PHE A 51 -5.98 -5.89 11.47
CA PHE A 51 -4.76 -5.09 11.43
C PHE A 51 -3.64 -5.85 10.71
N LYS A 52 -2.67 -5.09 10.21
CA LYS A 52 -1.54 -5.69 9.50
C LYS A 52 -0.23 -5.01 9.89
N LYS A 53 0.72 -5.80 10.35
CA LYS A 53 2.01 -5.28 10.77
C LYS A 53 3.06 -5.47 9.66
N PHE A 54 3.94 -4.49 9.52
CA PHE A 54 4.98 -4.54 8.50
C PHE A 54 6.35 -4.74 9.14
N PRO A 55 7.26 -5.41 8.40
CA PRO A 55 8.61 -5.68 8.87
C PRO A 55 9.47 -4.41 8.94
N GLN A 56 10.47 -4.42 9.80
CA GLN A 56 11.36 -3.27 9.95
C GLN A 56 11.75 -2.70 8.60
N MET A 57 11.44 -1.43 8.39
CA MET A 57 11.76 -0.76 7.13
C MET A 57 12.76 0.37 7.35
N THR A 58 13.38 0.83 6.27
CA THR A 58 14.36 1.90 6.35
C THR A 58 13.69 3.26 6.31
N SER A 59 14.49 4.32 6.41
CA SER A 59 13.97 5.68 6.39
C SER A 59 13.15 5.94 5.12
N TYR A 60 13.71 5.58 3.98
CA TYR A 60 13.04 5.76 2.70
C TYR A 60 11.79 4.89 2.60
N HIS A 61 12.01 3.57 2.63
CA HIS A 61 10.91 2.62 2.55
C HIS A 61 9.69 3.13 3.30
N ARG A 62 9.83 3.28 4.62
CA ARG A 62 8.75 3.76 5.46
C ARG A 62 7.97 4.87 4.76
N MET A 63 8.70 5.85 4.25
CA MET A 63 8.08 6.98 3.56
C MET A 63 7.22 6.49 2.39
N LEU A 64 7.83 5.72 1.50
CA LEU A 64 7.12 5.18 0.34
C LEU A 64 5.77 4.60 0.74
N LEU A 65 5.78 3.70 1.71
CA LEU A 65 4.56 3.06 2.19
C LEU A 65 3.55 4.12 2.64
N HIS A 66 3.91 4.87 3.68
CA HIS A 66 3.03 5.92 4.21
C HIS A 66 2.28 6.61 3.07
N ARG A 67 2.97 6.84 1.96
CA ARG A 67 2.37 7.50 0.81
C ARG A 67 1.28 6.63 0.18
N VAL A 68 1.64 5.39 -0.15
CA VAL A 68 0.69 4.46 -0.75
C VAL A 68 -0.61 4.42 0.03
N ALA A 69 -0.50 4.22 1.34
CA ALA A 69 -1.67 4.16 2.21
C ALA A 69 -2.52 5.42 2.07
N ALA A 70 -1.92 6.57 2.36
CA ALA A 70 -2.62 7.85 2.25
C ALA A 70 -3.37 7.97 0.93
N TYR A 71 -2.81 7.35 -0.10
CA TYR A 71 -3.42 7.39 -1.43
C TYR A 71 -4.66 6.51 -1.49
N PHE A 72 -4.56 5.32 -0.88
CA PHE A 72 -5.67 4.38 -0.86
C PHE A 72 -6.75 4.82 0.13
N GLY A 73 -6.35 5.62 1.11
CA GLY A 73 -7.28 6.10 2.11
C GLY A 73 -7.19 5.32 3.41
N MET A 74 -5.98 4.89 3.76
CA MET A 74 -5.77 4.14 4.98
C MET A 74 -4.84 4.89 5.93
N ASP A 75 -5.13 4.80 7.23
CA ASP A 75 -4.31 5.47 8.24
C ASP A 75 -3.30 4.52 8.84
N HIS A 76 -2.08 5.01 9.06
CA HIS A 76 -1.02 4.20 9.63
C HIS A 76 -0.71 4.64 11.07
N ASN A 77 -0.19 3.70 11.86
CA ASN A 77 0.15 3.99 13.25
C ASN A 77 1.50 3.39 13.63
N VAL A 78 2.22 4.06 14.51
CA VAL A 78 3.53 3.58 14.95
C VAL A 78 3.41 2.79 16.25
N ASP A 79 4.21 1.74 16.35
CA ASP A 79 4.21 0.89 17.55
C ASP A 79 4.89 1.59 18.71
N GLN A 80 4.80 0.99 19.89
CA GLN A 80 5.40 1.55 21.09
C GLN A 80 6.71 2.27 20.75
N THR A 81 7.58 1.58 20.02
CA THR A 81 8.87 2.14 19.63
C THR A 81 8.78 2.84 18.28
N GLY A 82 7.89 2.35 17.43
CA GLY A 82 7.71 2.94 16.11
C GLY A 82 8.64 2.34 15.08
N LYS A 83 9.63 1.58 15.54
CA LYS A 83 10.59 0.94 14.65
C LYS A 83 9.90 0.43 13.39
N ALA A 84 8.74 -0.19 13.56
CA ALA A 84 7.97 -0.72 12.45
C ALA A 84 6.71 0.10 12.19
N VAL A 85 5.93 -0.30 11.19
CA VAL A 85 4.71 0.40 10.85
C VAL A 85 3.52 -0.56 10.83
N ILE A 86 2.38 -0.12 11.36
CA ILE A 86 1.18 -0.94 11.39
C ILE A 86 -0.02 -0.17 10.85
N ILE A 87 -0.74 -0.79 9.92
CA ILE A 87 -1.92 -0.16 9.33
C ILE A 87 -3.16 -1.03 9.52
N ASN A 88 -4.33 -0.40 9.48
CA ASN A 88 -5.59 -1.10 9.66
C ASN A 88 -6.49 -0.90 8.45
N LYS A 89 -7.64 -1.57 8.46
CA LYS A 89 -8.60 -1.47 7.37
C LYS A 89 -9.84 -0.71 7.81
N THR A 90 -10.04 0.48 7.24
CA THR A 90 -11.19 1.31 7.57
C THR A 90 -12.08 1.53 6.35
N SER A 91 -13.28 2.04 6.59
CA SER A 91 -14.22 2.30 5.51
C SER A 91 -13.61 3.22 4.46
N ASN A 92 -13.13 4.38 4.91
CA ASN A 92 -12.51 5.35 4.01
C ASN A 92 -11.60 4.66 3.00
N THR A 93 -11.08 3.49 3.39
CA THR A 93 -10.19 2.73 2.53
C THR A 93 -10.93 2.16 1.33
N ARG A 94 -10.67 2.72 0.15
CA ARG A 94 -11.31 2.26 -1.07
C ARG A 94 -10.33 2.21 -2.24
N ILE A 95 -10.73 1.59 -3.33
CA ILE A 95 -9.88 1.49 -4.51
C ILE A 95 -9.78 2.82 -5.24
N PRO A 96 -8.57 3.16 -5.70
CA PRO A 96 -8.31 4.41 -6.41
C PRO A 96 -8.95 4.42 -7.80
N GLU A 97 -8.56 5.40 -8.62
CA GLU A 97 -9.10 5.52 -9.97
C GLU A 97 -8.34 4.62 -10.94
N GLN A 98 -7.02 4.56 -10.78
CA GLN A 98 -6.19 3.73 -11.65
C GLN A 98 -5.14 3.00 -10.83
N ARG A 99 -4.66 1.88 -11.37
CA ARG A 99 -3.65 1.07 -10.68
C ARG A 99 -2.31 1.16 -11.42
N PHE A 100 -1.24 0.78 -10.73
CA PHE A 100 0.10 0.81 -11.31
C PHE A 100 0.22 -0.22 -12.43
N SER A 101 -0.51 -1.33 -12.30
CA SER A 101 -0.48 -2.38 -13.29
C SER A 101 -1.02 -1.89 -14.63
N GLU A 102 -1.60 -0.70 -14.62
CA GLU A 102 -2.16 -0.12 -15.84
C GLU A 102 -1.10 0.66 -16.60
N HIS A 103 -0.03 1.03 -15.91
CA HIS A 103 1.06 1.77 -16.53
C HIS A 103 2.13 0.83 -17.08
N ILE A 104 2.19 -0.37 -16.51
CA ILE A 104 3.16 -1.37 -16.94
C ILE A 104 2.52 -2.44 -17.80
N LYS A 105 1.38 -2.11 -18.40
CA LYS A 105 0.66 -3.04 -19.25
C LYS A 105 1.53 -3.49 -20.42
N ASP A 106 1.38 -4.74 -20.82
CA ASP A 106 2.15 -5.30 -21.93
C ASP A 106 3.62 -5.42 -21.55
N GLU A 107 3.88 -5.97 -20.37
CA GLU A 107 5.25 -6.16 -19.90
C GLU A 107 6.00 -7.16 -20.75
N LYS A 108 7.30 -7.26 -20.54
CA LYS A 108 8.14 -8.19 -21.30
C LYS A 108 8.45 -9.44 -20.48
N ASN A 109 8.99 -9.23 -19.28
CA ASN A 109 9.33 -10.34 -18.40
C ASN A 109 8.98 -10.02 -16.95
N THR A 110 8.64 -11.04 -16.19
CA THR A 110 8.28 -10.88 -14.79
C THR A 110 8.62 -12.11 -13.97
N GLU A 111 9.12 -11.90 -12.76
CA GLU A 111 9.48 -13.01 -11.88
C GLU A 111 8.52 -13.10 -10.69
N PHE A 112 7.53 -13.97 -10.82
CA PHE A 112 6.54 -14.16 -9.76
C PHE A 112 6.40 -15.64 -9.40
N GLN A 113 7.12 -16.06 -8.37
CA GLN A 113 7.08 -17.44 -7.92
C GLN A 113 6.72 -17.53 -6.44
N GLN A 114 5.82 -18.44 -6.10
CA GLN A 114 5.39 -18.62 -4.72
C GLN A 114 5.56 -20.07 -4.28
N ARG A 115 6.69 -20.67 -4.64
CA ARG A 115 6.98 -22.05 -4.29
C ARG A 115 8.43 -22.21 -3.85
N PHE A 116 8.66 -23.16 -2.95
CA PHE A 116 10.00 -23.41 -2.43
C PHE A 116 10.78 -22.12 -2.29
N ILE A 117 10.12 -21.07 -1.80
CA ILE A 117 10.75 -19.78 -1.62
C ILE A 117 10.26 -19.11 -0.34
N LEU A 118 11.20 -18.71 0.52
CA LEU A 118 10.88 -18.06 1.78
C LEU A 118 11.41 -16.63 1.80
N SER A 119 11.13 -15.92 2.88
CA SER A 119 11.59 -14.54 3.04
C SER A 119 12.90 -14.49 3.81
N GLY A 120 12.94 -15.17 4.95
CA GLY A 120 14.15 -15.18 5.76
C GLY A 120 13.88 -14.85 7.21
N PRO A 121 13.47 -15.86 7.99
CA PRO A 121 13.16 -15.70 9.41
C PRO A 121 14.41 -15.45 10.25
N SER A 122 14.34 -14.45 11.12
CA SER A 122 15.47 -14.11 11.98
C SER A 122 15.12 -14.34 13.45
N SER A 123 16.02 -15.02 14.16
CA SER A 123 15.82 -15.31 15.57
C SER A 123 16.53 -14.30 16.45
N GLY A 124 15.89 -13.94 17.56
CA GLY A 124 16.48 -12.96 18.47
C GLY A 124 17.98 -13.15 18.64
N GLY A 1 2.76 2.03 25.73
CA GLY A 1 1.65 2.92 25.42
C GLY A 1 1.96 3.86 24.27
N SER A 2 1.12 4.87 24.10
CA SER A 2 1.32 5.86 23.04
C SER A 2 1.15 7.27 23.57
N SER A 3 1.72 8.24 22.85
CA SER A 3 1.65 9.63 23.25
C SER A 3 1.04 10.48 22.13
N GLY A 4 0.39 11.58 22.52
CA GLY A 4 -0.22 12.46 21.53
C GLY A 4 -1.49 11.86 20.93
N SER A 5 -2.16 12.65 20.09
CA SER A 5 -3.39 12.20 19.46
C SER A 5 -3.87 13.22 18.42
N SER A 6 -4.03 12.77 17.18
CA SER A 6 -4.48 13.65 16.11
C SER A 6 -5.51 12.95 15.23
N GLY A 7 -6.04 13.67 14.26
CA GLY A 7 -7.04 13.11 13.36
C GLY A 7 -7.75 14.16 12.54
N THR A 8 -7.56 14.11 11.23
CA THR A 8 -8.19 15.07 10.33
C THR A 8 -8.00 14.67 8.87
N ASP A 9 -8.98 15.00 8.04
CA ASP A 9 -8.93 14.68 6.62
C ASP A 9 -8.93 15.95 5.77
N SER A 10 -8.04 15.98 4.79
CA SER A 10 -7.94 17.14 3.90
C SER A 10 -7.09 16.81 2.67
N THR A 11 -7.31 17.57 1.60
CA THR A 11 -6.57 17.35 0.36
C THR A 11 -5.82 18.61 -0.05
N GLY A 12 -4.75 18.43 -0.83
CA GLY A 12 -3.96 19.56 -1.29
C GLY A 12 -2.84 19.15 -2.23
N ILE A 13 -1.96 18.27 -1.75
CA ILE A 13 -0.85 17.79 -2.57
C ILE A 13 -1.29 16.68 -3.50
N ASP A 14 -0.60 16.56 -4.63
CA ASP A 14 -0.91 15.52 -5.61
C ASP A 14 -0.08 14.27 -5.36
N LEU A 15 -0.73 13.24 -4.83
CA LEU A 15 -0.06 11.98 -4.54
C LEU A 15 0.13 11.16 -5.81
N HIS A 16 -0.98 10.83 -6.47
CA HIS A 16 -0.93 10.05 -7.70
C HIS A 16 0.31 10.39 -8.52
N GLU A 17 0.42 11.65 -8.92
CA GLU A 17 1.57 12.10 -9.70
C GLU A 17 2.87 11.58 -9.11
N PHE A 18 3.05 11.77 -7.82
CA PHE A 18 4.26 11.32 -7.13
C PHE A 18 4.46 9.82 -7.32
N LEU A 19 3.40 9.06 -7.12
CA LEU A 19 3.45 7.60 -7.26
C LEU A 19 4.02 7.21 -8.62
N VAL A 20 3.44 7.78 -9.68
CA VAL A 20 3.89 7.49 -11.04
C VAL A 20 5.38 7.78 -11.19
N ASN A 21 5.75 9.04 -11.08
CA ASN A 21 7.15 9.44 -11.21
C ASN A 21 8.07 8.40 -10.60
N THR A 22 7.90 8.12 -9.32
CA THR A 22 8.72 7.14 -8.62
C THR A 22 8.82 5.85 -9.42
N LEU A 23 7.67 5.32 -9.84
CA LEU A 23 7.64 4.08 -10.63
C LEU A 23 8.56 4.18 -11.84
N LYS A 24 8.66 5.38 -12.41
CA LYS A 24 9.50 5.62 -13.57
C LYS A 24 10.91 6.03 -13.15
N LYS A 25 11.02 7.26 -12.64
CA LYS A 25 12.31 7.79 -12.20
C LYS A 25 13.04 6.78 -11.32
N ASN A 26 12.27 5.94 -10.62
CA ASN A 26 12.85 4.94 -9.74
C ASN A 26 12.33 3.55 -10.10
N PRO A 27 12.93 2.94 -11.13
CA PRO A 27 12.55 1.60 -11.59
C PRO A 27 12.92 0.50 -10.59
N ARG A 28 13.97 0.76 -9.81
CA ARG A 28 14.42 -0.20 -8.82
C ARG A 28 13.33 -0.47 -7.78
N ASP A 29 12.52 0.53 -7.50
CA ASP A 29 11.43 0.40 -6.54
C ASP A 29 10.13 0.02 -7.23
N ARG A 30 10.13 0.11 -8.56
CA ARG A 30 8.94 -0.23 -9.34
C ARG A 30 8.24 -1.46 -8.78
N MET A 31 8.97 -2.57 -8.74
CA MET A 31 8.43 -3.82 -8.22
C MET A 31 8.00 -3.67 -6.76
N MET A 32 8.93 -3.26 -5.92
CA MET A 32 8.66 -3.07 -4.50
C MET A 32 7.27 -2.45 -4.30
N LEU A 33 7.07 -1.28 -4.92
CA LEU A 33 5.79 -0.59 -4.81
C LEU A 33 4.63 -1.48 -5.24
N LEU A 34 4.69 -1.95 -6.48
CA LEU A 34 3.64 -2.82 -7.01
C LEU A 34 3.23 -3.87 -5.98
N LYS A 35 4.21 -4.54 -5.40
CA LYS A 35 3.96 -5.57 -4.40
C LYS A 35 3.14 -5.00 -3.24
N LEU A 36 3.62 -3.90 -2.67
CA LEU A 36 2.93 -3.26 -1.56
C LEU A 36 1.44 -3.09 -1.85
N GLU A 37 1.13 -2.34 -2.91
CA GLU A 37 -0.25 -2.10 -3.30
C GLU A 37 -1.01 -3.42 -3.45
N GLN A 38 -0.35 -4.40 -4.06
CA GLN A 38 -0.96 -5.71 -4.27
C GLN A 38 -1.34 -6.36 -2.93
N GLU A 39 -0.40 -6.33 -1.99
CA GLU A 39 -0.63 -6.91 -0.67
C GLU A 39 -1.75 -6.18 0.06
N ILE A 40 -1.84 -4.87 -0.16
CA ILE A 40 -2.86 -4.05 0.47
C ILE A 40 -4.26 -4.45 -0.01
N LEU A 41 -4.37 -4.75 -1.29
CA LEU A 41 -5.65 -5.15 -1.88
C LEU A 41 -6.11 -6.50 -1.32
N GLU A 42 -5.24 -7.50 -1.39
CA GLU A 42 -5.55 -8.83 -0.88
C GLU A 42 -5.86 -8.78 0.61
N PHE A 43 -5.14 -7.93 1.32
CA PHE A 43 -5.33 -7.79 2.77
C PHE A 43 -6.73 -7.28 3.08
N ILE A 44 -7.07 -6.12 2.54
CA ILE A 44 -8.37 -5.51 2.76
C ILE A 44 -9.49 -6.50 2.46
N ASN A 45 -9.33 -7.26 1.38
CA ASN A 45 -10.33 -8.26 0.98
C ASN A 45 -10.41 -9.39 2.00
N ASP A 46 -9.25 -9.78 2.53
CA ASP A 46 -9.19 -10.85 3.51
C ASP A 46 -9.81 -10.41 4.83
N ASN A 47 -10.97 -10.98 5.15
CA ASN A 47 -11.67 -10.65 6.39
C ASN A 47 -10.92 -11.20 7.60
N ASN A 48 -10.26 -12.33 7.42
CA ASN A 48 -9.50 -12.96 8.50
C ASN A 48 -8.51 -11.97 9.12
N ASN A 49 -7.77 -11.27 8.26
CA ASN A 49 -6.80 -10.28 8.73
C ASN A 49 -7.45 -8.93 8.96
N GLN A 50 -7.43 -8.48 10.21
CA GLN A 50 -8.03 -7.19 10.57
C GLN A 50 -6.98 -6.08 10.54
N PHE A 51 -5.75 -6.44 10.89
CA PHE A 51 -4.66 -5.47 10.89
C PHE A 51 -3.48 -5.97 10.08
N LYS A 52 -2.62 -5.05 9.66
CA LYS A 52 -1.45 -5.39 8.86
C LYS A 52 -0.24 -4.56 9.27
N LYS A 53 0.77 -5.21 9.83
CA LYS A 53 1.98 -4.52 10.27
C LYS A 53 3.19 -4.99 9.45
N PHE A 54 3.89 -4.05 8.84
CA PHE A 54 5.06 -4.36 8.03
C PHE A 54 6.31 -4.47 8.92
N PRO A 55 7.28 -5.28 8.47
CA PRO A 55 8.54 -5.48 9.20
C PRO A 55 9.43 -4.24 9.20
N GLN A 56 10.66 -4.40 9.63
CA GLN A 56 11.61 -3.30 9.68
C GLN A 56 11.85 -2.73 8.28
N MET A 57 11.84 -1.40 8.19
CA MET A 57 12.06 -0.73 6.91
C MET A 57 13.12 0.35 7.04
N THR A 58 13.53 0.91 5.90
CA THR A 58 14.55 1.95 5.89
C THR A 58 13.92 3.32 5.66
N SER A 59 14.74 4.37 5.78
CA SER A 59 14.27 5.74 5.59
C SER A 59 13.51 5.87 4.27
N TYR A 60 14.08 5.31 3.21
CA TYR A 60 13.45 5.38 1.90
C TYR A 60 12.11 4.66 1.90
N HIS A 61 12.14 3.34 2.07
CA HIS A 61 10.93 2.53 2.09
C HIS A 61 9.86 3.17 2.99
N ARG A 62 10.20 3.37 4.26
CA ARG A 62 9.29 3.96 5.21
C ARG A 62 8.43 5.04 4.55
N MET A 63 9.09 6.00 3.91
CA MET A 63 8.40 7.09 3.23
C MET A 63 7.46 6.55 2.16
N LEU A 64 8.00 5.72 1.27
CA LEU A 64 7.20 5.13 0.19
C LEU A 64 5.88 4.60 0.73
N LEU A 65 5.95 3.76 1.75
CA LEU A 65 4.77 3.18 2.36
C LEU A 65 3.78 4.26 2.79
N HIS A 66 4.28 5.22 3.57
CA HIS A 66 3.45 6.32 4.05
C HIS A 66 2.64 6.93 2.90
N ARG A 67 3.25 6.99 1.72
CA ARG A 67 2.60 7.55 0.55
C ARG A 67 1.47 6.65 0.07
N VAL A 68 1.82 5.43 -0.33
CA VAL A 68 0.83 4.47 -0.80
C VAL A 68 -0.39 4.43 0.11
N ALA A 69 -0.14 4.28 1.41
CA ALA A 69 -1.23 4.23 2.39
C ALA A 69 -2.10 5.47 2.29
N ALA A 70 -1.51 6.64 2.49
CA ALA A 70 -2.23 7.90 2.43
C ALA A 70 -3.09 7.98 1.16
N TYR A 71 -2.57 7.42 0.07
CA TYR A 71 -3.27 7.43 -1.21
C TYR A 71 -4.55 6.61 -1.12
N PHE A 72 -4.44 5.40 -0.61
CA PHE A 72 -5.60 4.52 -0.46
C PHE A 72 -6.51 4.97 0.68
N GLY A 73 -6.02 5.93 1.46
CA GLY A 73 -6.79 6.43 2.58
C GLY A 73 -6.80 5.50 3.76
N MET A 74 -5.61 5.06 4.18
CA MET A 74 -5.49 4.15 5.31
C MET A 74 -5.00 4.88 6.55
N ASP A 75 -5.30 4.31 7.72
CA ASP A 75 -4.89 4.92 8.99
C ASP A 75 -3.75 4.14 9.62
N HIS A 76 -2.53 4.63 9.43
CA HIS A 76 -1.35 3.98 9.99
C HIS A 76 -1.03 4.52 11.38
N ASN A 77 -0.35 3.71 12.18
CA ASN A 77 0.01 4.11 13.54
C ASN A 77 1.36 3.49 13.94
N VAL A 78 2.02 4.11 14.91
CA VAL A 78 3.30 3.63 15.39
C VAL A 78 3.13 2.71 16.59
N ASP A 79 4.06 1.77 16.76
CA ASP A 79 4.01 0.83 17.87
C ASP A 79 4.73 1.40 19.10
N GLN A 80 4.57 0.72 20.22
CA GLN A 80 5.20 1.16 21.47
C GLN A 80 6.69 1.40 21.27
N THR A 81 7.25 0.83 20.20
CA THR A 81 8.66 1.00 19.91
C THR A 81 8.88 2.08 18.86
N GLY A 82 7.89 2.29 18.01
CA GLY A 82 7.99 3.31 16.97
C GLY A 82 9.05 2.97 15.94
N LYS A 83 9.36 1.69 15.82
CA LYS A 83 10.37 1.24 14.85
C LYS A 83 9.72 0.80 13.55
N ALA A 84 8.49 0.30 13.65
CA ALA A 84 7.75 -0.17 12.48
C ALA A 84 6.37 0.48 12.41
N VAL A 85 5.83 0.57 11.21
CA VAL A 85 4.51 1.17 11.00
C VAL A 85 3.45 0.10 10.80
N ILE A 86 2.27 0.34 11.35
CA ILE A 86 1.16 -0.60 11.23
C ILE A 86 -0.08 0.08 10.67
N ILE A 87 -0.83 -0.66 9.85
CA ILE A 87 -2.05 -0.13 9.25
C ILE A 87 -3.26 -0.99 9.61
N ASN A 88 -4.44 -0.55 9.19
CA ASN A 88 -5.67 -1.27 9.47
C ASN A 88 -6.73 -0.98 8.40
N LYS A 89 -7.74 -1.85 8.33
CA LYS A 89 -8.82 -1.68 7.36
C LYS A 89 -9.99 -0.91 7.97
N THR A 90 -10.26 0.26 7.41
CA THR A 90 -11.35 1.10 7.88
C THR A 90 -12.27 1.52 6.74
N SER A 91 -13.53 1.78 7.06
CA SER A 91 -14.51 2.18 6.05
C SER A 91 -13.94 3.25 5.13
N ASN A 92 -13.39 4.30 5.73
CA ASN A 92 -12.79 5.40 4.95
C ASN A 92 -11.95 4.85 3.81
N THR A 93 -11.35 3.69 4.02
CA THR A 93 -10.51 3.07 3.01
C THR A 93 -11.30 2.77 1.74
N ARG A 94 -10.91 3.40 0.64
CA ARG A 94 -11.59 3.21 -0.63
C ARG A 94 -10.58 2.96 -1.75
N ILE A 95 -11.03 2.33 -2.83
CA ILE A 95 -10.18 2.04 -3.97
C ILE A 95 -9.94 3.28 -4.82
N PRO A 96 -8.69 3.47 -5.25
CA PRO A 96 -8.29 4.63 -6.07
C PRO A 96 -8.87 4.54 -7.48
N GLU A 97 -8.88 5.68 -8.17
CA GLU A 97 -9.40 5.74 -9.53
C GLU A 97 -8.53 4.95 -10.49
N GLN A 98 -7.21 5.06 -10.31
CA GLN A 98 -6.27 4.35 -11.17
C GLN A 98 -5.22 3.63 -10.33
N ARG A 99 -4.98 2.36 -10.65
CA ARG A 99 -4.00 1.56 -9.92
C ARG A 99 -2.80 1.24 -10.81
N PHE A 100 -1.71 0.82 -10.18
CA PHE A 100 -0.48 0.48 -10.90
C PHE A 100 -0.67 -0.78 -11.72
N SER A 101 -1.47 -1.70 -11.21
CA SER A 101 -1.73 -2.96 -11.90
C SER A 101 -2.22 -2.71 -13.33
N GLU A 102 -2.88 -1.58 -13.53
CA GLU A 102 -3.40 -1.21 -14.85
C GLU A 102 -2.32 -0.50 -15.67
N HIS A 103 -1.27 -0.06 -15.01
CA HIS A 103 -0.17 0.64 -15.67
C HIS A 103 0.79 -0.35 -16.32
N ILE A 104 0.59 -1.64 -16.03
CA ILE A 104 1.43 -2.69 -16.58
C ILE A 104 0.65 -3.60 -17.51
N LYS A 105 -0.49 -3.11 -17.99
CA LYS A 105 -1.33 -3.88 -18.90
C LYS A 105 -0.59 -4.24 -20.17
N ASP A 106 -0.48 -5.52 -20.46
CA ASP A 106 0.20 -5.99 -21.66
C ASP A 106 -0.09 -7.47 -21.91
N GLU A 107 -0.20 -7.84 -23.19
CA GLU A 107 -0.47 -9.23 -23.55
C GLU A 107 0.60 -10.16 -22.99
N LYS A 108 0.38 -10.65 -21.78
CA LYS A 108 1.33 -11.55 -21.13
C LYS A 108 0.66 -12.29 -19.97
N ASN A 109 0.39 -13.58 -20.17
CA ASN A 109 -0.23 -14.40 -19.13
C ASN A 109 0.78 -14.82 -18.08
N THR A 110 0.45 -14.58 -16.82
CA THR A 110 1.33 -14.94 -15.71
C THR A 110 0.57 -15.00 -14.39
N GLU A 111 1.14 -15.70 -13.42
CA GLU A 111 0.51 -15.84 -12.11
C GLU A 111 1.44 -16.53 -11.13
N PHE A 112 1.19 -16.32 -9.84
CA PHE A 112 2.02 -16.93 -8.79
C PHE A 112 1.37 -16.75 -7.42
N GLN A 113 1.99 -17.33 -6.40
CA GLN A 113 1.48 -17.24 -5.04
C GLN A 113 2.51 -17.73 -4.03
N GLN A 114 2.77 -16.93 -3.01
CA GLN A 114 3.74 -17.28 -1.98
C GLN A 114 3.42 -16.57 -0.67
N ARG A 115 3.51 -17.32 0.43
CA ARG A 115 3.23 -16.76 1.75
C ARG A 115 3.53 -17.79 2.84
N PHE A 116 4.03 -17.31 3.98
CA PHE A 116 4.37 -18.17 5.10
C PHE A 116 4.75 -17.36 6.33
N ILE A 117 4.15 -17.69 7.47
CA ILE A 117 4.43 -16.99 8.71
C ILE A 117 3.90 -17.77 9.91
N LEU A 118 4.55 -17.59 11.05
CA LEU A 118 4.15 -18.27 12.28
C LEU A 118 4.80 -17.64 13.50
N SER A 119 4.02 -17.47 14.56
CA SER A 119 4.53 -16.88 15.79
C SER A 119 3.50 -16.97 16.92
N GLY A 120 3.96 -16.83 18.15
CA GLY A 120 3.05 -16.90 19.29
C GLY A 120 2.01 -15.80 19.27
N PRO A 121 0.81 -16.11 19.80
CA PRO A 121 -0.29 -15.14 19.86
C PRO A 121 -0.03 -14.03 20.86
N SER A 122 0.65 -14.36 21.95
CA SER A 122 0.97 -13.38 22.99
C SER A 122 2.29 -13.71 23.67
N SER A 123 2.89 -12.71 24.29
CA SER A 123 4.16 -12.89 24.98
C SER A 123 3.95 -13.10 26.48
N GLY A 124 3.29 -12.14 27.12
CA GLY A 124 3.04 -12.23 28.54
C GLY A 124 2.81 -10.88 29.18
N GLY A 1 -26.24 13.98 17.24
CA GLY A 1 -25.27 14.59 16.36
C GLY A 1 -24.88 16.00 16.78
N SER A 2 -23.82 16.10 17.57
CA SER A 2 -23.36 17.40 18.05
C SER A 2 -21.95 17.69 17.55
N SER A 3 -21.78 18.87 16.95
CA SER A 3 -20.49 19.27 16.41
C SER A 3 -20.22 20.75 16.70
N GLY A 4 -19.03 21.21 16.33
CA GLY A 4 -18.67 22.59 16.55
C GLY A 4 -17.20 22.87 16.27
N SER A 5 -16.73 22.43 15.11
CA SER A 5 -15.34 22.62 14.73
C SER A 5 -15.16 22.44 13.23
N SER A 6 -14.05 22.98 12.71
CA SER A 6 -13.76 22.88 11.28
C SER A 6 -12.27 22.70 11.04
N GLY A 7 -11.88 22.53 9.78
CA GLY A 7 -10.49 22.35 9.45
C GLY A 7 -10.29 21.73 8.08
N THR A 8 -10.06 20.42 8.06
CA THR A 8 -9.86 19.70 6.81
C THR A 8 -9.06 20.54 5.80
N ASP A 9 -8.05 21.24 6.31
CA ASP A 9 -7.22 22.09 5.47
C ASP A 9 -6.68 21.30 4.28
N SER A 10 -6.77 21.88 3.10
CA SER A 10 -6.29 21.24 1.88
C SER A 10 -5.06 21.95 1.33
N THR A 11 -3.88 21.50 1.77
CA THR A 11 -2.62 22.09 1.32
C THR A 11 -2.46 21.97 -0.20
N GLY A 12 -2.47 20.73 -0.68
CA GLY A 12 -2.32 20.51 -2.11
C GLY A 12 -1.21 19.53 -2.43
N ILE A 13 -1.17 18.42 -1.70
CA ILE A 13 -0.14 17.41 -1.90
C ILE A 13 -0.59 16.39 -2.94
N ASP A 14 -0.11 16.54 -4.17
CA ASP A 14 -0.46 15.63 -5.26
C ASP A 14 0.21 14.27 -5.06
N LEU A 15 -0.44 13.40 -4.31
CA LEU A 15 0.09 12.07 -4.04
C LEU A 15 0.33 11.31 -5.35
N HIS A 16 -0.74 10.96 -6.03
CA HIS A 16 -0.65 10.23 -7.29
C HIS A 16 0.56 10.70 -8.10
N GLU A 17 0.62 12.00 -8.36
CA GLU A 17 1.72 12.57 -9.12
C GLU A 17 3.05 11.94 -8.72
N PHE A 18 3.41 12.12 -7.45
CA PHE A 18 4.66 11.57 -6.93
C PHE A 18 4.79 10.09 -7.28
N LEU A 19 3.80 9.30 -6.86
CA LEU A 19 3.79 7.87 -7.13
C LEU A 19 4.23 7.57 -8.56
N VAL A 20 3.44 8.05 -9.52
CA VAL A 20 3.75 7.84 -10.93
C VAL A 20 5.20 8.21 -11.24
N ASN A 21 5.58 9.43 -10.89
CA ASN A 21 6.94 9.91 -11.13
C ASN A 21 7.96 8.83 -10.79
N THR A 22 7.74 8.16 -9.67
CA THR A 22 8.64 7.10 -9.22
C THR A 22 8.57 5.88 -10.14
N LEU A 23 7.34 5.46 -10.46
CA LEU A 23 7.13 4.32 -11.33
C LEU A 23 7.94 4.45 -12.61
N LYS A 24 8.04 5.68 -13.12
CA LYS A 24 8.79 5.95 -14.34
C LYS A 24 10.26 6.20 -14.03
N LYS A 25 10.55 7.34 -13.40
CA LYS A 25 11.91 7.70 -13.05
C LYS A 25 12.63 6.52 -12.42
N ASN A 26 12.02 5.93 -11.40
CA ASN A 26 12.61 4.78 -10.71
C ASN A 26 11.88 3.50 -11.06
N PRO A 27 12.24 2.89 -12.20
CA PRO A 27 11.62 1.65 -12.68
C PRO A 27 12.00 0.45 -11.82
N ARG A 28 13.24 0.46 -11.31
CA ARG A 28 13.72 -0.62 -10.48
C ARG A 28 12.85 -0.78 -9.23
N ASP A 29 12.63 0.31 -8.52
CA ASP A 29 11.82 0.30 -7.31
C ASP A 29 10.38 -0.07 -7.63
N ARG A 30 9.98 0.16 -8.89
CA ARG A 30 8.62 -0.14 -9.32
C ARG A 30 8.16 -1.47 -8.75
N MET A 31 8.91 -2.54 -9.04
CA MET A 31 8.56 -3.87 -8.55
C MET A 31 8.11 -3.82 -7.10
N MET A 32 8.93 -3.21 -6.24
CA MET A 32 8.61 -3.11 -4.83
C MET A 32 7.28 -2.37 -4.63
N LEU A 33 7.20 -1.15 -5.15
CA LEU A 33 5.99 -0.35 -5.03
C LEU A 33 4.76 -1.15 -5.43
N LEU A 34 4.75 -1.62 -6.68
CA LEU A 34 3.64 -2.41 -7.19
C LEU A 34 3.29 -3.54 -6.24
N LYS A 35 4.30 -4.25 -5.76
CA LYS A 35 4.11 -5.36 -4.83
C LYS A 35 3.26 -4.92 -3.64
N LEU A 36 3.79 -3.98 -2.85
CA LEU A 36 3.09 -3.48 -1.68
C LEU A 36 1.62 -3.22 -2.00
N GLU A 37 1.37 -2.51 -3.09
CA GLU A 37 0.01 -2.18 -3.52
C GLU A 37 -0.84 -3.45 -3.63
N GLN A 38 -0.25 -4.50 -4.18
CA GLN A 38 -0.95 -5.76 -4.35
C GLN A 38 -1.25 -6.41 -3.00
N GLU A 39 -0.23 -6.50 -2.16
CA GLU A 39 -0.39 -7.09 -0.83
C GLU A 39 -1.49 -6.39 -0.05
N ILE A 40 -1.50 -5.06 -0.12
CA ILE A 40 -2.50 -4.26 0.58
C ILE A 40 -3.92 -4.64 0.14
N LEU A 41 -4.13 -4.61 -1.18
CA LEU A 41 -5.44 -4.94 -1.74
C LEU A 41 -5.96 -6.26 -1.17
N GLU A 42 -5.11 -7.29 -1.20
CA GLU A 42 -5.48 -8.59 -0.69
C GLU A 42 -5.86 -8.51 0.79
N PHE A 43 -5.08 -7.75 1.55
CA PHE A 43 -5.32 -7.59 2.98
C PHE A 43 -6.70 -6.96 3.23
N ILE A 44 -7.00 -5.91 2.48
CA ILE A 44 -8.28 -5.22 2.62
C ILE A 44 -9.45 -6.19 2.43
N ASN A 45 -9.40 -6.98 1.36
CA ASN A 45 -10.44 -7.95 1.08
C ASN A 45 -10.57 -8.97 2.21
N ASP A 46 -9.43 -9.42 2.72
CA ASP A 46 -9.41 -10.40 3.81
C ASP A 46 -10.12 -9.84 5.04
N ASN A 47 -11.06 -10.62 5.57
CA ASN A 47 -11.81 -10.21 6.75
C ASN A 47 -11.12 -10.66 8.02
N ASN A 48 -10.73 -11.93 8.06
CA ASN A 48 -10.05 -12.49 9.22
C ASN A 48 -9.01 -11.51 9.77
N ASN A 49 -8.23 -10.93 8.87
CA ASN A 49 -7.19 -9.99 9.26
C ASN A 49 -7.73 -8.55 9.22
N GLN A 50 -7.65 -7.86 10.37
CA GLN A 50 -8.12 -6.49 10.46
C GLN A 50 -6.96 -5.51 10.54
N PHE A 51 -5.85 -5.96 11.13
CA PHE A 51 -4.67 -5.13 11.26
C PHE A 51 -3.48 -5.74 10.51
N LYS A 52 -2.48 -4.92 10.25
CA LYS A 52 -1.28 -5.37 9.54
C LYS A 52 -0.03 -4.74 10.13
N LYS A 53 1.02 -5.54 10.27
CA LYS A 53 2.28 -5.06 10.83
C LYS A 53 3.44 -5.37 9.88
N PHE A 54 3.91 -4.35 9.18
CA PHE A 54 5.01 -4.50 8.23
C PHE A 54 6.35 -4.59 8.97
N PRO A 55 7.27 -5.40 8.44
CA PRO A 55 8.59 -5.60 9.02
C PRO A 55 9.47 -4.36 8.90
N GLN A 56 10.42 -4.20 9.81
CA GLN A 56 11.33 -3.06 9.80
C GLN A 56 11.75 -2.72 8.37
N MET A 57 11.99 -1.43 8.13
CA MET A 57 12.40 -0.98 6.80
C MET A 57 13.32 0.23 6.91
N THR A 58 13.95 0.59 5.79
CA THR A 58 14.86 1.73 5.77
C THR A 58 14.09 3.04 5.63
N SER A 59 14.80 4.15 5.79
CA SER A 59 14.18 5.47 5.69
C SER A 59 13.33 5.58 4.42
N TYR A 60 13.99 5.56 3.27
CA TYR A 60 13.30 5.66 1.98
C TYR A 60 11.98 4.89 2.03
N HIS A 61 12.05 3.62 2.42
CA HIS A 61 10.88 2.77 2.50
C HIS A 61 9.78 3.45 3.31
N ARG A 62 10.08 3.76 4.57
CA ARG A 62 9.12 4.41 5.45
C ARG A 62 8.28 5.42 4.69
N MET A 63 8.93 6.25 3.89
CA MET A 63 8.24 7.27 3.10
C MET A 63 7.36 6.62 2.04
N LEU A 64 7.98 5.84 1.16
CA LEU A 64 7.25 5.17 0.09
C LEU A 64 5.93 4.60 0.60
N LEU A 65 6.01 3.71 1.59
CA LEU A 65 4.82 3.09 2.17
C LEU A 65 3.82 4.16 2.61
N HIS A 66 4.28 5.07 3.47
CA HIS A 66 3.42 6.14 3.96
C HIS A 66 2.60 6.75 2.83
N ARG A 67 3.22 6.86 1.66
CA ARG A 67 2.55 7.43 0.49
C ARG A 67 1.41 6.52 0.02
N VAL A 68 1.74 5.26 -0.24
CA VAL A 68 0.74 4.30 -0.70
C VAL A 68 -0.47 4.27 0.23
N ALA A 69 -0.23 3.90 1.49
CA ALA A 69 -1.30 3.84 2.47
C ALA A 69 -2.14 5.11 2.45
N ALA A 70 -1.48 6.24 2.62
CA ALA A 70 -2.16 7.54 2.63
C ALA A 70 -2.95 7.75 1.33
N TYR A 71 -2.45 7.16 0.25
CA TYR A 71 -3.11 7.28 -1.05
C TYR A 71 -4.35 6.41 -1.12
N PHE A 72 -4.36 5.33 -0.34
CA PHE A 72 -5.49 4.41 -0.31
C PHE A 72 -6.46 4.76 0.81
N GLY A 73 -6.40 6.02 1.26
CA GLY A 73 -7.27 6.47 2.33
C GLY A 73 -7.19 5.59 3.56
N MET A 74 -5.99 5.10 3.85
CA MET A 74 -5.78 4.24 5.01
C MET A 74 -5.20 5.02 6.19
N ASP A 75 -5.38 4.49 7.39
CA ASP A 75 -4.88 5.15 8.59
C ASP A 75 -3.85 4.28 9.30
N HIS A 76 -2.57 4.64 9.17
CA HIS A 76 -1.49 3.90 9.80
C HIS A 76 -1.15 4.49 11.16
N ASN A 77 -0.36 3.74 11.93
CA ASN A 77 0.05 4.20 13.26
C ASN A 77 1.33 3.50 13.70
N VAL A 78 2.08 4.14 14.59
CA VAL A 78 3.32 3.59 15.10
C VAL A 78 3.08 2.70 16.31
N ASP A 79 4.01 1.79 16.57
CA ASP A 79 3.90 0.88 17.71
C ASP A 79 4.42 1.53 18.98
N GLN A 80 4.14 0.91 20.12
CA GLN A 80 4.58 1.43 21.40
C GLN A 80 6.00 1.98 21.31
N THR A 81 6.85 1.29 20.56
CA THR A 81 8.24 1.70 20.39
C THR A 81 8.46 2.35 19.04
N GLY A 82 7.48 2.19 18.14
CA GLY A 82 7.59 2.76 16.82
C GLY A 82 8.66 2.11 15.98
N LYS A 83 8.91 0.83 16.24
CA LYS A 83 9.92 0.08 15.50
C LYS A 83 9.39 -0.37 14.14
N ALA A 84 8.09 -0.17 13.93
CA ALA A 84 7.47 -0.55 12.67
C ALA A 84 6.16 0.21 12.45
N VAL A 85 5.57 0.04 11.28
CA VAL A 85 4.32 0.71 10.94
C VAL A 85 3.17 -0.28 10.88
N ILE A 86 2.10 0.01 11.63
CA ILE A 86 0.93 -0.86 11.65
C ILE A 86 -0.28 -0.18 11.01
N ILE A 87 -0.80 -0.79 9.96
CA ILE A 87 -1.96 -0.24 9.26
C ILE A 87 -3.20 -1.09 9.51
N ASN A 88 -4.36 -0.46 9.35
CA ASN A 88 -5.64 -1.15 9.56
C ASN A 88 -6.57 -0.95 8.38
N LYS A 89 -7.76 -1.54 8.45
CA LYS A 89 -8.75 -1.43 7.39
C LYS A 89 -10.05 -0.84 7.91
N THR A 90 -10.65 0.05 7.13
CA THR A 90 -11.91 0.68 7.52
C THR A 90 -12.86 0.78 6.34
N SER A 91 -14.11 1.15 6.61
CA SER A 91 -15.11 1.28 5.56
C SER A 91 -14.72 2.36 4.56
N ASN A 92 -13.99 3.36 5.03
CA ASN A 92 -13.54 4.45 4.17
C ASN A 92 -12.56 3.95 3.12
N THR A 93 -12.01 2.76 3.35
CA THR A 93 -11.06 2.17 2.42
C THR A 93 -11.73 1.79 1.10
N ARG A 94 -11.41 2.53 0.04
CA ARG A 94 -11.99 2.27 -1.26
C ARG A 94 -10.91 2.27 -2.35
N ILE A 95 -11.17 1.55 -3.43
CA ILE A 95 -10.22 1.46 -4.54
C ILE A 95 -10.19 2.77 -5.33
N PRO A 96 -8.97 3.20 -5.69
CA PRO A 96 -8.77 4.44 -6.45
C PRO A 96 -9.25 4.32 -7.89
N GLU A 97 -9.45 5.45 -8.55
CA GLU A 97 -9.91 5.47 -9.93
C GLU A 97 -8.86 4.85 -10.86
N GLN A 98 -7.59 5.05 -10.53
CA GLN A 98 -6.50 4.52 -11.34
C GLN A 98 -5.40 3.94 -10.45
N ARG A 99 -4.98 2.72 -10.77
CA ARG A 99 -3.94 2.06 -9.99
C ARG A 99 -2.70 1.80 -10.86
N PHE A 100 -1.57 1.56 -10.20
CA PHE A 100 -0.32 1.30 -10.91
C PHE A 100 -0.53 0.31 -12.05
N SER A 101 -1.30 -0.75 -11.78
CA SER A 101 -1.58 -1.77 -12.77
C SER A 101 -1.73 -1.15 -14.16
N GLU A 102 -2.33 0.04 -14.20
CA GLU A 102 -2.55 0.74 -15.47
C GLU A 102 -1.25 0.80 -16.27
N HIS A 103 -0.18 1.26 -15.63
CA HIS A 103 1.12 1.37 -16.28
C HIS A 103 1.71 0.00 -16.56
N ILE A 104 1.11 -1.03 -15.97
CA ILE A 104 1.58 -2.40 -16.14
C ILE A 104 0.75 -3.13 -17.19
N LYS A 105 0.12 -2.36 -18.08
CA LYS A 105 -0.71 -2.94 -19.14
C LYS A 105 0.12 -3.19 -20.39
N ASP A 106 -0.08 -4.35 -21.00
CA ASP A 106 0.64 -4.72 -22.22
C ASP A 106 2.13 -4.79 -21.95
N GLU A 107 2.50 -5.42 -20.84
CA GLU A 107 3.92 -5.55 -20.47
C GLU A 107 4.66 -6.42 -21.48
N LYS A 108 5.97 -6.21 -21.57
CA LYS A 108 6.80 -6.97 -22.50
C LYS A 108 7.57 -8.06 -21.76
N ASN A 109 7.05 -9.28 -21.81
CA ASN A 109 7.68 -10.42 -21.15
C ASN A 109 8.24 -10.00 -19.79
N THR A 110 7.46 -9.25 -19.03
CA THR A 110 7.86 -8.79 -17.71
C THR A 110 7.02 -9.43 -16.62
N GLU A 111 7.61 -10.39 -15.90
CA GLU A 111 6.90 -11.07 -14.82
C GLU A 111 7.89 -11.62 -13.80
N PHE A 112 7.36 -12.11 -12.68
CA PHE A 112 8.19 -12.67 -11.62
C PHE A 112 7.71 -14.06 -11.22
N GLN A 113 8.65 -14.91 -10.83
CA GLN A 113 8.32 -16.27 -10.43
C GLN A 113 9.12 -16.69 -9.20
N GLN A 114 8.41 -16.90 -8.09
CA GLN A 114 9.06 -17.30 -6.84
C GLN A 114 8.03 -17.82 -5.84
N ARG A 115 8.21 -19.06 -5.39
CA ARG A 115 7.30 -19.67 -4.44
C ARG A 115 7.30 -18.89 -3.12
N PHE A 116 6.14 -18.84 -2.48
CA PHE A 116 6.01 -18.13 -1.21
C PHE A 116 5.41 -19.03 -0.14
N ILE A 117 5.95 -20.24 -0.03
CA ILE A 117 5.48 -21.21 0.96
C ILE A 117 6.60 -22.10 1.44
N LEU A 118 6.52 -22.51 2.71
CA LEU A 118 7.54 -23.37 3.30
C LEU A 118 6.99 -24.77 3.55
N SER A 119 5.80 -24.84 4.14
CA SER A 119 5.16 -26.11 4.44
C SER A 119 3.97 -26.36 3.53
N GLY A 120 3.71 -27.62 3.22
CA GLY A 120 2.59 -27.96 2.35
C GLY A 120 1.48 -28.67 3.09
N PRO A 121 0.35 -28.90 2.40
CA PRO A 121 -0.80 -29.58 2.98
C PRO A 121 -0.54 -31.06 3.26
N SER A 122 0.01 -31.35 4.43
CA SER A 122 0.31 -32.71 4.82
C SER A 122 -0.10 -32.98 6.26
N SER A 123 -1.19 -33.71 6.43
CA SER A 123 -1.70 -34.03 7.76
C SER A 123 -2.01 -35.52 7.89
N GLY A 124 -2.07 -36.00 9.12
CA GLY A 124 -2.36 -37.41 9.35
C GLY A 124 -1.50 -38.00 10.44
N GLY A 1 5.86 7.29 34.34
CA GLY A 1 5.02 6.41 33.54
C GLY A 1 4.31 7.14 32.43
N SER A 2 4.98 7.28 31.29
CA SER A 2 4.41 7.97 30.14
C SER A 2 4.45 7.08 28.90
N SER A 3 3.38 7.12 28.11
CA SER A 3 3.30 6.32 26.89
C SER A 3 2.57 7.08 25.79
N GLY A 4 2.54 6.50 24.59
CA GLY A 4 1.87 7.15 23.48
C GLY A 4 2.75 8.17 22.79
N SER A 5 3.85 7.71 22.19
CA SER A 5 4.77 8.60 21.50
C SER A 5 4.10 9.24 20.29
N SER A 6 3.88 10.55 20.37
CA SER A 6 3.24 11.29 19.29
C SER A 6 3.83 12.69 19.17
N GLY A 7 4.11 13.11 17.93
CA GLY A 7 4.66 14.43 17.71
C GLY A 7 4.54 14.87 16.27
N THR A 8 5.50 14.49 15.44
CA THR A 8 5.50 14.85 14.03
C THR A 8 4.12 14.63 13.41
N ASP A 9 3.75 15.50 12.48
CA ASP A 9 2.46 15.39 11.80
C ASP A 9 2.64 15.16 10.30
N SER A 10 2.55 13.90 9.89
CA SER A 10 2.71 13.55 8.48
C SER A 10 1.62 14.20 7.64
N THR A 11 1.79 14.14 6.32
CA THR A 11 0.82 14.72 5.40
C THR A 11 0.86 14.02 4.04
N GLY A 12 -0.31 13.80 3.46
CA GLY A 12 -0.39 13.13 2.17
C GLY A 12 -0.92 14.05 1.08
N ILE A 13 -0.15 15.07 0.75
CA ILE A 13 -0.55 16.02 -0.29
C ILE A 13 0.09 15.68 -1.62
N ASP A 14 -0.58 16.05 -2.71
CA ASP A 14 -0.07 15.79 -4.05
C ASP A 14 0.57 14.41 -4.13
N LEU A 15 0.05 13.47 -3.35
CA LEU A 15 0.57 12.11 -3.32
C LEU A 15 0.78 11.58 -4.75
N HIS A 16 -0.28 11.60 -5.54
CA HIS A 16 -0.22 11.15 -6.92
C HIS A 16 1.00 11.73 -7.64
N GLU A 17 1.09 13.06 -7.62
CA GLU A 17 2.19 13.75 -8.28
C GLU A 17 3.53 13.10 -7.93
N PHE A 18 3.80 12.97 -6.63
CA PHE A 18 5.04 12.36 -6.17
C PHE A 18 5.17 10.93 -6.69
N LEU A 19 4.16 10.12 -6.43
CA LEU A 19 4.16 8.72 -6.86
C LEU A 19 4.55 8.62 -8.33
N VAL A 20 3.70 9.15 -9.20
CA VAL A 20 3.96 9.12 -10.64
C VAL A 20 5.42 9.45 -10.94
N ASN A 21 5.85 10.63 -10.50
CA ASN A 21 7.22 11.07 -10.73
C ASN A 21 8.22 9.94 -10.43
N THR A 22 8.07 9.33 -9.26
CA THR A 22 8.95 8.24 -8.86
C THR A 22 8.94 7.11 -9.89
N LEU A 23 7.75 6.64 -10.23
CA LEU A 23 7.61 5.57 -11.21
C LEU A 23 8.09 6.02 -12.59
N LYS A 24 8.10 7.33 -12.80
CA LYS A 24 8.54 7.89 -14.07
C LYS A 24 10.07 7.85 -14.19
N LYS A 25 10.74 8.58 -13.32
CA LYS A 25 12.19 8.63 -13.31
C LYS A 25 12.79 7.30 -12.82
N ASN A 26 12.02 6.58 -12.01
CA ASN A 26 12.45 5.30 -11.47
C ASN A 26 11.52 4.18 -11.92
N PRO A 27 11.73 3.68 -13.15
CA PRO A 27 10.91 2.60 -13.71
C PRO A 27 11.17 1.27 -13.01
N ARG A 28 12.32 1.14 -12.37
CA ARG A 28 12.67 -0.08 -11.66
C ARG A 28 11.92 -0.19 -10.34
N ASP A 29 11.80 0.93 -9.64
CA ASP A 29 11.09 0.96 -8.36
C ASP A 29 9.73 0.28 -8.48
N ARG A 30 9.15 0.31 -9.68
CA ARG A 30 7.85 -0.30 -9.92
C ARG A 30 7.69 -1.57 -9.10
N MET A 31 8.51 -2.57 -9.40
CA MET A 31 8.46 -3.84 -8.69
C MET A 31 8.14 -3.62 -7.20
N MET A 32 8.99 -2.85 -6.53
CA MET A 32 8.80 -2.58 -5.11
C MET A 32 7.36 -2.16 -4.83
N LEU A 33 7.01 -0.93 -5.23
CA LEU A 33 5.66 -0.42 -5.03
C LEU A 33 4.61 -1.47 -5.38
N LEU A 34 4.59 -1.88 -6.64
CA LEU A 34 3.65 -2.89 -7.11
C LEU A 34 3.41 -3.96 -6.05
N LYS A 35 4.51 -4.50 -5.51
CA LYS A 35 4.43 -5.53 -4.48
C LYS A 35 3.61 -5.04 -3.30
N LEU A 36 3.98 -3.89 -2.76
CA LEU A 36 3.28 -3.31 -1.61
C LEU A 36 1.80 -3.11 -1.93
N GLU A 37 1.52 -2.44 -3.03
CA GLU A 37 0.14 -2.19 -3.44
C GLU A 37 -0.66 -3.48 -3.48
N GLN A 38 -0.14 -4.47 -4.20
CA GLN A 38 -0.81 -5.76 -4.32
C GLN A 38 -1.09 -6.36 -2.95
N GLU A 39 -0.04 -6.55 -2.16
CA GLU A 39 -0.18 -7.12 -0.82
C GLU A 39 -1.29 -6.42 -0.05
N ILE A 40 -1.30 -5.10 -0.11
CA ILE A 40 -2.31 -4.30 0.59
C ILE A 40 -3.71 -4.65 0.09
N LEU A 41 -3.90 -4.59 -1.23
CA LEU A 41 -5.19 -4.89 -1.82
C LEU A 41 -5.78 -6.16 -1.23
N GLU A 42 -5.03 -7.26 -1.30
CA GLU A 42 -5.48 -8.53 -0.77
C GLU A 42 -5.84 -8.40 0.71
N PHE A 43 -5.01 -7.67 1.45
CA PHE A 43 -5.24 -7.46 2.88
C PHE A 43 -6.58 -6.79 3.13
N ILE A 44 -6.95 -5.87 2.24
CA ILE A 44 -8.21 -5.15 2.37
C ILE A 44 -9.40 -6.08 2.12
N ASN A 45 -9.35 -6.81 1.01
CA ASN A 45 -10.42 -7.74 0.66
C ASN A 45 -10.59 -8.80 1.73
N ASP A 46 -9.49 -9.26 2.29
CA ASP A 46 -9.52 -10.28 3.34
C ASP A 46 -10.19 -9.74 4.60
N ASN A 47 -11.07 -10.54 5.18
CA ASN A 47 -11.79 -10.15 6.39
C ASN A 47 -11.09 -10.68 7.63
N ASN A 48 -10.66 -11.94 7.58
CA ASN A 48 -9.97 -12.56 8.70
C ASN A 48 -8.96 -11.61 9.31
N ASN A 49 -8.15 -10.97 8.47
CA ASN A 49 -7.15 -10.02 8.93
C ASN A 49 -7.70 -8.61 8.98
N GLN A 50 -7.65 -8.00 10.17
CA GLN A 50 -8.15 -6.64 10.35
C GLN A 50 -7.01 -5.63 10.33
N PHE A 51 -5.90 -6.00 10.97
CA PHE A 51 -4.74 -5.11 11.02
C PHE A 51 -3.55 -5.73 10.29
N LYS A 52 -2.57 -4.90 9.94
CA LYS A 52 -1.39 -5.37 9.23
C LYS A 52 -0.15 -4.63 9.72
N LYS A 53 0.87 -5.40 10.09
CA LYS A 53 2.12 -4.82 10.58
C LYS A 53 3.27 -5.16 9.64
N PHE A 54 3.88 -4.12 9.06
CA PHE A 54 4.99 -4.31 8.15
C PHE A 54 6.31 -4.48 8.90
N PRO A 55 7.23 -5.26 8.32
CA PRO A 55 8.54 -5.53 8.93
C PRO A 55 9.43 -4.29 8.93
N GLN A 56 10.42 -4.29 9.82
CA GLN A 56 11.35 -3.16 9.93
C GLN A 56 11.72 -2.64 8.54
N MET A 57 11.58 -1.34 8.36
CA MET A 57 11.90 -0.70 7.08
C MET A 57 12.79 0.52 7.28
N THR A 58 13.60 0.83 6.28
CA THR A 58 14.50 1.97 6.35
C THR A 58 13.77 3.28 6.08
N SER A 59 14.47 4.39 6.25
CA SER A 59 13.88 5.71 6.03
C SER A 59 13.10 5.74 4.72
N TYR A 60 13.81 5.63 3.60
CA TYR A 60 13.18 5.65 2.28
C TYR A 60 11.97 4.73 2.25
N HIS A 61 12.21 3.43 2.51
CA HIS A 61 11.14 2.45 2.51
C HIS A 61 9.92 2.97 3.26
N ARG A 62 10.07 3.17 4.57
CA ARG A 62 8.99 3.66 5.40
C ARG A 62 8.19 4.74 4.68
N MET A 63 8.89 5.69 4.09
CA MET A 63 8.24 6.78 3.37
C MET A 63 7.32 6.24 2.28
N LEU A 64 7.91 5.60 1.28
CA LEU A 64 7.14 5.03 0.18
C LEU A 64 5.83 4.44 0.68
N LEU A 65 5.91 3.60 1.70
CA LEU A 65 4.71 2.98 2.27
C LEU A 65 3.72 4.04 2.73
N HIS A 66 4.15 4.89 3.66
CA HIS A 66 3.29 5.94 4.17
C HIS A 66 2.49 6.60 3.05
N ARG A 67 3.12 6.74 1.89
CA ARG A 67 2.48 7.37 0.74
C ARG A 67 1.35 6.48 0.23
N VAL A 68 1.66 5.24 -0.08
CA VAL A 68 0.67 4.29 -0.59
C VAL A 68 -0.53 4.20 0.34
N ALA A 69 -0.27 3.87 1.61
CA ALA A 69 -1.33 3.76 2.60
C ALA A 69 -2.24 4.99 2.59
N ALA A 70 -1.63 6.16 2.80
CA ALA A 70 -2.38 7.40 2.81
C ALA A 70 -3.14 7.61 1.51
N TYR A 71 -2.64 6.99 0.44
CA TYR A 71 -3.26 7.10 -0.87
C TYR A 71 -4.52 6.23 -0.95
N PHE A 72 -4.49 5.08 -0.29
CA PHE A 72 -5.62 4.17 -0.28
C PHE A 72 -6.57 4.48 0.88
N GLY A 73 -6.48 5.70 1.41
CA GLY A 73 -7.32 6.10 2.51
C GLY A 73 -7.15 5.21 3.72
N MET A 74 -5.90 4.92 4.08
CA MET A 74 -5.61 4.07 5.23
C MET A 74 -5.05 4.89 6.38
N ASP A 75 -5.47 4.55 7.60
CA ASP A 75 -5.01 5.26 8.78
C ASP A 75 -3.94 4.45 9.52
N HIS A 76 -2.68 4.71 9.20
CA HIS A 76 -1.57 4.00 9.83
C HIS A 76 -1.06 4.78 11.05
N ASN A 77 -0.23 4.12 11.85
CA ASN A 77 0.33 4.74 13.04
C ASN A 77 1.56 3.99 13.52
N VAL A 78 2.33 4.62 14.41
CA VAL A 78 3.53 4.00 14.95
C VAL A 78 3.22 3.13 16.15
N ASP A 79 4.09 2.16 16.41
CA ASP A 79 3.90 1.25 17.54
C ASP A 79 4.15 1.95 18.86
N GLN A 80 3.80 1.30 19.96
CA GLN A 80 3.99 1.87 21.28
C GLN A 80 5.28 2.68 21.35
N THR A 81 6.40 2.04 21.00
CA THR A 81 7.69 2.70 21.02
C THR A 81 8.00 3.34 19.68
N GLY A 82 7.57 2.70 18.60
CA GLY A 82 7.80 3.22 17.27
C GLY A 82 8.79 2.39 16.48
N LYS A 83 8.85 1.10 16.79
CA LYS A 83 9.76 0.20 16.11
C LYS A 83 9.33 -0.03 14.66
N ALA A 84 8.05 -0.30 14.47
CA ALA A 84 7.51 -0.53 13.13
C ALA A 84 6.14 0.13 12.97
N VAL A 85 5.80 0.47 11.73
CA VAL A 85 4.53 1.11 11.44
C VAL A 85 3.44 0.07 11.19
N ILE A 86 2.24 0.33 11.72
CA ILE A 86 1.11 -0.57 11.56
C ILE A 86 -0.07 0.13 10.89
N ILE A 87 -0.79 -0.61 10.06
CA ILE A 87 -1.95 -0.06 9.37
C ILE A 87 -3.21 -0.84 9.71
N ASN A 88 -4.35 -0.32 9.25
CA ASN A 88 -5.64 -0.97 9.51
C ASN A 88 -6.61 -0.71 8.37
N LYS A 89 -7.51 -1.66 8.14
CA LYS A 89 -8.50 -1.54 7.08
C LYS A 89 -9.82 -0.98 7.62
N THR A 90 -10.30 0.10 7.00
CA THR A 90 -11.54 0.73 7.43
C THR A 90 -12.53 0.82 6.28
N SER A 91 -13.82 0.83 6.60
CA SER A 91 -14.86 0.90 5.59
C SER A 91 -14.60 2.06 4.63
N ASN A 92 -14.08 3.16 5.17
CA ASN A 92 -13.77 4.33 4.35
C ASN A 92 -12.78 4.00 3.24
N THR A 93 -11.89 3.04 3.53
CA THR A 93 -10.89 2.63 2.56
C THR A 93 -11.54 2.09 1.29
N ARG A 94 -11.31 2.79 0.18
CA ARG A 94 -11.88 2.39 -1.11
C ARG A 94 -10.83 2.46 -2.20
N ILE A 95 -11.11 1.80 -3.33
CA ILE A 95 -10.19 1.79 -4.45
C ILE A 95 -10.17 3.13 -5.16
N PRO A 96 -8.97 3.61 -5.52
CA PRO A 96 -8.79 4.88 -6.21
C PRO A 96 -9.30 4.85 -7.64
N GLU A 97 -8.96 5.87 -8.41
CA GLU A 97 -9.39 5.96 -9.81
C GLU A 97 -8.45 5.16 -10.71
N GLN A 98 -7.16 5.22 -10.42
CA GLN A 98 -6.17 4.49 -11.20
C GLN A 98 -5.07 3.93 -10.31
N ARG A 99 -4.60 2.73 -10.64
CA ARG A 99 -3.56 2.07 -9.87
C ARG A 99 -2.26 1.98 -10.68
N PHE A 100 -1.14 1.77 -9.98
CA PHE A 100 0.15 1.67 -10.63
C PHE A 100 0.12 0.59 -11.72
N SER A 101 -0.73 -0.40 -11.54
CA SER A 101 -0.86 -1.48 -12.51
C SER A 101 -1.19 -0.94 -13.90
N GLU A 102 -1.59 0.32 -13.95
CA GLU A 102 -1.95 0.95 -15.21
C GLU A 102 -0.70 1.29 -16.02
N HIS A 103 0.40 1.57 -15.31
CA HIS A 103 1.66 1.90 -15.96
C HIS A 103 2.29 0.66 -16.58
N ILE A 104 1.79 -0.51 -16.21
CA ILE A 104 2.31 -1.77 -16.73
C ILE A 104 1.21 -2.56 -17.43
N LYS A 105 0.16 -1.86 -17.85
CA LYS A 105 -0.96 -2.51 -18.53
C LYS A 105 -0.69 -2.61 -20.03
N ASP A 106 -0.76 -3.83 -20.56
CA ASP A 106 -0.53 -4.07 -21.97
C ASP A 106 -1.25 -5.33 -22.44
N GLU A 107 -1.23 -5.57 -23.75
CA GLU A 107 -1.88 -6.74 -24.31
C GLU A 107 -0.95 -7.95 -24.27
N LYS A 108 0.30 -7.75 -24.65
CA LYS A 108 1.29 -8.82 -24.65
C LYS A 108 1.24 -9.61 -23.35
N ASN A 109 1.09 -10.93 -23.48
CA ASN A 109 1.02 -11.80 -22.31
C ASN A 109 2.20 -12.77 -22.29
N THR A 110 2.93 -12.78 -21.17
CA THR A 110 4.08 -13.65 -21.03
C THR A 110 3.77 -14.83 -20.10
N GLU A 111 4.32 -15.99 -20.42
CA GLU A 111 4.10 -17.18 -19.62
C GLU A 111 5.01 -17.19 -18.40
N PHE A 112 4.44 -16.82 -17.25
CA PHE A 112 5.21 -16.79 -16.01
C PHE A 112 5.88 -18.12 -15.74
N GLN A 113 7.08 -18.08 -15.18
CA GLN A 113 7.83 -19.29 -14.88
C GLN A 113 7.64 -19.70 -13.42
N GLN A 114 7.37 -20.98 -13.20
CA GLN A 114 7.16 -21.49 -11.85
C GLN A 114 8.43 -21.35 -11.01
N ARG A 115 8.27 -21.45 -9.70
CA ARG A 115 9.40 -21.33 -8.79
C ARG A 115 9.12 -22.03 -7.47
N PHE A 116 10.18 -22.34 -6.72
CA PHE A 116 10.04 -23.02 -5.44
C PHE A 116 10.59 -22.16 -4.31
N ILE A 117 9.76 -21.89 -3.32
CA ILE A 117 10.17 -21.08 -2.18
C ILE A 117 10.01 -21.85 -0.87
N LEU A 118 11.05 -22.57 -0.47
CA LEU A 118 11.02 -23.34 0.76
C LEU A 118 10.90 -22.43 1.98
N SER A 119 9.81 -22.59 2.73
CA SER A 119 9.57 -21.78 3.91
C SER A 119 10.25 -22.39 5.13
N GLY A 120 10.08 -23.70 5.29
CA GLY A 120 10.68 -24.39 6.42
C GLY A 120 9.72 -25.34 7.10
N PRO A 121 10.02 -25.69 8.36
CA PRO A 121 9.18 -26.60 9.15
C PRO A 121 7.85 -25.98 9.53
N SER A 122 6.79 -26.78 9.47
CA SER A 122 5.45 -26.29 9.82
C SER A 122 4.57 -27.44 10.31
N SER A 123 3.48 -27.09 10.99
CA SER A 123 2.56 -28.09 11.51
C SER A 123 1.63 -28.60 10.42
N GLY A 124 1.88 -29.83 9.98
CA GLY A 124 1.05 -30.42 8.94
C GLY A 124 0.69 -31.87 9.23
N GLY A 1 -38.04 5.48 6.33
CA GLY A 1 -36.62 5.27 6.57
C GLY A 1 -35.88 6.57 6.82
N SER A 2 -34.66 6.46 7.36
CA SER A 2 -33.86 7.63 7.65
C SER A 2 -32.44 7.22 8.07
N SER A 3 -31.47 8.04 7.69
CA SER A 3 -30.07 7.76 8.04
C SER A 3 -29.20 8.97 7.73
N GLY A 4 -28.19 9.19 8.58
CA GLY A 4 -27.29 10.31 8.38
C GLY A 4 -25.88 10.01 8.84
N SER A 5 -24.94 10.87 8.47
CA SER A 5 -23.54 10.69 8.84
C SER A 5 -22.72 11.93 8.52
N SER A 6 -21.44 11.90 8.87
CA SER A 6 -20.55 13.03 8.62
C SER A 6 -19.09 12.61 8.76
N GLY A 7 -18.20 13.33 8.07
CA GLY A 7 -16.79 13.02 8.12
C GLY A 7 -15.92 14.16 7.63
N THR A 8 -14.65 13.87 7.40
CA THR A 8 -13.71 14.88 6.91
C THR A 8 -12.38 14.25 6.52
N ASP A 9 -11.71 14.86 5.55
CA ASP A 9 -10.42 14.37 5.08
C ASP A 9 -9.49 15.52 4.72
N SER A 10 -8.19 15.24 4.72
CA SER A 10 -7.19 16.26 4.40
C SER A 10 -6.85 16.23 2.91
N THR A 11 -6.10 17.23 2.46
CA THR A 11 -5.71 17.32 1.06
C THR A 11 -4.40 18.10 0.91
N GLY A 12 -3.43 17.49 0.24
CA GLY A 12 -2.15 18.15 0.04
C GLY A 12 -1.69 18.09 -1.41
N ILE A 13 -0.47 17.63 -1.62
CA ILE A 13 0.09 17.52 -2.96
C ILE A 13 -0.60 16.43 -3.76
N ASP A 14 -0.42 16.45 -5.08
CA ASP A 14 -1.03 15.47 -5.95
C ASP A 14 -0.34 14.11 -5.80
N LEU A 15 -0.89 13.27 -4.93
CA LEU A 15 -0.33 11.94 -4.69
C LEU A 15 -0.11 11.21 -6.00
N HIS A 16 -1.21 10.88 -6.69
CA HIS A 16 -1.14 10.18 -7.96
C HIS A 16 0.04 10.67 -8.79
N GLU A 17 0.08 11.97 -9.04
CA GLU A 17 1.16 12.56 -9.83
C GLU A 17 2.51 12.01 -9.39
N PHE A 18 2.80 12.12 -8.10
CA PHE A 18 4.07 11.63 -7.55
C PHE A 18 4.27 10.15 -7.87
N LEU A 19 3.29 9.34 -7.47
CA LEU A 19 3.36 7.89 -7.71
C LEU A 19 3.75 7.61 -9.16
N VAL A 20 2.87 7.98 -10.09
CA VAL A 20 3.12 7.77 -11.51
C VAL A 20 4.50 8.27 -11.91
N ASN A 21 4.85 9.47 -11.43
CA ASN A 21 6.14 10.06 -11.74
C ASN A 21 7.28 9.12 -11.34
N THR A 22 7.08 8.38 -10.26
CA THR A 22 8.09 7.45 -9.77
C THR A 22 8.13 6.19 -10.63
N LEU A 23 6.96 5.73 -11.05
CA LEU A 23 6.86 4.53 -11.88
C LEU A 23 7.71 4.67 -13.14
N LYS A 24 7.43 5.72 -13.92
CA LYS A 24 8.16 5.96 -15.16
C LYS A 24 9.63 6.28 -14.86
N LYS A 25 9.85 7.36 -14.13
CA LYS A 25 11.21 7.78 -13.78
C LYS A 25 12.02 6.60 -13.27
N ASN A 26 11.45 5.86 -12.31
CA ASN A 26 12.12 4.70 -11.73
C ASN A 26 11.39 3.42 -12.10
N PRO A 27 11.70 2.87 -13.27
CA PRO A 27 11.08 1.63 -13.76
C PRO A 27 11.53 0.40 -12.97
N ARG A 28 12.56 0.59 -12.15
CA ARG A 28 13.09 -0.51 -11.34
C ARG A 28 12.39 -0.55 -9.99
N ASP A 29 12.36 0.58 -9.29
CA ASP A 29 11.73 0.68 -7.99
C ASP A 29 10.31 0.11 -8.04
N ARG A 30 9.75 0.04 -9.24
CA ARG A 30 8.40 -0.48 -9.41
C ARG A 30 8.16 -1.72 -8.55
N MET A 31 9.00 -2.73 -8.74
CA MET A 31 8.89 -3.97 -7.97
C MET A 31 8.47 -3.68 -6.53
N MET A 32 9.13 -2.69 -5.92
CA MET A 32 8.83 -2.32 -4.55
C MET A 32 7.39 -1.81 -4.42
N LEU A 33 7.12 -0.66 -5.05
CA LEU A 33 5.80 -0.06 -5.02
C LEU A 33 4.71 -1.11 -5.25
N LEU A 34 4.81 -1.82 -6.37
CA LEU A 34 3.84 -2.85 -6.72
C LEU A 34 3.72 -3.87 -5.60
N LYS A 35 4.85 -4.47 -5.22
CA LYS A 35 4.87 -5.45 -4.15
C LYS A 35 4.03 -5.01 -2.97
N LEU A 36 4.33 -3.84 -2.44
CA LEU A 36 3.59 -3.29 -1.30
C LEU A 36 2.12 -3.11 -1.66
N GLU A 37 1.85 -2.71 -2.90
CA GLU A 37 0.48 -2.50 -3.35
C GLU A 37 -0.30 -3.82 -3.35
N GLN A 38 0.36 -4.89 -3.79
CA GLN A 38 -0.28 -6.20 -3.84
C GLN A 38 -0.63 -6.69 -2.44
N GLU A 39 0.25 -6.45 -1.49
CA GLU A 39 0.02 -6.86 -0.11
C GLU A 39 -1.16 -6.12 0.50
N ILE A 40 -1.13 -4.79 0.43
CA ILE A 40 -2.21 -3.97 0.96
C ILE A 40 -3.54 -4.33 0.32
N LEU A 41 -3.53 -4.50 -1.00
CA LEU A 41 -4.74 -4.84 -1.73
C LEU A 41 -5.37 -6.12 -1.18
N GLU A 42 -4.53 -7.12 -0.93
CA GLU A 42 -5.02 -8.39 -0.40
C GLU A 42 -5.65 -8.21 0.97
N PHE A 43 -4.99 -7.42 1.82
CA PHE A 43 -5.50 -7.16 3.16
C PHE A 43 -6.86 -6.47 3.10
N ILE A 44 -6.93 -5.38 2.35
CA ILE A 44 -8.17 -4.62 2.21
C ILE A 44 -9.34 -5.55 1.87
N ASN A 45 -9.13 -6.41 0.88
CA ASN A 45 -10.17 -7.35 0.44
C ASN A 45 -10.39 -8.42 1.50
N ASP A 46 -9.34 -8.76 2.24
CA ASP A 46 -9.42 -9.78 3.28
C ASP A 46 -10.11 -9.23 4.51
N ASN A 47 -11.18 -9.89 4.93
CA ASN A 47 -11.95 -9.46 6.10
C ASN A 47 -11.46 -10.19 7.36
N ASN A 48 -11.05 -11.44 7.19
CA ASN A 48 -10.57 -12.24 8.30
C ASN A 48 -9.62 -11.43 9.18
N ASN A 49 -8.66 -10.77 8.56
CA ASN A 49 -7.69 -9.95 9.29
C ASN A 49 -8.20 -8.53 9.46
N GLN A 50 -7.82 -7.89 10.56
CA GLN A 50 -8.24 -6.52 10.84
C GLN A 50 -7.03 -5.59 10.90
N PHE A 51 -5.93 -6.08 11.45
CA PHE A 51 -4.71 -5.28 11.56
C PHE A 51 -3.58 -5.90 10.74
N LYS A 52 -2.65 -5.06 10.32
CA LYS A 52 -1.51 -5.52 9.53
C LYS A 52 -0.21 -4.91 10.04
N LYS A 53 0.75 -5.76 10.39
CA LYS A 53 2.04 -5.31 10.89
C LYS A 53 3.14 -5.61 9.88
N PHE A 54 3.49 -4.61 9.08
CA PHE A 54 4.54 -4.77 8.07
C PHE A 54 5.90 -4.94 8.73
N PRO A 55 6.80 -5.66 8.04
CA PRO A 55 8.15 -5.91 8.54
C PRO A 55 9.02 -4.65 8.55
N GLN A 56 9.97 -4.60 9.48
CA GLN A 56 10.86 -3.45 9.58
C GLN A 56 11.26 -2.94 8.20
N MET A 57 11.06 -1.65 7.98
CA MET A 57 11.41 -1.03 6.70
C MET A 57 12.38 0.13 6.89
N THR A 58 13.02 0.56 5.81
CA THR A 58 13.98 1.66 5.86
C THR A 58 13.30 2.98 5.55
N SER A 59 13.96 4.08 5.89
CA SER A 59 13.41 5.42 5.65
C SER A 59 12.67 5.46 4.32
N TYR A 60 13.42 5.34 3.22
CA TYR A 60 12.84 5.38 1.89
C TYR A 60 11.55 4.55 1.84
N HIS A 61 11.68 3.25 2.09
CA HIS A 61 10.54 2.35 2.08
C HIS A 61 9.36 2.96 2.81
N ARG A 62 9.48 3.10 4.13
CA ARG A 62 8.42 3.67 4.95
C ARG A 62 7.68 4.77 4.18
N MET A 63 8.42 5.81 3.80
CA MET A 63 7.84 6.93 3.07
C MET A 63 6.92 6.44 1.97
N LEU A 64 7.46 5.60 1.08
CA LEU A 64 6.68 5.04 -0.02
C LEU A 64 5.35 4.48 0.47
N LEU A 65 5.41 3.68 1.52
CA LEU A 65 4.21 3.08 2.09
C LEU A 65 3.23 4.15 2.55
N HIS A 66 3.62 4.91 3.56
CA HIS A 66 2.77 5.98 4.08
C HIS A 66 2.03 6.69 2.96
N ARG A 67 2.70 6.87 1.84
CA ARG A 67 2.11 7.54 0.68
C ARG A 67 1.00 6.68 0.08
N VAL A 68 1.31 5.42 -0.21
CA VAL A 68 0.35 4.50 -0.79
C VAL A 68 -0.93 4.45 0.03
N ALA A 69 -0.78 4.27 1.34
CA ALA A 69 -1.92 4.20 2.24
C ALA A 69 -2.76 5.47 2.15
N ALA A 70 -2.14 6.61 2.41
CA ALA A 70 -2.83 7.88 2.36
C ALA A 70 -3.66 8.01 1.08
N TYR A 71 -3.15 7.43 0.00
CA TYR A 71 -3.84 7.49 -1.28
C TYR A 71 -5.09 6.60 -1.27
N PHE A 72 -4.94 5.40 -0.72
CA PHE A 72 -6.05 4.46 -0.65
C PHE A 72 -7.04 4.87 0.44
N GLY A 73 -6.68 5.90 1.21
CA GLY A 73 -7.54 6.38 2.27
C GLY A 73 -7.38 5.57 3.55
N MET A 74 -6.16 5.10 3.79
CA MET A 74 -5.89 4.31 5.00
C MET A 74 -4.80 4.96 5.83
N ASP A 75 -4.98 4.95 7.14
CA ASP A 75 -4.01 5.54 8.07
C ASP A 75 -2.97 4.52 8.49
N HIS A 76 -2.00 4.96 9.29
CA HIS A 76 -0.94 4.09 9.76
C HIS A 76 -0.49 4.48 11.17
N ASN A 77 -0.02 3.51 11.93
CA ASN A 77 0.45 3.75 13.29
C ASN A 77 1.79 3.08 13.54
N VAL A 78 2.55 3.63 14.48
CA VAL A 78 3.86 3.08 14.83
C VAL A 78 3.78 2.21 16.08
N ASP A 79 4.68 1.24 16.18
CA ASP A 79 4.72 0.35 17.33
C ASP A 79 5.13 1.10 18.59
N GLN A 80 4.97 0.45 19.74
CA GLN A 80 5.32 1.06 21.02
C GLN A 80 6.77 1.54 21.01
N THR A 81 7.55 1.03 20.06
CA THR A 81 8.95 1.41 19.94
C THR A 81 9.17 2.33 18.74
N GLY A 82 8.40 2.13 17.69
CA GLY A 82 8.52 2.94 16.49
C GLY A 82 9.56 2.41 15.54
N LYS A 83 9.68 1.08 15.48
CA LYS A 83 10.65 0.44 14.59
C LYS A 83 9.99 0.02 13.29
N ALA A 84 8.74 -0.42 13.37
CA ALA A 84 7.99 -0.85 12.20
C ALA A 84 6.68 -0.09 12.07
N VAL A 85 5.98 -0.31 10.96
CA VAL A 85 4.71 0.35 10.72
C VAL A 85 3.55 -0.63 10.84
N ILE A 86 2.41 -0.15 11.32
CA ILE A 86 1.23 -0.98 11.49
C ILE A 86 -0.04 -0.23 11.09
N ILE A 87 -0.77 -0.78 10.13
CA ILE A 87 -2.00 -0.15 9.66
C ILE A 87 -3.21 -1.03 9.98
N ASN A 88 -4.39 -0.41 10.02
CA ASN A 88 -5.62 -1.13 10.32
C ASN A 88 -6.64 -0.94 9.20
N LYS A 89 -7.74 -1.69 9.27
CA LYS A 89 -8.79 -1.61 8.27
C LYS A 89 -9.94 -0.71 8.75
N THR A 90 -10.11 0.41 8.07
CA THR A 90 -11.17 1.35 8.42
C THR A 90 -12.18 1.50 7.29
N SER A 91 -13.40 1.91 7.64
CA SER A 91 -14.46 2.08 6.65
C SER A 91 -14.08 3.15 5.63
N ASN A 92 -13.20 4.06 6.03
CA ASN A 92 -12.74 5.13 5.14
C ASN A 92 -11.90 4.58 4.00
N THR A 93 -11.29 3.42 4.23
CA THR A 93 -10.46 2.79 3.22
C THR A 93 -11.27 2.44 1.98
N ARG A 94 -11.12 3.24 0.93
CA ARG A 94 -11.85 3.01 -0.31
C ARG A 94 -10.87 2.79 -1.47
N ILE A 95 -11.41 2.35 -2.61
CA ILE A 95 -10.60 2.10 -3.79
C ILE A 95 -10.34 3.38 -4.56
N PRO A 96 -9.10 3.56 -5.02
CA PRO A 96 -8.69 4.76 -5.78
C PRO A 96 -9.31 4.78 -7.18
N GLU A 97 -9.01 5.83 -7.93
CA GLU A 97 -9.54 5.97 -9.29
C GLU A 97 -8.90 4.96 -10.23
N GLN A 98 -7.57 4.81 -10.11
CA GLN A 98 -6.85 3.87 -10.95
C GLN A 98 -5.70 3.23 -10.18
N ARG A 99 -5.28 2.05 -10.64
CA ARG A 99 -4.19 1.34 -9.98
C ARG A 99 -2.93 1.34 -10.86
N PHE A 100 -1.87 0.71 -10.36
CA PHE A 100 -0.61 0.65 -11.09
C PHE A 100 -0.65 -0.46 -12.15
N SER A 101 -1.38 -1.53 -11.84
CA SER A 101 -1.49 -2.65 -12.76
C SER A 101 -1.93 -2.18 -14.14
N GLU A 102 -2.65 -1.07 -14.18
CA GLU A 102 -3.13 -0.51 -15.44
C GLU A 102 -1.99 -0.32 -16.42
N HIS A 103 -0.84 0.14 -15.91
CA HIS A 103 0.33 0.36 -16.74
C HIS A 103 0.90 -0.95 -17.25
N ILE A 104 0.51 -2.05 -16.61
CA ILE A 104 0.98 -3.37 -17.00
C ILE A 104 -0.03 -4.08 -17.90
N LYS A 105 -0.77 -3.29 -18.66
CA LYS A 105 -1.78 -3.83 -19.57
C LYS A 105 -1.19 -4.10 -20.94
N ASP A 106 -1.05 -5.38 -21.28
CA ASP A 106 -0.51 -5.77 -22.58
C ASP A 106 -1.08 -7.10 -23.04
N GLU A 107 -0.86 -7.43 -24.31
CA GLU A 107 -1.36 -8.68 -24.87
C GLU A 107 -0.36 -9.81 -24.68
N LYS A 108 0.15 -9.95 -23.46
CA LYS A 108 1.12 -10.99 -23.14
C LYS A 108 1.08 -11.33 -21.66
N ASN A 109 1.23 -12.62 -21.36
CA ASN A 109 1.21 -13.09 -19.97
C ASN A 109 2.45 -13.93 -19.66
N THR A 110 3.11 -13.60 -18.56
CA THR A 110 4.31 -14.32 -18.15
C THR A 110 4.23 -14.74 -16.68
N GLU A 111 4.20 -16.05 -16.46
CA GLU A 111 4.13 -16.58 -15.10
C GLU A 111 5.40 -17.32 -14.73
N PHE A 112 5.59 -17.56 -13.44
CA PHE A 112 6.78 -18.27 -12.95
C PHE A 112 6.50 -18.92 -11.60
N GLN A 113 7.28 -19.95 -11.28
CA GLN A 113 7.13 -20.66 -10.01
C GLN A 113 8.49 -20.99 -9.40
N GLN A 114 8.59 -20.81 -8.09
CA GLN A 114 9.84 -21.08 -7.38
C GLN A 114 9.91 -22.55 -6.95
N ARG A 115 11.07 -22.95 -6.45
CA ARG A 115 11.27 -24.32 -6.00
C ARG A 115 12.56 -24.45 -5.20
N PHE A 116 12.72 -25.59 -4.52
CA PHE A 116 13.91 -25.84 -3.71
C PHE A 116 14.72 -27.00 -4.28
N ILE A 117 15.54 -26.70 -5.29
CA ILE A 117 16.38 -27.72 -5.92
C ILE A 117 17.73 -27.83 -5.22
N LEU A 118 17.78 -27.40 -3.96
CA LEU A 118 19.02 -27.46 -3.19
C LEU A 118 19.27 -28.87 -2.67
N SER A 119 20.35 -29.03 -1.92
CA SER A 119 20.71 -30.34 -1.36
C SER A 119 20.50 -30.36 0.15
N GLY A 120 20.89 -29.26 0.81
CA GLY A 120 20.73 -29.18 2.24
C GLY A 120 22.03 -29.43 2.99
N PRO A 121 22.88 -28.40 3.08
CA PRO A 121 24.17 -28.49 3.76
C PRO A 121 24.02 -28.63 5.28
N SER A 122 24.64 -29.67 5.83
CA SER A 122 24.58 -29.92 7.26
C SER A 122 25.93 -30.36 7.81
N SER A 123 26.21 -29.99 9.04
CA SER A 123 27.49 -30.33 9.68
C SER A 123 27.59 -31.84 9.87
N GLY A 124 28.83 -32.33 9.99
CA GLY A 124 29.04 -33.76 10.18
C GLY A 124 28.45 -34.59 9.06
N GLY A 1 -18.30 1.86 22.58
CA GLY A 1 -18.65 2.62 21.39
C GLY A 1 -17.57 2.59 20.33
N SER A 2 -17.49 3.64 19.53
CA SER A 2 -16.50 3.72 18.46
C SER A 2 -15.12 3.30 18.98
N SER A 3 -14.44 2.47 18.21
CA SER A 3 -13.11 1.98 18.58
C SER A 3 -12.05 2.52 17.63
N GLY A 4 -11.52 3.70 17.95
CA GLY A 4 -10.49 4.31 17.11
C GLY A 4 -11.09 5.01 15.90
N SER A 5 -11.33 6.30 16.04
CA SER A 5 -11.90 7.10 14.95
C SER A 5 -10.88 8.09 14.41
N SER A 6 -10.56 7.95 13.13
CA SER A 6 -9.59 8.83 12.48
C SER A 6 -10.26 9.68 11.40
N GLY A 7 -9.49 10.60 10.83
CA GLY A 7 -10.03 11.47 9.79
C GLY A 7 -9.38 12.84 9.80
N THR A 8 -9.13 13.37 8.60
CA THR A 8 -8.51 14.69 8.48
C THR A 8 -9.16 15.49 7.35
N ASP A 9 -9.25 16.81 7.54
CA ASP A 9 -9.84 17.68 6.53
C ASP A 9 -8.80 18.12 5.51
N SER A 10 -7.67 18.61 5.99
CA SER A 10 -6.59 19.07 5.13
C SER A 10 -6.27 18.03 4.07
N THR A 11 -6.07 18.47 2.83
CA THR A 11 -5.74 17.57 1.73
C THR A 11 -4.27 17.66 1.36
N GLY A 12 -3.50 16.66 1.76
CA GLY A 12 -2.09 16.63 1.46
C GLY A 12 -1.79 17.01 0.02
N ILE A 13 -0.52 17.26 -0.28
CA ILE A 13 -0.12 17.63 -1.62
C ILE A 13 -0.53 16.55 -2.63
N ASP A 14 -0.37 16.87 -3.91
CA ASP A 14 -0.72 15.93 -4.98
C ASP A 14 -0.03 14.59 -4.77
N LEU A 15 -0.82 13.56 -4.46
CA LEU A 15 -0.28 12.22 -4.24
C LEU A 15 0.00 11.52 -5.57
N HIS A 16 -1.04 11.31 -6.35
CA HIS A 16 -0.91 10.64 -7.65
C HIS A 16 0.33 11.14 -8.38
N GLU A 17 0.34 12.43 -8.69
CA GLU A 17 1.48 13.04 -9.39
C GLU A 17 2.79 12.44 -8.92
N PHE A 18 3.00 12.45 -7.60
CA PHE A 18 4.23 11.91 -7.02
C PHE A 18 4.39 10.44 -7.36
N LEU A 19 3.48 9.61 -6.85
CA LEU A 19 3.52 8.18 -7.10
C LEU A 19 4.05 7.89 -8.51
N VAL A 20 3.42 8.49 -9.51
CA VAL A 20 3.82 8.30 -10.89
C VAL A 20 5.22 8.85 -11.14
N ASN A 21 5.50 10.02 -10.60
CA ASN A 21 6.80 10.66 -10.76
C ASN A 21 7.93 9.67 -10.42
N THR A 22 7.77 8.97 -9.30
CA THR A 22 8.77 8.00 -8.87
C THR A 22 8.75 6.75 -9.76
N LEU A 23 7.55 6.28 -10.08
CA LEU A 23 7.40 5.10 -10.92
C LEU A 23 8.28 5.20 -12.16
N LYS A 24 8.33 6.39 -12.75
CA LYS A 24 9.13 6.62 -13.95
C LYS A 24 10.55 7.05 -13.58
N LYS A 25 10.64 8.11 -12.77
CA LYS A 25 11.94 8.62 -12.34
C LYS A 25 12.83 7.50 -11.83
N ASN A 26 12.32 6.73 -10.87
CA ASN A 26 13.07 5.62 -10.29
C ASN A 26 12.26 4.33 -10.38
N PRO A 27 12.40 3.62 -11.52
CA PRO A 27 11.69 2.36 -11.75
C PRO A 27 12.22 1.23 -10.86
N ARG A 28 13.52 1.28 -10.55
CA ARG A 28 14.14 0.27 -9.72
C ARG A 28 13.30 -0.01 -8.47
N ASP A 29 12.52 0.99 -8.05
CA ASP A 29 11.68 0.86 -6.88
C ASP A 29 10.27 0.41 -7.27
N ARG A 30 9.91 0.65 -8.52
CA ARG A 30 8.59 0.28 -9.02
C ARG A 30 8.24 -1.15 -8.62
N MET A 31 9.16 -2.07 -8.86
CA MET A 31 8.94 -3.47 -8.53
C MET A 31 8.49 -3.62 -7.08
N MET A 32 9.28 -3.07 -6.15
CA MET A 32 8.96 -3.14 -4.74
C MET A 32 7.60 -2.50 -4.46
N LEU A 33 7.43 -1.25 -4.89
CA LEU A 33 6.18 -0.53 -4.69
C LEU A 33 4.98 -1.42 -5.04
N LEU A 34 5.06 -2.06 -6.20
CA LEU A 34 3.98 -2.94 -6.66
C LEU A 34 3.73 -4.06 -5.65
N LYS A 35 4.81 -4.67 -5.17
CA LYS A 35 4.71 -5.76 -4.21
C LYS A 35 3.86 -5.35 -3.02
N LEU A 36 4.21 -4.23 -2.39
CA LEU A 36 3.48 -3.73 -1.24
C LEU A 36 2.01 -3.50 -1.57
N GLU A 37 1.77 -2.82 -2.69
CA GLU A 37 0.41 -2.53 -3.13
C GLU A 37 -0.40 -3.80 -3.25
N GLN A 38 0.17 -4.81 -3.90
CA GLN A 38 -0.51 -6.09 -4.08
C GLN A 38 -0.96 -6.67 -2.74
N GLU A 39 -0.06 -6.63 -1.77
CA GLU A 39 -0.36 -7.15 -0.43
C GLU A 39 -1.46 -6.32 0.24
N ILE A 40 -1.36 -5.01 0.10
CA ILE A 40 -2.34 -4.10 0.68
C ILE A 40 -3.74 -4.37 0.13
N LEU A 41 -3.82 -4.58 -1.18
CA LEU A 41 -5.10 -4.85 -1.83
C LEU A 41 -5.73 -6.11 -1.27
N GLU A 42 -5.01 -7.23 -1.35
CA GLU A 42 -5.51 -8.50 -0.85
C GLU A 42 -5.92 -8.39 0.62
N PHE A 43 -5.27 -7.49 1.35
CA PHE A 43 -5.57 -7.28 2.76
C PHE A 43 -6.90 -6.57 2.94
N ILE A 44 -7.03 -5.40 2.32
CA ILE A 44 -8.26 -4.62 2.41
C ILE A 44 -9.48 -5.50 2.15
N ASN A 45 -9.46 -6.23 1.04
CA ASN A 45 -10.56 -7.11 0.68
C ASN A 45 -10.77 -8.19 1.74
N ASP A 46 -9.69 -8.87 2.10
CA ASP A 46 -9.74 -9.92 3.11
C ASP A 46 -10.33 -9.40 4.42
N ASN A 47 -11.61 -9.71 4.65
CA ASN A 47 -12.29 -9.26 5.87
C ASN A 47 -11.70 -9.94 7.10
N ASN A 48 -11.36 -11.22 6.96
CA ASN A 48 -10.79 -11.98 8.07
C ASN A 48 -9.71 -11.19 8.77
N ASN A 49 -8.87 -10.51 7.99
CA ASN A 49 -7.79 -9.72 8.54
C ASN A 49 -8.25 -8.29 8.85
N GLN A 50 -7.88 -7.79 10.02
CA GLN A 50 -8.26 -6.45 10.44
C GLN A 50 -7.03 -5.59 10.70
N PHE A 51 -5.98 -6.20 11.23
CA PHE A 51 -4.75 -5.50 11.53
C PHE A 51 -3.57 -6.09 10.74
N LYS A 52 -2.64 -5.23 10.36
CA LYS A 52 -1.47 -5.66 9.59
C LYS A 52 -0.23 -4.88 10.02
N LYS A 53 0.78 -5.61 10.48
CA LYS A 53 2.03 -4.99 10.92
C LYS A 53 3.17 -5.32 9.96
N PHE A 54 3.53 -4.34 9.13
CA PHE A 54 4.61 -4.53 8.17
C PHE A 54 5.95 -4.68 8.86
N PRO A 55 6.89 -5.38 8.21
CA PRO A 55 8.23 -5.60 8.76
C PRO A 55 9.07 -4.33 8.79
N GLN A 56 10.14 -4.35 9.58
CA GLN A 56 11.02 -3.20 9.70
C GLN A 56 11.73 -2.92 8.38
N MET A 57 11.46 -1.74 7.82
CA MET A 57 12.07 -1.34 6.56
C MET A 57 12.94 -0.11 6.73
N THR A 58 13.60 0.31 5.66
CA THR A 58 14.46 1.49 5.70
C THR A 58 13.64 2.77 5.61
N SER A 59 14.30 3.90 5.88
CA SER A 59 13.63 5.20 5.83
C SER A 59 12.88 5.38 4.51
N TYR A 60 13.62 5.31 3.41
CA TYR A 60 13.03 5.47 2.08
C TYR A 60 11.69 4.73 1.99
N HIS A 61 11.75 3.42 2.22
CA HIS A 61 10.54 2.59 2.16
C HIS A 61 9.43 3.17 3.04
N ARG A 62 9.76 3.43 4.30
CA ARG A 62 8.80 3.98 5.24
C ARG A 62 7.97 5.08 4.59
N MET A 63 8.65 6.00 3.90
CA MET A 63 7.97 7.10 3.22
C MET A 63 7.06 6.58 2.12
N LEU A 64 7.64 5.82 1.20
CA LEU A 64 6.87 5.25 0.09
C LEU A 64 5.53 4.71 0.57
N LEU A 65 5.58 3.77 1.50
CA LEU A 65 4.36 3.17 2.05
C LEU A 65 3.40 4.24 2.53
N HIS A 66 3.86 5.08 3.47
CA HIS A 66 3.04 6.15 4.01
C HIS A 66 2.20 6.80 2.92
N ARG A 67 2.79 6.97 1.75
CA ARG A 67 2.11 7.59 0.62
C ARG A 67 1.07 6.64 0.04
N VAL A 68 1.45 5.38 -0.11
CA VAL A 68 0.54 4.36 -0.65
C VAL A 68 -0.75 4.29 0.16
N ALA A 69 -0.60 4.19 1.48
CA ALA A 69 -1.76 4.10 2.36
C ALA A 69 -2.61 5.37 2.29
N ALA A 70 -1.96 6.52 2.48
CA ALA A 70 -2.66 7.80 2.44
C ALA A 70 -3.50 7.92 1.17
N TYR A 71 -3.03 7.29 0.10
CA TYR A 71 -3.73 7.34 -1.18
C TYR A 71 -4.97 6.45 -1.15
N PHE A 72 -4.80 5.22 -0.67
CA PHE A 72 -5.91 4.28 -0.58
C PHE A 72 -6.93 4.72 0.46
N GLY A 73 -6.48 5.55 1.40
CA GLY A 73 -7.36 6.05 2.44
C GLY A 73 -7.24 5.24 3.72
N MET A 74 -6.03 4.79 4.03
CA MET A 74 -5.78 4.01 5.23
C MET A 74 -4.81 4.73 6.16
N ASP A 75 -5.01 4.57 7.46
CA ASP A 75 -4.14 5.21 8.45
C ASP A 75 -3.09 4.22 8.96
N HIS A 76 -1.93 4.76 9.34
CA HIS A 76 -0.84 3.93 9.84
C HIS A 76 -0.44 4.35 11.25
N ASN A 77 0.23 3.45 11.96
CA ASN A 77 0.67 3.73 13.32
C ASN A 77 2.13 3.35 13.52
N VAL A 78 2.75 3.89 14.57
CA VAL A 78 4.15 3.62 14.87
C VAL A 78 4.27 2.64 16.03
N ASP A 79 5.30 1.80 15.97
CA ASP A 79 5.54 0.81 17.02
C ASP A 79 6.54 1.35 18.03
N GLN A 80 6.69 0.62 19.14
CA GLN A 80 7.62 1.02 20.20
C GLN A 80 8.90 1.62 19.60
N THR A 81 9.50 0.90 18.66
CA THR A 81 10.72 1.36 18.02
C THR A 81 10.42 2.42 16.96
N GLY A 82 9.28 2.28 16.30
CA GLY A 82 8.90 3.23 15.27
C GLY A 82 9.40 2.83 13.90
N LYS A 83 10.36 1.91 13.86
CA LYS A 83 10.94 1.45 12.61
C LYS A 83 9.83 1.05 11.62
N ALA A 84 8.98 0.12 12.03
CA ALA A 84 7.89 -0.34 11.19
C ALA A 84 6.58 0.32 11.58
N VAL A 85 5.61 0.31 10.66
CA VAL A 85 4.31 0.91 10.92
C VAL A 85 3.20 -0.14 10.86
N ILE A 86 2.11 0.13 11.57
CA ILE A 86 0.97 -0.79 11.60
C ILE A 86 -0.28 -0.12 11.04
N ILE A 87 -0.94 -0.82 10.11
CA ILE A 87 -2.16 -0.30 9.50
C ILE A 87 -3.36 -1.18 9.84
N ASN A 88 -4.55 -0.58 9.85
CA ASN A 88 -5.77 -1.31 10.15
C ASN A 88 -6.80 -1.15 9.03
N LYS A 89 -7.92 -1.83 9.17
CA LYS A 89 -8.98 -1.77 8.16
C LYS A 89 -10.02 -0.71 8.55
N THR A 90 -10.11 0.35 7.75
CA THR A 90 -11.06 1.42 8.01
C THR A 90 -11.97 1.64 6.80
N SER A 91 -13.26 1.82 7.07
CA SER A 91 -14.24 2.04 6.00
C SER A 91 -13.74 3.11 5.03
N ASN A 92 -13.30 4.24 5.58
CA ASN A 92 -12.80 5.34 4.75
C ASN A 92 -11.91 4.82 3.64
N THR A 93 -11.18 3.74 3.92
CA THR A 93 -10.28 3.15 2.93
C THR A 93 -11.06 2.55 1.78
N ARG A 94 -10.80 3.04 0.57
CA ARG A 94 -11.47 2.55 -0.62
C ARG A 94 -10.49 2.41 -1.79
N ILE A 95 -10.94 1.76 -2.86
CA ILE A 95 -10.10 1.57 -4.04
C ILE A 95 -9.90 2.88 -4.79
N PRO A 96 -8.67 3.11 -5.26
CA PRO A 96 -8.32 4.32 -6.01
C PRO A 96 -8.95 4.35 -7.40
N GLU A 97 -8.71 5.43 -8.13
CA GLU A 97 -9.26 5.58 -9.48
C GLU A 97 -8.51 4.69 -10.47
N GLN A 98 -7.18 4.68 -10.36
CA GLN A 98 -6.35 3.88 -11.25
C GLN A 98 -5.24 3.19 -10.48
N ARG A 99 -4.89 1.98 -10.90
CA ARG A 99 -3.83 1.22 -10.24
C ARG A 99 -2.45 1.72 -10.65
N PHE A 100 -1.42 1.04 -10.18
CA PHE A 100 -0.05 1.42 -10.50
C PHE A 100 0.33 0.99 -11.91
N SER A 101 -0.15 -0.19 -12.30
CA SER A 101 0.13 -0.72 -13.63
C SER A 101 -0.63 0.05 -14.71
N GLU A 102 -1.76 0.65 -14.32
CA GLU A 102 -2.57 1.41 -15.25
C GLU A 102 -1.85 2.68 -15.69
N HIS A 103 -0.81 3.06 -14.95
CA HIS A 103 -0.03 4.25 -15.27
C HIS A 103 1.02 3.94 -16.31
N ILE A 104 1.44 2.67 -16.37
CA ILE A 104 2.45 2.25 -17.33
C ILE A 104 1.93 1.12 -18.22
N LYS A 105 0.62 1.07 -18.40
CA LYS A 105 -0.01 0.05 -19.22
C LYS A 105 0.59 0.04 -20.63
N ASP A 106 1.34 -1.01 -20.94
CA ASP A 106 1.96 -1.14 -22.25
C ASP A 106 0.95 -1.62 -23.28
N GLU A 107 1.34 -1.56 -24.56
CA GLU A 107 0.46 -1.99 -25.64
C GLU A 107 0.38 -3.51 -25.71
N LYS A 108 1.54 -4.16 -25.79
CA LYS A 108 1.60 -5.61 -25.85
C LYS A 108 1.95 -6.20 -24.49
N ASN A 109 1.10 -7.11 -24.02
CA ASN A 109 1.32 -7.76 -22.73
C ASN A 109 0.28 -8.84 -22.49
N THR A 110 0.75 -10.07 -22.25
CA THR A 110 -0.13 -11.19 -22.00
C THR A 110 0.05 -11.75 -20.60
N GLU A 111 -1.03 -12.19 -19.98
CA GLU A 111 -0.98 -12.74 -18.63
C GLU A 111 -1.87 -13.98 -18.51
N PHE A 112 -1.25 -15.10 -18.17
CA PHE A 112 -1.98 -16.36 -18.02
C PHE A 112 -1.08 -17.45 -17.45
N GLN A 113 -1.53 -18.09 -16.37
CA GLN A 113 -0.77 -19.16 -15.73
C GLN A 113 0.47 -18.58 -15.04
N GLN A 114 0.39 -17.32 -14.63
CA GLN A 114 1.51 -16.67 -13.96
C GLN A 114 1.47 -16.96 -12.47
N ARG A 115 2.00 -18.12 -12.08
CA ARG A 115 2.03 -18.52 -10.68
C ARG A 115 0.72 -18.17 -9.99
N PHE A 116 -0.40 -18.51 -10.62
CA PHE A 116 -1.71 -18.23 -10.07
C PHE A 116 -2.03 -19.17 -8.91
N ILE A 117 -1.60 -18.79 -7.71
CA ILE A 117 -1.84 -19.61 -6.52
C ILE A 117 -1.40 -18.87 -5.26
N LEU A 118 -2.18 -19.01 -4.19
CA LEU A 118 -1.88 -18.37 -2.93
C LEU A 118 -2.72 -18.95 -1.80
N SER A 119 -2.47 -18.51 -0.57
CA SER A 119 -3.21 -18.98 0.58
C SER A 119 -3.82 -17.81 1.36
N GLY A 120 -4.99 -18.04 1.93
CA GLY A 120 -5.67 -17.00 2.69
C GLY A 120 -6.18 -17.50 4.02
N PRO A 121 -5.29 -17.54 5.02
CA PRO A 121 -5.64 -18.00 6.37
C PRO A 121 -6.55 -17.03 7.10
N SER A 122 -6.71 -17.22 8.40
CA SER A 122 -7.56 -16.36 9.22
C SER A 122 -6.76 -15.70 10.33
N SER A 123 -5.59 -15.17 9.97
CA SER A 123 -4.72 -14.51 10.94
C SER A 123 -5.45 -13.37 11.64
N GLY A 124 -5.47 -13.40 12.97
CA GLY A 124 -6.13 -12.36 13.73
C GLY A 124 -5.96 -12.53 15.22
N GLY A 1 -29.61 0.72 14.85
CA GLY A 1 -28.30 0.75 14.24
C GLY A 1 -28.19 1.80 13.14
N SER A 2 -28.26 3.06 13.53
CA SER A 2 -28.18 4.17 12.57
C SER A 2 -26.73 4.45 12.20
N SER A 3 -26.54 5.08 11.05
CA SER A 3 -25.20 5.41 10.56
C SER A 3 -24.57 6.53 11.41
N GLY A 4 -23.32 6.83 11.13
CA GLY A 4 -22.63 7.88 11.86
C GLY A 4 -21.51 8.50 11.07
N SER A 5 -20.89 9.55 11.63
CA SER A 5 -19.80 10.24 10.96
C SER A 5 -18.69 10.59 11.94
N SER A 6 -17.52 10.93 11.42
CA SER A 6 -16.38 11.28 12.25
C SER A 6 -15.62 12.47 11.67
N GLY A 7 -14.64 12.97 12.41
CA GLY A 7 -13.85 14.10 11.96
C GLY A 7 -12.46 13.71 11.55
N THR A 8 -12.35 12.88 10.51
CA THR A 8 -11.06 12.43 10.02
C THR A 8 -11.01 12.43 8.50
N ASP A 9 -9.81 12.50 7.94
CA ASP A 9 -9.63 12.50 6.49
C ASP A 9 -8.22 12.07 6.11
N SER A 10 -8.05 11.68 4.86
CA SER A 10 -6.75 11.23 4.37
C SER A 10 -5.82 12.43 4.11
N THR A 11 -4.80 12.56 4.95
CA THR A 11 -3.84 13.65 4.82
C THR A 11 -2.87 13.41 3.67
N GLY A 12 -3.05 14.15 2.59
CA GLY A 12 -2.20 14.01 1.43
C GLY A 12 -2.38 15.12 0.42
N ILE A 13 -1.28 15.73 -0.01
CA ILE A 13 -1.32 16.81 -0.97
C ILE A 13 -0.78 16.36 -2.33
N ASP A 14 -1.56 16.59 -3.37
CA ASP A 14 -1.17 16.22 -4.72
C ASP A 14 -0.40 14.90 -4.71
N LEU A 15 -0.87 13.95 -3.92
CA LEU A 15 -0.23 12.65 -3.81
C LEU A 15 0.01 12.04 -5.20
N HIS A 16 -1.07 11.82 -5.93
CA HIS A 16 -0.98 11.26 -7.27
C HIS A 16 0.25 11.77 -8.00
N GLU A 17 0.40 13.10 -8.04
CA GLU A 17 1.52 13.73 -8.71
C GLU A 17 2.82 13.03 -8.35
N PHE A 18 3.10 12.92 -7.05
CA PHE A 18 4.32 12.28 -6.57
C PHE A 18 4.42 10.85 -7.10
N LEU A 19 3.42 10.03 -6.76
CA LEU A 19 3.40 8.64 -7.21
C LEU A 19 3.79 8.53 -8.67
N VAL A 20 3.03 9.18 -9.55
CA VAL A 20 3.30 9.16 -10.97
C VAL A 20 4.76 9.55 -11.27
N ASN A 21 5.28 10.50 -10.48
CA ASN A 21 6.65 10.96 -10.66
C ASN A 21 7.64 9.82 -10.43
N THR A 22 7.74 9.37 -9.19
CA THR A 22 8.66 8.28 -8.85
C THR A 22 8.58 7.15 -9.89
N LEU A 23 7.36 6.77 -10.24
CA LEU A 23 7.15 5.71 -11.21
C LEU A 23 7.85 6.03 -12.53
N LYS A 24 7.49 7.17 -13.12
CA LYS A 24 8.08 7.60 -14.38
C LYS A 24 9.59 7.75 -14.25
N LYS A 25 10.02 8.69 -13.41
CA LYS A 25 11.45 8.93 -13.19
C LYS A 25 12.19 7.61 -12.96
N ASN A 26 11.63 6.77 -12.09
CA ASN A 26 12.24 5.48 -11.78
C ASN A 26 11.26 4.35 -12.02
N PRO A 27 11.20 3.85 -13.27
CA PRO A 27 10.31 2.76 -13.65
C PRO A 27 10.73 1.42 -13.03
N ARG A 28 11.89 1.42 -12.37
CA ARG A 28 12.40 0.21 -11.74
C ARG A 28 11.93 0.12 -10.29
N ASP A 29 11.78 1.27 -9.65
CA ASP A 29 11.34 1.32 -8.26
C ASP A 29 9.97 0.68 -8.11
N ARG A 30 9.21 0.63 -9.20
CA ARG A 30 7.88 0.04 -9.19
C ARG A 30 7.85 -1.25 -8.38
N MET A 31 8.85 -2.10 -8.61
CA MET A 31 8.94 -3.37 -7.91
C MET A 31 8.49 -3.22 -6.45
N MET A 32 8.93 -2.15 -5.82
CA MET A 32 8.58 -1.88 -4.42
C MET A 32 7.09 -1.53 -4.30
N LEU A 33 6.71 -0.39 -4.87
CA LEU A 33 5.33 0.08 -4.83
C LEU A 33 4.37 -1.07 -5.14
N LEU A 34 4.56 -1.69 -6.31
CA LEU A 34 3.71 -2.81 -6.73
C LEU A 34 3.62 -3.86 -5.64
N LYS A 35 4.75 -4.45 -5.29
CA LYS A 35 4.80 -5.48 -4.26
C LYS A 35 3.89 -5.11 -3.08
N LEU A 36 4.25 -4.06 -2.36
CA LEU A 36 3.45 -3.61 -1.23
C LEU A 36 1.98 -3.51 -1.59
N GLU A 37 1.67 -2.74 -2.63
CA GLU A 37 0.30 -2.56 -3.08
C GLU A 37 -0.42 -3.91 -3.15
N GLN A 38 0.22 -4.88 -3.80
CA GLN A 38 -0.37 -6.21 -3.94
C GLN A 38 -0.76 -6.78 -2.59
N GLU A 39 0.16 -6.71 -1.63
CA GLU A 39 -0.09 -7.23 -0.29
C GLU A 39 -1.29 -6.53 0.34
N ILE A 40 -1.31 -5.21 0.27
CA ILE A 40 -2.40 -4.42 0.83
C ILE A 40 -3.74 -4.81 0.20
N LEU A 41 -3.76 -4.89 -1.13
CA LEU A 41 -4.97 -5.25 -1.84
C LEU A 41 -5.58 -6.54 -1.28
N GLU A 42 -4.74 -7.56 -1.14
CA GLU A 42 -5.20 -8.85 -0.61
C GLU A 42 -5.75 -8.69 0.80
N PHE A 43 -5.08 -7.86 1.60
CA PHE A 43 -5.50 -7.63 2.98
C PHE A 43 -6.86 -6.94 3.01
N ILE A 44 -7.01 -5.86 2.25
CA ILE A 44 -8.26 -5.12 2.20
C ILE A 44 -9.43 -6.04 1.87
N ASN A 45 -9.29 -6.80 0.78
CA ASN A 45 -10.34 -7.72 0.37
C ASN A 45 -10.69 -8.70 1.48
N ASP A 46 -9.65 -9.32 2.05
CA ASP A 46 -9.85 -10.28 3.14
C ASP A 46 -10.43 -9.60 4.37
N ASN A 47 -11.49 -10.18 4.93
CA ASN A 47 -12.14 -9.63 6.11
C ASN A 47 -11.51 -10.21 7.38
N ASN A 48 -11.23 -11.51 7.36
CA ASN A 48 -10.64 -12.18 8.50
C ASN A 48 -9.53 -11.34 9.12
N ASN A 49 -8.85 -10.57 8.29
CA ASN A 49 -7.76 -9.70 8.75
C ASN A 49 -8.25 -8.27 8.97
N GLN A 50 -8.07 -7.77 10.19
CA GLN A 50 -8.49 -6.42 10.52
C GLN A 50 -7.29 -5.49 10.62
N PHE A 51 -6.17 -6.02 11.10
CA PHE A 51 -4.95 -5.23 11.25
C PHE A 51 -3.82 -5.82 10.41
N LYS A 52 -2.97 -4.95 9.88
CA LYS A 52 -1.84 -5.38 9.06
C LYS A 52 -0.61 -4.52 9.34
N LYS A 53 0.45 -5.16 9.81
CA LYS A 53 1.70 -4.45 10.12
C LYS A 53 2.85 -5.00 9.27
N PHE A 54 3.67 -4.09 8.75
CA PHE A 54 4.81 -4.49 7.93
C PHE A 54 6.06 -4.69 8.79
N PRO A 55 6.94 -5.59 8.33
CA PRO A 55 8.18 -5.91 9.04
C PRO A 55 9.19 -4.77 9.00
N GLN A 56 9.97 -4.63 10.06
CA GLN A 56 10.97 -3.57 10.14
C GLN A 56 11.57 -3.29 8.77
N MET A 57 11.54 -2.02 8.36
CA MET A 57 12.09 -1.62 7.07
C MET A 57 12.95 -0.37 7.20
N THR A 58 13.52 0.08 6.08
CA THR A 58 14.35 1.27 6.08
C THR A 58 13.51 2.53 6.01
N SER A 59 14.17 3.68 6.04
CA SER A 59 13.47 4.97 5.99
C SER A 59 12.82 5.18 4.62
N TYR A 60 13.49 4.71 3.58
CA TYR A 60 12.96 4.84 2.22
C TYR A 60 11.70 4.02 2.03
N HIS A 61 11.72 2.79 2.53
CA HIS A 61 10.57 1.89 2.42
C HIS A 61 9.35 2.49 3.11
N ARG A 62 9.50 2.82 4.39
CA ARG A 62 8.41 3.40 5.16
C ARG A 62 7.80 4.59 4.44
N MET A 63 8.66 5.42 3.86
CA MET A 63 8.20 6.61 3.13
C MET A 63 7.25 6.22 2.02
N LEU A 64 7.76 5.51 1.01
CA LEU A 64 6.95 5.09 -0.12
C LEU A 64 5.63 4.49 0.35
N LEU A 65 5.69 3.72 1.43
CA LEU A 65 4.48 3.09 1.99
C LEU A 65 3.52 4.15 2.50
N HIS A 66 4.01 5.02 3.38
CA HIS A 66 3.19 6.08 3.94
C HIS A 66 2.40 6.81 2.86
N ARG A 67 3.01 6.96 1.69
CA ARG A 67 2.37 7.63 0.57
C ARG A 67 1.22 6.80 0.02
N VAL A 68 1.51 5.56 -0.34
CA VAL A 68 0.50 4.66 -0.88
C VAL A 68 -0.67 4.51 0.09
N ALA A 69 -0.36 4.22 1.34
CA ALA A 69 -1.38 4.04 2.37
C ALA A 69 -2.32 5.25 2.42
N ALA A 70 -1.73 6.43 2.63
CA ALA A 70 -2.50 7.67 2.70
C ALA A 70 -3.28 7.89 1.41
N TYR A 71 -2.80 7.32 0.32
CA TYR A 71 -3.46 7.46 -0.97
C TYR A 71 -4.64 6.52 -1.09
N PHE A 72 -4.61 5.43 -0.32
CA PHE A 72 -5.68 4.45 -0.33
C PHE A 72 -6.60 4.61 0.88
N GLY A 73 -6.60 5.82 1.44
CA GLY A 73 -7.44 6.09 2.60
C GLY A 73 -7.11 5.20 3.77
N MET A 74 -5.82 4.98 4.02
CA MET A 74 -5.39 4.14 5.12
C MET A 74 -4.75 4.97 6.23
N ASP A 75 -4.88 4.51 7.46
CA ASP A 75 -4.33 5.21 8.61
C ASP A 75 -3.24 4.37 9.28
N HIS A 76 -1.98 4.77 9.07
CA HIS A 76 -0.86 4.06 9.66
C HIS A 76 -0.47 4.66 11.00
N ASN A 77 0.22 3.87 11.82
CA ASN A 77 0.65 4.32 13.13
C ASN A 77 2.01 3.75 13.50
N VAL A 78 2.74 4.46 14.36
CA VAL A 78 4.06 4.03 14.78
C VAL A 78 3.97 3.07 15.97
N ASP A 79 4.94 2.17 16.06
CA ASP A 79 4.97 1.19 17.15
C ASP A 79 5.84 1.69 18.29
N GLN A 80 5.78 0.99 19.42
CA GLN A 80 6.56 1.36 20.59
C GLN A 80 7.93 1.90 20.19
N THR A 81 8.62 1.16 19.33
CA THR A 81 9.95 1.56 18.86
C THR A 81 9.84 2.62 17.78
N GLY A 82 8.79 2.53 16.97
CA GLY A 82 8.59 3.48 15.89
C GLY A 82 9.24 3.03 14.60
N LYS A 83 10.12 2.05 14.69
CA LYS A 83 10.80 1.52 13.51
C LYS A 83 9.80 1.01 12.48
N ALA A 84 8.97 0.06 12.89
CA ALA A 84 7.96 -0.51 12.01
C ALA A 84 6.69 0.33 12.02
N VAL A 85 5.76 0.00 11.12
CA VAL A 85 4.50 0.72 11.02
C VAL A 85 3.32 -0.24 10.88
N ILE A 86 2.27 -0.01 11.66
CA ILE A 86 1.09 -0.85 11.62
C ILE A 86 -0.11 -0.08 11.10
N ILE A 87 -0.85 -0.68 10.17
CA ILE A 87 -2.02 -0.05 9.59
C ILE A 87 -3.28 -0.86 9.89
N ASN A 88 -4.44 -0.25 9.66
CA ASN A 88 -5.72 -0.91 9.90
C ASN A 88 -6.72 -0.58 8.80
N LYS A 89 -7.88 -1.24 8.84
CA LYS A 89 -8.92 -1.02 7.86
C LYS A 89 -10.04 -0.16 8.43
N THR A 90 -10.42 0.88 7.68
CA THR A 90 -11.48 1.78 8.12
C THR A 90 -12.35 2.22 6.94
N SER A 91 -13.51 2.78 7.24
CA SER A 91 -14.43 3.23 6.21
C SER A 91 -13.71 4.11 5.18
N ASN A 92 -12.89 5.04 5.68
CA ASN A 92 -12.13 5.92 4.79
C ASN A 92 -11.40 5.14 3.72
N THR A 93 -11.09 3.88 4.02
CA THR A 93 -10.39 3.02 3.07
C THR A 93 -11.22 2.79 1.82
N ARG A 94 -10.84 3.47 0.74
CA ARG A 94 -11.55 3.36 -0.52
C ARG A 94 -10.57 3.09 -1.68
N ILE A 95 -11.05 2.41 -2.71
CA ILE A 95 -10.23 2.10 -3.87
C ILE A 95 -9.99 3.34 -4.73
N PRO A 96 -8.74 3.50 -5.19
CA PRO A 96 -8.35 4.64 -6.03
C PRO A 96 -8.95 4.57 -7.42
N GLU A 97 -8.64 5.55 -8.26
CA GLU A 97 -9.15 5.60 -9.61
C GLU A 97 -8.30 4.74 -10.55
N GLN A 98 -7.00 4.74 -10.30
CA GLN A 98 -6.06 3.96 -11.12
C GLN A 98 -5.00 3.29 -10.25
N ARG A 99 -4.51 2.15 -10.71
CA ARG A 99 -3.48 1.40 -9.97
C ARG A 99 -2.10 1.70 -10.53
N PHE A 100 -1.07 1.17 -9.87
CA PHE A 100 0.30 1.37 -10.30
C PHE A 100 0.63 0.50 -11.51
N SER A 101 -0.17 -0.53 -11.72
CA SER A 101 0.04 -1.44 -12.85
C SER A 101 -0.71 -0.95 -14.08
N GLU A 102 -1.83 -0.26 -13.87
CA GLU A 102 -2.64 0.26 -14.96
C GLU A 102 -1.80 1.18 -15.85
N HIS A 103 -0.67 1.64 -15.33
CA HIS A 103 0.22 2.52 -16.08
C HIS A 103 1.02 1.74 -17.12
N ILE A 104 1.65 0.66 -16.68
CA ILE A 104 2.45 -0.17 -17.58
C ILE A 104 1.56 -1.13 -18.38
N LYS A 105 0.40 -1.44 -17.83
CA LYS A 105 -0.54 -2.34 -18.49
C LYS A 105 -0.95 -1.79 -19.86
N ASP A 106 -1.28 -2.69 -20.78
CA ASP A 106 -1.69 -2.30 -22.12
C ASP A 106 -3.13 -2.73 -22.40
N GLU A 107 -3.95 -2.75 -21.35
CA GLU A 107 -5.35 -3.14 -21.47
C GLU A 107 -6.25 -1.91 -21.56
N LYS A 108 -7.26 -1.99 -22.42
CA LYS A 108 -8.20 -0.88 -22.59
C LYS A 108 -9.54 -1.21 -21.95
N ASN A 109 -9.92 -0.40 -20.95
CA ASN A 109 -11.19 -0.60 -20.26
C ASN A 109 -11.48 0.56 -19.31
N THR A 110 -12.76 0.83 -19.09
CA THR A 110 -13.18 1.92 -18.22
C THR A 110 -13.76 1.38 -16.92
N GLU A 111 -13.39 2.00 -15.80
CA GLU A 111 -13.89 1.58 -14.49
C GLU A 111 -15.18 2.32 -14.14
N PHE A 112 -15.81 1.90 -13.05
CA PHE A 112 -17.05 2.52 -12.60
C PHE A 112 -17.39 2.09 -11.18
N GLN A 113 -18.39 2.74 -10.58
CA GLN A 113 -18.82 2.42 -9.23
C GLN A 113 -20.20 1.77 -9.22
N GLN A 114 -20.23 0.46 -9.11
CA GLN A 114 -21.49 -0.28 -9.09
C GLN A 114 -22.31 0.08 -7.84
N ARG A 115 -21.67 0.01 -6.69
CA ARG A 115 -22.34 0.31 -5.43
C ARG A 115 -21.33 0.73 -4.36
N PHE A 116 -21.83 1.05 -3.18
CA PHE A 116 -20.97 1.47 -2.07
C PHE A 116 -21.46 0.88 -0.75
N ILE A 117 -20.56 0.17 -0.06
CA ILE A 117 -20.91 -0.45 1.21
C ILE A 117 -19.92 -0.05 2.30
N LEU A 118 -20.38 0.77 3.25
CA LEU A 118 -19.54 1.23 4.34
C LEU A 118 -20.04 0.69 5.68
N SER A 119 -19.19 0.76 6.69
CA SER A 119 -19.55 0.27 8.03
C SER A 119 -19.06 1.24 9.10
N GLY A 120 -20.00 1.85 9.81
CA GLY A 120 -19.65 2.79 10.86
C GLY A 120 -18.87 2.13 11.98
N PRO A 121 -17.94 2.90 12.58
CA PRO A 121 -17.11 2.40 13.68
C PRO A 121 -17.90 2.19 14.96
N SER A 122 -17.79 1.00 15.54
CA SER A 122 -18.50 0.67 16.77
C SER A 122 -17.70 1.10 18.00
N SER A 123 -16.42 0.74 18.02
CA SER A 123 -15.55 1.08 19.14
C SER A 123 -14.79 2.37 18.85
N GLY A 124 -15.38 3.49 19.24
CA GLY A 124 -14.74 4.78 19.03
C GLY A 124 -15.12 5.39 17.69
N GLY A 1 -17.58 6.22 15.20
CA GLY A 1 -16.33 6.95 15.01
C GLY A 1 -16.56 8.39 14.65
N SER A 2 -16.34 8.72 13.37
CA SER A 2 -16.51 10.08 12.89
C SER A 2 -17.87 10.26 12.22
N SER A 3 -18.19 11.50 11.84
CA SER A 3 -19.46 11.79 11.19
C SER A 3 -19.27 11.99 9.69
N GLY A 4 -18.23 12.73 9.32
CA GLY A 4 -17.95 12.98 7.92
C GLY A 4 -17.64 14.43 7.64
N SER A 5 -16.37 14.80 7.76
CA SER A 5 -15.93 16.17 7.53
C SER A 5 -15.03 16.25 6.31
N SER A 6 -14.72 17.47 5.89
CA SER A 6 -13.87 17.70 4.73
C SER A 6 -12.82 18.75 5.02
N GLY A 7 -11.57 18.47 4.66
CA GLY A 7 -10.50 19.41 4.88
C GLY A 7 -10.25 20.31 3.69
N THR A 8 -10.23 21.62 3.92
CA THR A 8 -10.01 22.58 2.86
C THR A 8 -8.77 23.44 3.14
N ASP A 9 -7.76 23.32 2.29
CA ASP A 9 -6.53 24.08 2.45
C ASP A 9 -6.03 24.58 1.10
N SER A 10 -5.78 25.89 1.01
CA SER A 10 -5.30 26.49 -0.22
C SER A 10 -4.32 25.56 -0.93
N THR A 11 -3.27 25.16 -0.23
CA THR A 11 -2.26 24.27 -0.79
C THR A 11 -2.36 22.88 -0.21
N GLY A 12 -2.60 21.89 -1.07
CA GLY A 12 -2.72 20.52 -0.61
C GLY A 12 -1.78 19.58 -1.34
N ILE A 13 -1.06 18.78 -0.57
CA ILE A 13 -0.11 17.83 -1.15
C ILE A 13 -0.74 17.05 -2.30
N ASP A 14 0.11 16.54 -3.19
CA ASP A 14 -0.36 15.77 -4.34
C ASP A 14 0.27 14.39 -4.36
N LEU A 15 -0.36 13.44 -3.67
CA LEU A 15 0.15 12.08 -3.61
C LEU A 15 0.36 11.51 -5.02
N HIS A 16 -0.72 11.38 -5.78
CA HIS A 16 -0.65 10.87 -7.14
C HIS A 16 0.60 11.40 -7.85
N GLU A 17 0.58 12.69 -8.16
CA GLU A 17 1.71 13.32 -8.86
C GLU A 17 3.04 12.80 -8.31
N PHE A 18 3.22 12.92 -7.00
CA PHE A 18 4.44 12.47 -6.34
C PHE A 18 4.78 11.04 -6.75
N LEU A 19 3.78 10.15 -6.67
CA LEU A 19 3.98 8.75 -7.04
C LEU A 19 4.51 8.63 -8.45
N VAL A 20 3.74 9.13 -9.42
CA VAL A 20 4.15 9.07 -10.82
C VAL A 20 5.62 9.46 -10.99
N ASN A 21 5.98 10.63 -10.50
CA ASN A 21 7.35 11.12 -10.59
C ASN A 21 8.33 10.06 -10.09
N THR A 22 8.03 9.49 -8.92
CA THR A 22 8.89 8.46 -8.34
C THR A 22 9.06 7.28 -9.28
N LEU A 23 7.99 6.94 -9.99
CA LEU A 23 8.02 5.82 -10.93
C LEU A 23 8.65 6.25 -12.25
N LYS A 24 8.76 7.54 -12.46
CA LYS A 24 9.35 8.08 -13.68
C LYS A 24 10.87 8.14 -13.58
N LYS A 25 11.37 9.03 -12.73
CA LYS A 25 12.81 9.18 -12.54
C LYS A 25 13.42 7.90 -11.96
N ASN A 26 12.68 7.26 -11.06
CA ASN A 26 13.14 6.02 -10.44
C ASN A 26 12.17 4.88 -10.70
N PRO A 27 12.38 4.16 -11.82
CA PRO A 27 11.52 3.03 -12.20
C PRO A 27 11.71 1.83 -11.27
N ARG A 28 12.79 1.82 -10.52
CA ARG A 28 13.08 0.73 -9.59
C ARG A 28 11.98 0.61 -8.55
N ASP A 29 11.34 1.73 -8.21
CA ASP A 29 10.28 1.74 -7.22
C ASP A 29 9.10 0.88 -7.68
N ARG A 30 8.84 0.90 -8.98
CA ARG A 30 7.74 0.11 -9.55
C ARG A 30 7.58 -1.20 -8.81
N MET A 31 8.70 -1.91 -8.62
CA MET A 31 8.68 -3.19 -7.92
C MET A 31 8.07 -3.05 -6.53
N MET A 32 8.73 -2.30 -5.66
CA MET A 32 8.26 -2.08 -4.30
C MET A 32 6.76 -1.74 -4.30
N LEU A 33 6.43 -0.60 -4.89
CA LEU A 33 5.04 -0.16 -4.96
C LEU A 33 4.13 -1.28 -5.45
N LEU A 34 4.42 -1.77 -6.65
CA LEU A 34 3.63 -2.84 -7.25
C LEU A 34 3.35 -3.94 -6.22
N LYS A 35 4.41 -4.62 -5.79
CA LYS A 35 4.27 -5.69 -4.81
C LYS A 35 3.49 -5.22 -3.59
N LEU A 36 4.03 -4.25 -2.88
CA LEU A 36 3.37 -3.71 -1.69
C LEU A 36 1.88 -3.52 -1.94
N GLU A 37 1.53 -3.06 -3.14
CA GLU A 37 0.14 -2.84 -3.50
C GLU A 37 -0.64 -4.16 -3.51
N GLN A 38 -0.04 -5.19 -4.09
CA GLN A 38 -0.67 -6.49 -4.17
C GLN A 38 -1.01 -7.02 -2.77
N GLU A 39 -0.04 -6.92 -1.87
CA GLU A 39 -0.24 -7.39 -0.50
C GLU A 39 -1.40 -6.66 0.17
N ILE A 40 -1.28 -5.33 0.26
CA ILE A 40 -2.32 -4.51 0.87
C ILE A 40 -3.69 -4.84 0.29
N LEU A 41 -3.74 -4.99 -1.03
CA LEU A 41 -4.99 -5.29 -1.72
C LEU A 41 -5.65 -6.53 -1.12
N GLU A 42 -4.93 -7.65 -1.14
CA GLU A 42 -5.45 -8.90 -0.60
C GLU A 42 -6.00 -8.69 0.81
N PHE A 43 -5.27 -7.93 1.62
CA PHE A 43 -5.68 -7.66 3.00
C PHE A 43 -7.00 -6.87 3.02
N ILE A 44 -7.03 -5.77 2.28
CA ILE A 44 -8.23 -4.93 2.22
C ILE A 44 -9.47 -5.77 1.93
N ASN A 45 -9.37 -6.66 0.95
CA ASN A 45 -10.49 -7.51 0.58
C ASN A 45 -10.77 -8.53 1.69
N ASP A 46 -9.72 -9.11 2.24
CA ASP A 46 -9.85 -10.09 3.31
C ASP A 46 -10.50 -9.48 4.55
N ASN A 47 -11.50 -10.15 5.09
CA ASN A 47 -12.19 -9.67 6.27
C ASN A 47 -11.62 -10.30 7.53
N ASN A 48 -11.13 -11.53 7.42
CA ASN A 48 -10.56 -12.24 8.55
C ASN A 48 -9.50 -11.38 9.25
N ASN A 49 -8.82 -10.55 8.46
CA ASN A 49 -7.78 -9.68 9.01
C ASN A 49 -8.29 -8.24 9.14
N GLN A 50 -8.07 -7.64 10.31
CA GLN A 50 -8.50 -6.28 10.56
C GLN A 50 -7.31 -5.36 10.80
N PHE A 51 -6.11 -5.92 10.70
CA PHE A 51 -4.89 -5.15 10.92
C PHE A 51 -3.73 -5.74 10.11
N LYS A 52 -2.76 -4.90 9.79
CA LYS A 52 -1.59 -5.34 9.03
C LYS A 52 -0.33 -4.66 9.54
N LYS A 53 0.67 -5.45 9.90
CA LYS A 53 1.94 -4.93 10.41
C LYS A 53 3.07 -5.26 9.44
N PHE A 54 3.85 -4.23 9.09
CA PHE A 54 4.97 -4.42 8.18
C PHE A 54 6.28 -4.58 8.95
N PRO A 55 7.22 -5.34 8.37
CA PRO A 55 8.52 -5.59 8.99
C PRO A 55 9.41 -4.34 9.00
N GLN A 56 10.49 -4.40 9.78
CA GLN A 56 11.42 -3.28 9.87
C GLN A 56 11.80 -2.76 8.49
N MET A 57 11.66 -1.46 8.30
CA MET A 57 12.00 -0.84 7.02
C MET A 57 12.95 0.34 7.22
N THR A 58 13.60 0.76 6.14
CA THR A 58 14.54 1.87 6.20
C THR A 58 13.81 3.21 6.12
N SER A 59 14.57 4.29 6.24
CA SER A 59 13.99 5.63 6.18
C SER A 59 13.22 5.83 4.89
N TYR A 60 13.89 5.64 3.76
CA TYR A 60 13.26 5.81 2.45
C TYR A 60 11.98 4.97 2.36
N HIS A 61 12.13 3.66 2.48
CA HIS A 61 10.99 2.75 2.42
C HIS A 61 9.83 3.27 3.25
N ARG A 62 10.09 3.55 4.52
CA ARG A 62 9.07 4.06 5.42
C ARG A 62 8.21 5.11 4.74
N MET A 63 8.86 6.03 4.03
CA MET A 63 8.16 7.09 3.33
C MET A 63 7.29 6.53 2.22
N LEU A 64 7.90 5.78 1.31
CA LEU A 64 7.18 5.17 0.20
C LEU A 64 5.86 4.56 0.67
N LEU A 65 5.94 3.74 1.70
CA LEU A 65 4.76 3.09 2.25
C LEU A 65 3.72 4.12 2.68
N HIS A 66 4.13 5.04 3.54
CA HIS A 66 3.25 6.09 4.04
C HIS A 66 2.45 6.71 2.89
N ARG A 67 3.09 6.83 1.73
CA ARG A 67 2.45 7.41 0.56
C ARG A 67 1.35 6.49 0.03
N VAL A 68 1.70 5.22 -0.19
CA VAL A 68 0.75 4.25 -0.70
C VAL A 68 -0.51 4.20 0.17
N ALA A 69 -0.33 3.95 1.45
CA ALA A 69 -1.45 3.89 2.39
C ALA A 69 -2.28 5.16 2.32
N ALA A 70 -1.66 6.30 2.58
CA ALA A 70 -2.35 7.59 2.54
C ALA A 70 -3.11 7.76 1.23
N TYR A 71 -2.65 7.09 0.19
CA TYR A 71 -3.28 7.17 -1.12
C TYR A 71 -4.51 6.27 -1.19
N PHE A 72 -4.45 5.15 -0.48
CA PHE A 72 -5.55 4.19 -0.46
C PHE A 72 -6.47 4.46 0.73
N GLY A 73 -6.52 5.71 1.17
CA GLY A 73 -7.36 6.06 2.29
C GLY A 73 -7.09 5.21 3.51
N MET A 74 -5.83 5.10 3.89
CA MET A 74 -5.44 4.30 5.05
C MET A 74 -4.81 5.18 6.13
N ASP A 75 -4.70 4.63 7.33
CA ASP A 75 -4.12 5.36 8.45
C ASP A 75 -3.10 4.50 9.19
N HIS A 76 -1.82 4.88 9.10
CA HIS A 76 -0.76 4.15 9.76
C HIS A 76 -0.46 4.74 11.13
N ASN A 77 0.13 3.94 12.00
CA ASN A 77 0.47 4.39 13.35
C ASN A 77 1.69 3.64 13.88
N VAL A 78 2.37 4.24 14.85
CA VAL A 78 3.56 3.62 15.45
C VAL A 78 3.17 2.75 16.64
N ASP A 79 3.87 1.62 16.79
CA ASP A 79 3.61 0.70 17.89
C ASP A 79 4.05 1.30 19.22
N GLN A 80 3.59 0.71 20.31
CA GLN A 80 3.93 1.20 21.65
C GLN A 80 5.38 1.66 21.69
N THR A 81 6.28 0.84 21.17
CA THR A 81 7.70 1.16 21.15
C THR A 81 8.03 2.11 20.00
N GLY A 82 7.35 1.92 18.87
CA GLY A 82 7.60 2.77 17.71
C GLY A 82 8.76 2.30 16.88
N LYS A 83 8.87 0.98 16.70
CA LYS A 83 9.94 0.40 15.92
C LYS A 83 9.52 0.21 14.46
N ALA A 84 8.30 -0.26 14.26
CA ALA A 84 7.77 -0.48 12.92
C ALA A 84 6.45 0.24 12.72
N VAL A 85 5.91 0.17 11.50
CA VAL A 85 4.64 0.82 11.18
C VAL A 85 3.51 -0.20 11.13
N ILE A 86 2.31 0.23 11.53
CA ILE A 86 1.15 -0.64 11.51
C ILE A 86 -0.06 0.06 10.91
N ILE A 87 -0.75 -0.63 10.02
CA ILE A 87 -1.94 -0.08 9.36
C ILE A 87 -3.17 -0.92 9.63
N ASN A 88 -4.34 -0.37 9.34
CA ASN A 88 -5.60 -1.07 9.56
C ASN A 88 -6.57 -0.82 8.41
N LYS A 89 -7.76 -1.40 8.51
CA LYS A 89 -8.78 -1.24 7.48
C LYS A 89 -9.91 -0.34 7.98
N THR A 90 -10.11 0.79 7.30
CA THR A 90 -11.16 1.72 7.67
C THR A 90 -12.08 2.02 6.48
N SER A 91 -13.28 2.50 6.78
CA SER A 91 -14.25 2.81 5.74
C SER A 91 -13.66 3.76 4.71
N ASN A 92 -12.98 4.80 5.19
CA ASN A 92 -12.36 5.78 4.30
C ASN A 92 -11.52 5.09 3.24
N THR A 93 -11.17 3.83 3.49
CA THR A 93 -10.37 3.06 2.54
C THR A 93 -11.14 2.78 1.26
N ARG A 94 -10.73 3.41 0.17
CA ARG A 94 -11.38 3.23 -1.12
C ARG A 94 -10.36 2.99 -2.22
N ILE A 95 -10.78 2.29 -3.27
CA ILE A 95 -9.89 1.99 -4.39
C ILE A 95 -9.66 3.23 -5.25
N PRO A 96 -8.40 3.43 -5.67
CA PRO A 96 -8.01 4.58 -6.49
C PRO A 96 -8.58 4.48 -7.91
N GLU A 97 -8.29 5.49 -8.72
CA GLU A 97 -8.78 5.54 -10.10
C GLU A 97 -7.90 4.68 -11.01
N GLN A 98 -6.62 4.60 -10.67
CA GLN A 98 -5.67 3.81 -11.46
C GLN A 98 -4.60 3.20 -10.57
N ARG A 99 -4.05 2.07 -11.01
CA ARG A 99 -3.02 1.38 -10.25
C ARG A 99 -1.63 1.71 -10.81
N PHE A 100 -0.59 1.28 -10.09
CA PHE A 100 0.78 1.52 -10.52
C PHE A 100 1.07 0.82 -11.84
N SER A 101 0.59 -0.40 -11.97
CA SER A 101 0.80 -1.19 -13.18
C SER A 101 0.32 -0.42 -14.41
N GLU A 102 -0.83 0.22 -14.29
CA GLU A 102 -1.40 0.99 -15.39
C GLU A 102 -0.34 1.88 -16.04
N HIS A 103 0.37 2.63 -15.21
CA HIS A 103 1.42 3.53 -15.70
C HIS A 103 2.58 2.73 -16.28
N ILE A 104 2.68 1.47 -15.90
CA ILE A 104 3.74 0.60 -16.39
C ILE A 104 3.30 -0.18 -17.63
N LYS A 105 2.40 0.42 -18.41
CA LYS A 105 1.90 -0.21 -19.61
C LYS A 105 3.01 -0.39 -20.64
N ASP A 106 3.07 -1.57 -21.24
CA ASP A 106 4.09 -1.87 -22.24
C ASP A 106 3.45 -2.16 -23.59
N GLU A 107 3.86 -1.42 -24.62
CA GLU A 107 3.32 -1.60 -25.96
C GLU A 107 3.27 -3.08 -26.32
N LYS A 108 4.37 -3.79 -26.12
CA LYS A 108 4.45 -5.21 -26.42
C LYS A 108 4.25 -6.04 -25.16
N ASN A 109 3.35 -7.03 -25.24
CA ASN A 109 3.08 -7.90 -24.11
C ASN A 109 4.11 -9.01 -24.01
N THR A 110 5.01 -8.90 -23.04
CA THR A 110 6.06 -9.90 -22.84
C THR A 110 6.72 -9.74 -21.48
N GLU A 111 6.86 -10.84 -20.76
CA GLU A 111 7.48 -10.82 -19.44
C GLU A 111 7.65 -12.23 -18.88
N PHE A 112 8.75 -12.46 -18.19
CA PHE A 112 9.02 -13.77 -17.61
C PHE A 112 10.17 -13.69 -16.59
N GLN A 113 9.83 -13.83 -15.32
CA GLN A 113 10.83 -13.77 -14.25
C GLN A 113 10.56 -14.81 -13.19
N GLN A 114 11.36 -15.87 -13.18
CA GLN A 114 11.19 -16.94 -12.20
C GLN A 114 12.45 -17.79 -12.11
N ARG A 115 12.73 -18.30 -10.91
CA ARG A 115 13.91 -19.13 -10.68
C ARG A 115 13.51 -20.55 -10.32
N PHE A 116 14.51 -21.43 -10.20
CA PHE A 116 14.27 -22.82 -9.86
C PHE A 116 15.57 -23.54 -9.53
N ILE A 117 15.66 -24.09 -8.33
CA ILE A 117 16.85 -24.81 -7.90
C ILE A 117 16.55 -25.70 -6.70
N LEU A 118 17.09 -26.92 -6.72
CA LEU A 118 16.89 -27.87 -5.64
C LEU A 118 18.16 -28.00 -4.79
N SER A 119 19.26 -28.36 -5.43
CA SER A 119 20.53 -28.52 -4.74
C SER A 119 20.93 -27.24 -4.03
N GLY A 120 21.19 -27.35 -2.72
CA GLY A 120 21.58 -26.19 -1.94
C GLY A 120 22.92 -26.37 -1.25
N PRO A 121 23.26 -25.43 -0.36
CA PRO A 121 24.52 -25.47 0.38
C PRO A 121 24.55 -26.61 1.41
N SER A 122 25.45 -27.56 1.20
CA SER A 122 25.58 -28.70 2.12
C SER A 122 26.90 -29.42 1.88
N SER A 123 27.59 -29.76 2.98
CA SER A 123 28.86 -30.45 2.90
C SER A 123 29.14 -31.23 4.19
N GLY A 124 30.08 -32.17 4.12
CA GLY A 124 30.42 -32.96 5.28
C GLY A 124 31.69 -32.47 5.97
N GLY A 1 -29.98 4.86 8.65
CA GLY A 1 -30.25 5.86 9.65
C GLY A 1 -29.44 7.13 9.44
N SER A 2 -29.35 7.95 10.48
CA SER A 2 -28.60 9.20 10.41
C SER A 2 -27.13 8.97 10.72
N SER A 3 -26.36 8.60 9.71
CA SER A 3 -24.93 8.35 9.87
C SER A 3 -24.12 9.06 8.79
N GLY A 4 -23.02 9.67 9.20
CA GLY A 4 -22.17 10.37 8.26
C GLY A 4 -20.71 10.35 8.66
N SER A 5 -20.17 9.15 8.86
CA SER A 5 -18.77 9.00 9.25
C SER A 5 -17.85 9.32 8.09
N SER A 6 -17.31 10.54 8.09
CA SER A 6 -16.41 10.98 7.03
C SER A 6 -15.85 12.37 7.33
N GLY A 7 -14.59 12.58 6.95
CA GLY A 7 -13.95 13.87 7.19
C GLY A 7 -13.95 14.75 5.96
N THR A 8 -13.95 16.06 6.17
CA THR A 8 -13.94 17.02 5.07
C THR A 8 -12.83 16.71 4.08
N ASP A 9 -13.04 17.09 2.83
CA ASP A 9 -12.05 16.87 1.78
C ASP A 9 -11.32 18.16 1.43
N SER A 10 -10.14 18.01 0.83
CA SER A 10 -9.33 19.17 0.46
C SER A 10 -8.39 18.82 -0.69
N THR A 11 -7.68 19.83 -1.20
CA THR A 11 -6.74 19.62 -2.29
C THR A 11 -5.29 19.70 -1.80
N GLY A 12 -4.43 18.87 -2.38
CA GLY A 12 -3.03 18.86 -1.98
C GLY A 12 -2.16 18.12 -2.97
N ILE A 13 -0.86 18.07 -2.69
CA ILE A 13 0.09 17.39 -3.58
C ILE A 13 -0.53 16.16 -4.20
N ASP A 14 -0.74 16.20 -5.51
CA ASP A 14 -1.33 15.08 -6.24
C ASP A 14 -0.44 13.84 -6.13
N LEU A 15 -0.68 13.05 -5.08
CA LEU A 15 0.09 11.84 -4.85
C LEU A 15 0.33 11.09 -6.16
N HIS A 16 -0.71 10.99 -6.98
CA HIS A 16 -0.62 10.31 -8.26
C HIS A 16 0.56 10.83 -9.08
N GLU A 17 0.54 12.13 -9.37
CA GLU A 17 1.60 12.76 -10.14
C GLU A 17 2.95 12.14 -9.81
N PHE A 18 3.28 12.12 -8.52
CA PHE A 18 4.55 11.56 -8.06
C PHE A 18 4.63 10.07 -8.36
N LEU A 19 3.69 9.31 -7.79
CA LEU A 19 3.65 7.86 -7.99
C LEU A 19 3.96 7.51 -9.44
N VAL A 20 3.25 8.15 -10.36
CA VAL A 20 3.44 7.91 -11.78
C VAL A 20 4.87 8.25 -12.21
N ASN A 21 5.31 9.46 -11.86
CA ASN A 21 6.65 9.91 -12.21
C ASN A 21 7.70 8.89 -11.77
N THR A 22 7.54 8.38 -10.55
CA THR A 22 8.47 7.41 -10.01
C THR A 22 8.38 6.08 -10.75
N LEU A 23 7.17 5.56 -10.88
CA LEU A 23 6.95 4.29 -11.58
C LEU A 23 7.67 4.29 -12.92
N LYS A 24 7.76 5.45 -13.54
CA LYS A 24 8.43 5.57 -14.84
C LYS A 24 9.91 5.90 -14.66
N LYS A 25 10.19 7.13 -14.23
CA LYS A 25 11.57 7.56 -14.01
C LYS A 25 12.35 6.53 -13.23
N ASN A 26 11.64 5.69 -12.48
CA ASN A 26 12.27 4.65 -11.68
C ASN A 26 11.63 3.29 -11.97
N PRO A 27 12.06 2.65 -13.06
CA PRO A 27 11.55 1.33 -13.47
C PRO A 27 12.00 0.22 -12.53
N ARG A 28 13.01 0.51 -11.72
CA ARG A 28 13.53 -0.47 -10.78
C ARG A 28 12.84 -0.34 -9.42
N ASP A 29 12.21 0.79 -9.19
CA ASP A 29 11.50 1.04 -7.94
C ASP A 29 10.11 0.44 -7.98
N ARG A 30 9.40 0.67 -9.08
CA ARG A 30 8.05 0.15 -9.25
C ARG A 30 7.92 -1.23 -8.61
N MET A 31 9.02 -1.97 -8.60
CA MET A 31 9.03 -3.32 -8.03
C MET A 31 8.35 -3.33 -6.66
N MET A 32 8.85 -2.49 -5.76
CA MET A 32 8.29 -2.41 -4.41
C MET A 32 6.88 -1.81 -4.44
N LEU A 33 6.76 -0.64 -5.05
CA LEU A 33 5.47 0.04 -5.15
C LEU A 33 4.36 -0.94 -5.52
N LEU A 34 4.55 -1.66 -6.63
CA LEU A 34 3.56 -2.63 -7.08
C LEU A 34 3.32 -3.70 -6.02
N LYS A 35 4.41 -4.28 -5.51
CA LYS A 35 4.32 -5.31 -4.49
C LYS A 35 3.41 -4.87 -3.35
N LEU A 36 3.71 -3.70 -2.78
CA LEU A 36 2.92 -3.17 -1.68
C LEU A 36 1.44 -3.10 -2.05
N GLU A 37 1.15 -2.49 -3.19
CA GLU A 37 -0.23 -2.35 -3.65
C GLU A 37 -0.93 -3.71 -3.67
N GLN A 38 -0.19 -4.74 -4.06
CA GLN A 38 -0.74 -6.09 -4.13
C GLN A 38 -1.09 -6.59 -2.73
N GLU A 39 -0.11 -6.59 -1.84
CA GLU A 39 -0.31 -7.05 -0.47
C GLU A 39 -1.48 -6.31 0.18
N ILE A 40 -1.46 -4.99 0.08
CA ILE A 40 -2.51 -4.17 0.66
C ILE A 40 -3.88 -4.56 0.11
N LEU A 41 -3.93 -4.83 -1.19
CA LEU A 41 -5.18 -5.22 -1.84
C LEU A 41 -5.76 -6.48 -1.21
N GLU A 42 -4.95 -7.54 -1.16
CA GLU A 42 -5.37 -8.80 -0.58
C GLU A 42 -5.82 -8.62 0.87
N PHE A 43 -5.09 -7.78 1.60
CA PHE A 43 -5.41 -7.51 3.00
C PHE A 43 -6.79 -6.88 3.14
N ILE A 44 -7.06 -5.88 2.29
CA ILE A 44 -8.35 -5.20 2.31
C ILE A 44 -9.48 -6.13 1.92
N ASN A 45 -9.20 -7.01 0.96
CA ASN A 45 -10.20 -7.97 0.49
C ASN A 45 -10.50 -9.01 1.56
N ASP A 46 -9.50 -9.32 2.38
CA ASP A 46 -9.67 -10.30 3.45
C ASP A 46 -10.25 -9.65 4.69
N ASN A 47 -11.32 -10.24 5.22
CA ASN A 47 -11.98 -9.72 6.41
C ASN A 47 -11.36 -10.31 7.68
N ASN A 48 -11.05 -11.60 7.62
CA ASN A 48 -10.44 -12.28 8.77
C ASN A 48 -9.39 -11.40 9.44
N ASN A 49 -8.57 -10.76 8.62
CA ASN A 49 -7.51 -9.88 9.13
C ASN A 49 -8.03 -8.46 9.34
N GLN A 50 -7.87 -7.94 10.54
CA GLN A 50 -8.33 -6.59 10.86
C GLN A 50 -7.15 -5.62 10.96
N PHE A 51 -5.99 -6.16 11.32
CA PHE A 51 -4.78 -5.33 11.44
C PHE A 51 -3.65 -5.89 10.58
N LYS A 52 -2.66 -5.05 10.28
CA LYS A 52 -1.53 -5.46 9.46
C LYS A 52 -0.24 -4.81 9.96
N LYS A 53 0.73 -5.64 10.32
CA LYS A 53 2.01 -5.15 10.80
C LYS A 53 3.13 -5.45 9.82
N PHE A 54 3.97 -4.45 9.55
CA PHE A 54 5.08 -4.62 8.62
C PHE A 54 6.41 -4.69 9.36
N PRO A 55 7.37 -5.43 8.79
CA PRO A 55 8.70 -5.60 9.39
C PRO A 55 9.53 -4.31 9.34
N GLN A 56 10.59 -4.27 10.13
CA GLN A 56 11.46 -3.09 10.16
C GLN A 56 11.76 -2.59 8.76
N MET A 57 11.47 -1.31 8.52
CA MET A 57 11.71 -0.71 7.21
C MET A 57 12.77 0.39 7.31
N THR A 58 13.31 0.79 6.16
CA THR A 58 14.33 1.82 6.11
C THR A 58 13.73 3.18 5.81
N SER A 59 14.56 4.22 5.86
CA SER A 59 14.10 5.58 5.59
C SER A 59 13.19 5.61 4.37
N TYR A 60 13.78 5.46 3.19
CA TYR A 60 13.02 5.48 1.95
C TYR A 60 11.77 4.60 2.06
N HIS A 61 11.98 3.29 2.17
CA HIS A 61 10.86 2.36 2.29
C HIS A 61 9.73 2.95 3.12
N ARG A 62 10.01 3.18 4.40
CA ARG A 62 9.01 3.74 5.30
C ARG A 62 8.22 4.86 4.62
N MET A 63 8.92 5.71 3.89
CA MET A 63 8.29 6.81 3.18
C MET A 63 7.37 6.30 2.08
N LEU A 64 7.96 5.64 1.08
CA LEU A 64 7.20 5.10 -0.03
C LEU A 64 5.86 4.55 0.44
N LEU A 65 5.90 3.73 1.49
CA LEU A 65 4.68 3.13 2.04
C LEU A 65 3.71 4.21 2.51
N HIS A 66 4.13 5.00 3.49
CA HIS A 66 3.30 6.07 4.02
C HIS A 66 2.50 6.74 2.91
N ARG A 67 3.13 6.92 1.75
CA ARG A 67 2.47 7.54 0.61
C ARG A 67 1.42 6.60 0.01
N VAL A 68 1.78 5.33 -0.12
CA VAL A 68 0.87 4.34 -0.69
C VAL A 68 -0.39 4.22 0.15
N ALA A 69 -0.23 4.11 1.47
CA ALA A 69 -1.36 3.99 2.38
C ALA A 69 -2.26 5.22 2.29
N ALA A 70 -1.66 6.40 2.39
CA ALA A 70 -2.41 7.64 2.32
C ALA A 70 -3.24 7.72 1.04
N TYR A 71 -2.65 7.29 -0.06
CA TYR A 71 -3.34 7.31 -1.35
C TYR A 71 -4.55 6.39 -1.34
N PHE A 72 -4.40 5.24 -0.70
CA PHE A 72 -5.49 4.26 -0.60
C PHE A 72 -6.44 4.62 0.53
N GLY A 73 -6.25 5.79 1.12
CA GLY A 73 -7.10 6.23 2.22
C GLY A 73 -6.96 5.35 3.44
N MET A 74 -5.73 5.06 3.82
CA MET A 74 -5.46 4.22 4.98
C MET A 74 -4.88 5.05 6.13
N ASP A 75 -4.98 4.52 7.35
CA ASP A 75 -4.47 5.22 8.53
C ASP A 75 -3.41 4.37 9.22
N HIS A 76 -2.14 4.76 9.06
CA HIS A 76 -1.04 4.04 9.68
C HIS A 76 -0.70 4.64 11.04
N ASN A 77 -0.02 3.85 11.87
CA ASN A 77 0.37 4.30 13.21
C ASN A 77 1.72 3.71 13.61
N VAL A 78 2.44 4.42 14.47
CA VAL A 78 3.74 3.96 14.94
C VAL A 78 3.61 3.13 16.21
N ASP A 79 4.57 2.24 16.42
CA ASP A 79 4.57 1.38 17.61
C ASP A 79 5.17 2.11 18.80
N GLN A 80 4.87 1.61 20.00
CA GLN A 80 5.38 2.21 21.23
C GLN A 80 6.86 2.55 21.09
N THR A 81 7.54 1.87 20.16
CA THR A 81 8.96 2.11 19.94
C THR A 81 9.17 3.04 18.74
N GLY A 82 8.33 2.90 17.73
CA GLY A 82 8.44 3.73 16.54
C GLY A 82 9.43 3.16 15.54
N LYS A 83 9.48 1.83 15.45
CA LYS A 83 10.38 1.16 14.52
C LYS A 83 9.63 0.68 13.29
N ALA A 84 8.54 -0.05 13.52
CA ALA A 84 7.73 -0.58 12.43
C ALA A 84 6.45 0.24 12.25
N VAL A 85 5.63 -0.16 11.28
CA VAL A 85 4.38 0.54 11.01
C VAL A 85 3.21 -0.45 10.94
N ILE A 86 2.11 -0.10 11.60
CA ILE A 86 0.93 -0.95 11.61
C ILE A 86 -0.29 -0.20 11.07
N ILE A 87 -1.00 -0.84 10.15
CA ILE A 87 -2.18 -0.24 9.55
C ILE A 87 -3.43 -1.07 9.84
N ASN A 88 -4.59 -0.41 9.83
CA ASN A 88 -5.85 -1.10 10.10
C ASN A 88 -6.86 -0.82 8.98
N LYS A 89 -7.83 -1.71 8.83
CA LYS A 89 -8.86 -1.56 7.81
C LYS A 89 -10.09 -0.87 8.38
N THR A 90 -10.52 0.21 7.73
CA THR A 90 -11.68 0.96 8.17
C THR A 90 -12.60 1.29 7.00
N SER A 91 -13.81 1.74 7.30
CA SER A 91 -14.78 2.09 6.28
C SER A 91 -14.19 3.10 5.30
N ASN A 92 -13.75 4.24 5.82
CA ASN A 92 -13.16 5.29 4.99
C ASN A 92 -12.27 4.70 3.91
N THR A 93 -11.57 3.62 4.27
CA THR A 93 -10.66 2.96 3.34
C THR A 93 -11.42 2.42 2.12
N ARG A 94 -11.20 3.06 0.98
CA ARG A 94 -11.87 2.65 -0.26
C ARG A 94 -10.87 2.55 -1.41
N ILE A 95 -11.30 1.94 -2.50
CA ILE A 95 -10.44 1.76 -3.67
C ILE A 95 -10.29 3.08 -4.43
N PRO A 96 -9.05 3.36 -4.87
CA PRO A 96 -8.74 4.58 -5.61
C PRO A 96 -9.35 4.57 -7.02
N GLU A 97 -9.47 5.75 -7.62
CA GLU A 97 -10.03 5.88 -8.95
C GLU A 97 -9.16 5.15 -9.98
N GLN A 98 -7.86 5.15 -9.75
CA GLN A 98 -6.92 4.51 -10.65
C GLN A 98 -5.76 3.88 -9.87
N ARG A 99 -5.31 2.72 -10.33
CA ARG A 99 -4.20 2.03 -9.67
C ARG A 99 -3.01 1.87 -10.63
N PHE A 100 -1.93 1.32 -10.12
CA PHE A 100 -0.73 1.11 -10.93
C PHE A 100 -0.98 0.08 -12.02
N SER A 101 -1.76 -0.94 -11.69
CA SER A 101 -2.07 -2.00 -12.65
C SER A 101 -2.76 -1.42 -13.89
N GLU A 102 -3.33 -0.24 -13.74
CA GLU A 102 -4.01 0.43 -14.85
C GLU A 102 -3.02 1.09 -15.79
N HIS A 103 -1.76 1.18 -15.35
CA HIS A 103 -0.71 1.79 -16.14
C HIS A 103 0.13 0.73 -16.85
N ILE A 104 0.01 -0.51 -16.40
CA ILE A 104 0.75 -1.62 -16.98
C ILE A 104 -0.20 -2.67 -17.56
N LYS A 105 -1.45 -2.29 -17.77
CA LYS A 105 -2.44 -3.20 -18.31
C LYS A 105 -2.41 -3.21 -19.84
N ASP A 106 -2.16 -4.38 -20.40
CA ASP A 106 -2.09 -4.53 -21.85
C ASP A 106 -2.96 -5.69 -22.32
N GLU A 107 -3.64 -5.50 -23.45
CA GLU A 107 -4.52 -6.53 -24.01
C GLU A 107 -3.91 -7.92 -23.79
N LYS A 108 -2.74 -8.15 -24.37
CA LYS A 108 -2.06 -9.43 -24.25
C LYS A 108 -0.81 -9.30 -23.40
N ASN A 109 -0.85 -9.84 -22.18
CA ASN A 109 0.29 -9.78 -21.27
C ASN A 109 0.53 -11.14 -20.63
N THR A 110 1.78 -11.37 -20.20
CA THR A 110 2.15 -12.63 -19.58
C THR A 110 3.10 -12.40 -18.41
N GLU A 111 2.59 -12.59 -17.20
CA GLU A 111 3.39 -12.41 -15.99
C GLU A 111 3.52 -13.71 -15.22
N PHE A 112 4.61 -13.85 -14.47
CA PHE A 112 4.86 -15.05 -13.68
C PHE A 112 4.82 -14.74 -12.19
N GLN A 113 4.57 -15.77 -11.38
CA GLN A 113 4.50 -15.61 -9.94
C GLN A 113 5.17 -16.78 -9.23
N GLN A 114 5.40 -16.61 -7.93
CA GLN A 114 6.03 -17.66 -7.13
C GLN A 114 5.75 -17.47 -5.64
N ARG A 115 6.17 -18.44 -4.84
CA ARG A 115 5.95 -18.37 -3.39
C ARG A 115 7.27 -18.45 -2.64
N PHE A 116 7.22 -18.22 -1.33
CA PHE A 116 8.41 -18.26 -0.50
C PHE A 116 8.09 -18.83 0.89
N ILE A 117 9.12 -19.02 1.70
CA ILE A 117 8.95 -19.54 3.05
C ILE A 117 9.14 -18.45 4.09
N LEU A 118 8.09 -18.17 4.85
CA LEU A 118 8.14 -17.14 5.89
C LEU A 118 8.63 -17.73 7.20
N SER A 119 8.01 -18.83 7.63
CA SER A 119 8.38 -19.50 8.87
C SER A 119 9.90 -19.51 9.04
N GLY A 120 10.36 -19.52 10.29
CA GLY A 120 11.78 -19.54 10.57
C GLY A 120 12.07 -19.71 12.05
N PRO A 121 13.18 -20.40 12.35
CA PRO A 121 13.60 -20.64 13.73
C PRO A 121 14.09 -19.38 14.42
N SER A 122 14.68 -19.54 15.60
CA SER A 122 15.19 -18.41 16.36
C SER A 122 14.08 -17.40 16.63
N SER A 123 12.97 -17.87 17.20
CA SER A 123 11.83 -17.02 17.51
C SER A 123 12.28 -15.75 18.22
N GLY A 124 12.94 -15.92 19.36
CA GLY A 124 13.42 -14.78 20.12
C GLY A 124 14.33 -13.88 19.30
N GLY A 1 -3.95 19.66 27.80
CA GLY A 1 -4.55 20.30 26.65
C GLY A 1 -5.76 19.55 26.12
N SER A 2 -6.71 20.29 25.56
CA SER A 2 -7.92 19.69 25.01
C SER A 2 -8.09 20.03 23.53
N SER A 3 -8.05 19.01 22.69
CA SER A 3 -8.20 19.20 21.25
C SER A 3 -8.84 17.98 20.60
N GLY A 4 -9.79 18.23 19.70
CA GLY A 4 -10.47 17.14 19.02
C GLY A 4 -9.67 16.59 17.85
N SER A 5 -10.18 15.53 17.25
CA SER A 5 -9.51 14.91 16.11
C SER A 5 -10.30 15.11 14.83
N SER A 6 -9.59 15.40 13.74
CA SER A 6 -10.23 15.61 12.44
C SER A 6 -9.77 14.58 11.42
N GLY A 7 -10.62 14.31 10.44
CA GLY A 7 -10.28 13.34 9.42
C GLY A 7 -10.58 13.85 8.02
N THR A 8 -9.66 13.58 7.09
CA THR A 8 -9.83 14.02 5.71
C THR A 8 -10.79 13.11 4.95
N ASP A 9 -11.31 13.60 3.83
CA ASP A 9 -12.23 12.83 3.02
C ASP A 9 -12.25 13.34 1.58
N SER A 10 -12.27 12.41 0.63
CA SER A 10 -12.27 12.76 -0.79
C SER A 10 -11.25 13.85 -1.08
N THR A 11 -10.01 13.62 -0.65
CA THR A 11 -8.93 14.57 -0.87
C THR A 11 -7.62 13.86 -1.18
N GLY A 12 -6.79 14.48 -2.02
CA GLY A 12 -5.52 13.89 -2.38
C GLY A 12 -4.40 14.92 -2.44
N ILE A 13 -3.51 14.89 -1.46
CA ILE A 13 -2.39 15.82 -1.41
C ILE A 13 -1.33 15.46 -2.44
N ASP A 14 -1.54 15.90 -3.68
CA ASP A 14 -0.60 15.63 -4.76
C ASP A 14 0.04 14.26 -4.59
N LEU A 15 -0.76 13.28 -4.17
CA LEU A 15 -0.27 11.93 -3.96
C LEU A 15 -0.11 11.20 -5.29
N HIS A 16 -1.21 11.10 -6.04
CA HIS A 16 -1.19 10.43 -7.34
C HIS A 16 0.03 10.86 -8.15
N GLU A 17 0.20 12.16 -8.30
CA GLU A 17 1.33 12.70 -9.06
C GLU A 17 2.65 12.15 -8.54
N PHE A 18 2.77 12.10 -7.21
CA PHE A 18 3.99 11.60 -6.58
C PHE A 18 4.18 10.12 -6.88
N LEU A 19 3.17 9.32 -6.59
CA LEU A 19 3.22 7.88 -6.83
C LEU A 19 3.62 7.59 -8.27
N VAL A 20 2.95 8.26 -9.21
CA VAL A 20 3.24 8.06 -10.62
C VAL A 20 4.62 8.59 -10.98
N ASN A 21 5.00 9.71 -10.38
CA ASN A 21 6.31 10.31 -10.63
C ASN A 21 7.43 9.35 -10.26
N THR A 22 7.36 8.81 -9.05
CA THR A 22 8.38 7.88 -8.57
C THR A 22 8.37 6.59 -9.39
N LEU A 23 7.19 6.16 -9.80
CA LEU A 23 7.04 4.94 -10.59
C LEU A 23 7.87 5.03 -11.87
N LYS A 24 7.71 6.13 -12.59
CA LYS A 24 8.44 6.34 -13.84
C LYS A 24 9.88 6.73 -13.57
N LYS A 25 10.08 7.92 -13.00
CA LYS A 25 11.40 8.42 -12.69
C LYS A 25 12.21 7.35 -11.94
N ASN A 26 11.58 6.71 -10.97
CA ASN A 26 12.24 5.67 -10.18
C ASN A 26 11.66 4.30 -10.49
N PRO A 27 12.12 3.70 -11.60
CA PRO A 27 11.65 2.38 -12.04
C PRO A 27 12.14 1.27 -11.12
N ARG A 28 13.36 1.42 -10.59
CA ARG A 28 13.94 0.43 -9.70
C ARG A 28 12.97 0.10 -8.56
N ASP A 29 12.12 1.05 -8.21
CA ASP A 29 11.14 0.85 -7.14
C ASP A 29 9.85 0.25 -7.68
N ARG A 30 9.67 0.35 -8.99
CA ARG A 30 8.46 -0.19 -9.64
C ARG A 30 8.06 -1.51 -9.00
N MET A 31 9.04 -2.37 -8.75
CA MET A 31 8.78 -3.68 -8.15
C MET A 31 8.17 -3.51 -6.76
N MET A 32 8.92 -2.88 -5.86
CA MET A 32 8.45 -2.67 -4.50
C MET A 32 7.03 -2.10 -4.50
N LEU A 33 6.89 -0.84 -4.91
CA LEU A 33 5.59 -0.18 -4.95
C LEU A 33 4.51 -1.16 -5.42
N LEU A 34 4.71 -1.72 -6.61
CA LEU A 34 3.75 -2.66 -7.18
C LEU A 34 3.38 -3.74 -6.16
N LYS A 35 4.40 -4.34 -5.56
CA LYS A 35 4.18 -5.38 -4.56
C LYS A 35 3.29 -4.89 -3.43
N LEU A 36 3.71 -3.79 -2.80
CA LEU A 36 2.95 -3.20 -1.69
C LEU A 36 1.48 -3.08 -2.06
N GLU A 37 1.21 -2.33 -3.12
CA GLU A 37 -0.17 -2.13 -3.57
C GLU A 37 -0.94 -3.44 -3.59
N GLN A 38 -0.32 -4.47 -4.17
CA GLN A 38 -0.96 -5.78 -4.25
C GLN A 38 -1.20 -6.37 -2.87
N GLU A 39 -0.13 -6.42 -2.06
CA GLU A 39 -0.23 -6.96 -0.71
C GLU A 39 -1.39 -6.31 0.05
N ILE A 40 -1.45 -4.99 0.00
CA ILE A 40 -2.51 -4.26 0.69
C ILE A 40 -3.89 -4.72 0.22
N LEU A 41 -4.06 -4.82 -1.09
CA LEU A 41 -5.32 -5.25 -1.67
C LEU A 41 -5.81 -6.54 -1.01
N GLU A 42 -4.98 -7.58 -1.06
CA GLU A 42 -5.32 -8.87 -0.47
C GLU A 42 -5.75 -8.70 0.98
N PHE A 43 -5.00 -7.89 1.73
CA PHE A 43 -5.31 -7.65 3.13
C PHE A 43 -6.69 -7.03 3.29
N ILE A 44 -6.97 -6.00 2.48
CA ILE A 44 -8.25 -5.32 2.53
C ILE A 44 -9.41 -6.31 2.37
N ASN A 45 -9.27 -7.22 1.42
CA ASN A 45 -10.30 -8.22 1.16
C ASN A 45 -10.54 -9.09 2.40
N ASP A 46 -9.45 -9.58 2.98
CA ASP A 46 -9.53 -10.42 4.17
C ASP A 46 -10.28 -9.70 5.29
N ASN A 47 -11.42 -10.26 5.69
CA ASN A 47 -12.23 -9.67 6.76
C ASN A 47 -11.84 -10.25 8.11
N ASN A 48 -11.24 -11.44 8.10
CA ASN A 48 -10.82 -12.10 9.33
C ASN A 48 -9.93 -11.18 10.16
N ASN A 49 -8.90 -10.63 9.53
CA ASN A 49 -7.98 -9.74 10.21
C ASN A 49 -8.24 -8.28 9.82
N GLN A 50 -8.45 -7.43 10.83
CA GLN A 50 -8.71 -6.02 10.59
C GLN A 50 -7.48 -5.17 10.90
N PHE A 51 -6.31 -5.67 10.49
CA PHE A 51 -5.07 -4.96 10.73
C PHE A 51 -3.93 -5.58 9.92
N LYS A 52 -2.93 -4.75 9.59
CA LYS A 52 -1.79 -5.21 8.81
C LYS A 52 -0.50 -4.64 9.36
N LYS A 53 0.52 -5.49 9.53
CA LYS A 53 1.80 -5.06 10.04
C LYS A 53 2.93 -5.42 9.06
N PHE A 54 3.89 -4.51 8.92
CA PHE A 54 5.02 -4.73 8.02
C PHE A 54 6.33 -4.82 8.80
N PRO A 55 7.33 -5.49 8.20
CA PRO A 55 8.65 -5.67 8.82
C PRO A 55 9.42 -4.35 8.89
N GLN A 56 10.41 -4.31 9.78
CA GLN A 56 11.23 -3.11 9.96
C GLN A 56 11.67 -2.55 8.60
N MET A 57 11.37 -1.28 8.37
CA MET A 57 11.74 -0.64 7.12
C MET A 57 12.67 0.56 7.37
N THR A 58 13.42 0.94 6.35
CA THR A 58 14.35 2.06 6.46
C THR A 58 13.62 3.39 6.28
N SER A 59 14.35 4.49 6.51
CA SER A 59 13.77 5.82 6.37
C SER A 59 13.08 5.98 5.03
N TYR A 60 13.77 5.63 3.96
CA TYR A 60 13.22 5.73 2.62
C TYR A 60 11.89 4.98 2.51
N HIS A 61 11.94 3.66 2.70
CA HIS A 61 10.75 2.83 2.62
C HIS A 61 9.63 3.42 3.48
N ARG A 62 9.95 3.74 4.73
CA ARG A 62 8.97 4.30 5.65
C ARG A 62 8.05 5.28 4.92
N MET A 63 8.64 6.22 4.20
CA MET A 63 7.87 7.21 3.46
C MET A 63 7.09 6.56 2.33
N LEU A 64 7.79 5.84 1.47
CA LEU A 64 7.17 5.16 0.34
C LEU A 64 5.85 4.51 0.75
N LEU A 65 5.91 3.65 1.77
CA LEU A 65 4.71 2.98 2.24
C LEU A 65 3.66 3.98 2.71
N HIS A 66 4.04 4.83 3.66
CA HIS A 66 3.13 5.85 4.18
C HIS A 66 2.39 6.55 3.05
N ARG A 67 3.07 6.73 1.92
CA ARG A 67 2.47 7.39 0.77
C ARG A 67 1.37 6.52 0.16
N VAL A 68 1.71 5.28 -0.16
CA VAL A 68 0.75 4.35 -0.76
C VAL A 68 -0.50 4.24 0.11
N ALA A 69 -0.31 3.90 1.39
CA ALA A 69 -1.42 3.75 2.31
C ALA A 69 -2.29 5.00 2.33
N ALA A 70 -1.65 6.15 2.48
CA ALA A 70 -2.37 7.43 2.51
C ALA A 70 -3.20 7.62 1.25
N TYR A 71 -2.67 7.16 0.12
CA TYR A 71 -3.37 7.28 -1.15
C TYR A 71 -4.59 6.39 -1.19
N PHE A 72 -4.51 5.24 -0.52
CA PHE A 72 -5.62 4.29 -0.47
C PHE A 72 -6.53 4.58 0.72
N GLY A 73 -6.52 5.83 1.17
CA GLY A 73 -7.34 6.20 2.30
C GLY A 73 -7.08 5.35 3.53
N MET A 74 -5.81 5.03 3.76
CA MET A 74 -5.43 4.21 4.91
C MET A 74 -4.75 5.06 5.98
N ASP A 75 -4.93 4.67 7.24
CA ASP A 75 -4.35 5.40 8.35
C ASP A 75 -3.25 4.57 9.02
N HIS A 76 -2.01 5.04 8.92
CA HIS A 76 -0.88 4.34 9.51
C HIS A 76 -0.62 4.83 10.93
N ASN A 77 -0.08 3.94 11.77
CA ASN A 77 0.21 4.30 13.15
C ASN A 77 1.55 3.70 13.60
N VAL A 78 2.15 4.29 14.62
CA VAL A 78 3.43 3.81 15.14
C VAL A 78 3.23 3.01 16.42
N ASP A 79 4.18 2.13 16.70
CA ASP A 79 4.12 1.29 17.90
C ASP A 79 4.61 2.06 19.13
N GLN A 80 4.43 1.47 20.30
CA GLN A 80 4.85 2.10 21.54
C GLN A 80 6.12 2.93 21.34
N THR A 81 7.06 2.38 20.57
CA THR A 81 8.32 3.06 20.29
C THR A 81 8.53 3.23 18.80
N GLY A 82 7.68 2.59 18.00
CA GLY A 82 7.79 2.69 16.56
C GLY A 82 8.71 1.63 15.98
N LYS A 83 8.95 0.57 16.73
CA LYS A 83 9.82 -0.51 16.28
C LYS A 83 9.39 -1.01 14.90
N ALA A 84 8.16 -0.70 14.53
CA ALA A 84 7.63 -1.12 13.23
C ALA A 84 6.39 -0.31 12.84
N VAL A 85 6.12 -0.24 11.55
CA VAL A 85 4.97 0.50 11.05
C VAL A 85 3.75 -0.39 10.91
N ILE A 86 2.63 0.02 11.52
CA ILE A 86 1.41 -0.75 11.46
C ILE A 86 0.28 0.06 10.81
N ILE A 87 -0.59 -0.63 10.07
CA ILE A 87 -1.70 0.02 9.40
C ILE A 87 -2.99 -0.77 9.60
N ASN A 88 -4.11 -0.15 9.22
CA ASN A 88 -5.42 -0.80 9.34
C ASN A 88 -6.32 -0.44 8.16
N LYS A 89 -7.45 -1.14 8.06
CA LYS A 89 -8.40 -0.89 6.97
C LYS A 89 -9.61 -0.13 7.49
N THR A 90 -9.98 0.93 6.78
CA THR A 90 -11.13 1.75 7.16
C THR A 90 -12.09 1.92 5.98
N SER A 91 -13.33 2.31 6.29
CA SER A 91 -14.34 2.51 5.26
C SER A 91 -13.81 3.40 4.15
N ASN A 92 -13.32 4.58 4.52
CA ASN A 92 -12.78 5.53 3.55
C ASN A 92 -11.90 4.81 2.52
N THR A 93 -11.18 3.79 2.97
CA THR A 93 -10.31 3.03 2.10
C THR A 93 -11.09 2.39 0.96
N ARG A 94 -10.83 2.84 -0.27
CA ARG A 94 -11.52 2.32 -1.44
C ARG A 94 -10.55 2.11 -2.59
N ILE A 95 -10.99 1.40 -3.61
CA ILE A 95 -10.16 1.13 -4.78
C ILE A 95 -10.00 2.37 -5.65
N PRO A 96 -8.75 2.66 -6.05
CA PRO A 96 -8.43 3.82 -6.89
C PRO A 96 -8.97 3.66 -8.31
N GLU A 97 -9.34 4.78 -8.91
CA GLU A 97 -9.86 4.78 -10.28
C GLU A 97 -8.90 4.08 -11.23
N GLN A 98 -7.60 4.21 -10.94
CA GLN A 98 -6.58 3.60 -11.78
C GLN A 98 -5.45 3.04 -10.92
N ARG A 99 -5.08 1.79 -11.18
CA ARG A 99 -4.01 1.13 -10.43
C ARG A 99 -2.68 1.24 -11.17
N PHE A 100 -1.59 0.97 -10.46
CA PHE A 100 -0.25 1.04 -11.05
C PHE A 100 -0.12 0.08 -12.22
N SER A 101 -0.75 -1.08 -12.09
CA SER A 101 -0.72 -2.10 -13.14
C SER A 101 -1.29 -1.56 -14.45
N GLU A 102 -1.97 -0.43 -14.36
CA GLU A 102 -2.57 0.19 -15.53
C GLU A 102 -1.58 1.10 -16.25
N HIS A 103 -0.56 1.53 -15.52
CA HIS A 103 0.47 2.39 -16.09
C HIS A 103 1.51 1.58 -16.85
N ILE A 104 1.75 0.37 -16.39
CA ILE A 104 2.73 -0.52 -17.02
C ILE A 104 2.04 -1.59 -17.86
N LYS A 105 0.79 -1.32 -18.24
CA LYS A 105 0.02 -2.26 -19.05
C LYS A 105 0.46 -2.21 -20.52
N ASP A 106 0.54 -3.37 -21.14
CA ASP A 106 0.94 -3.46 -22.55
C ASP A 106 -0.27 -3.53 -23.45
N GLU A 107 -0.30 -2.67 -24.47
CA GLU A 107 -1.41 -2.63 -25.41
C GLU A 107 -1.20 -3.63 -26.55
N LYS A 108 -0.14 -4.43 -26.44
CA LYS A 108 0.18 -5.43 -27.45
C LYS A 108 -0.81 -6.58 -27.40
N ASN A 109 -1.28 -7.01 -28.57
CA ASN A 109 -2.24 -8.10 -28.66
C ASN A 109 -1.57 -9.36 -29.22
N THR A 110 -0.88 -10.09 -28.35
CA THR A 110 -0.20 -11.32 -28.76
C THR A 110 -0.29 -12.38 -27.67
N GLU A 111 -0.43 -13.63 -28.08
CA GLU A 111 -0.53 -14.75 -27.14
C GLU A 111 0.78 -14.91 -26.36
N PHE A 112 0.90 -14.16 -25.27
CA PHE A 112 2.08 -14.22 -24.43
C PHE A 112 1.93 -15.27 -23.33
N GLN A 113 3.00 -15.49 -22.57
CA GLN A 113 2.98 -16.47 -21.49
C GLN A 113 3.90 -16.03 -20.36
N GLN A 114 3.46 -16.28 -19.12
CA GLN A 114 4.25 -15.92 -17.95
C GLN A 114 3.84 -16.76 -16.74
N ARG A 115 4.68 -16.74 -15.71
CA ARG A 115 4.41 -17.51 -14.50
C ARG A 115 4.67 -16.66 -13.25
N PHE A 116 3.80 -16.80 -12.26
CA PHE A 116 3.93 -16.05 -11.02
C PHE A 116 3.59 -16.92 -9.82
N ILE A 117 4.08 -16.53 -8.64
CA ILE A 117 3.82 -17.27 -7.42
C ILE A 117 2.92 -16.48 -6.47
N LEU A 118 1.95 -17.15 -5.89
CA LEU A 118 1.02 -16.51 -4.97
C LEU A 118 0.95 -17.28 -3.65
N SER A 119 0.76 -18.58 -3.73
CA SER A 119 0.67 -19.43 -2.55
C SER A 119 1.67 -18.98 -1.49
N GLY A 120 1.37 -19.28 -0.23
CA GLY A 120 2.25 -18.90 0.85
C GLY A 120 1.59 -19.03 2.21
N PRO A 121 1.58 -20.26 2.75
CA PRO A 121 0.98 -20.55 4.05
C PRO A 121 1.77 -19.94 5.20
N SER A 122 1.07 -19.64 6.30
CA SER A 122 1.72 -19.05 7.47
C SER A 122 1.29 -19.78 8.74
N SER A 123 2.27 -20.06 9.61
CA SER A 123 2.00 -20.75 10.86
C SER A 123 1.37 -19.81 11.88
N GLY A 124 0.48 -20.35 12.71
CA GLY A 124 -0.17 -19.55 13.73
C GLY A 124 0.62 -19.48 15.02
N GLY A 1 -19.87 1.05 19.00
CA GLY A 1 -18.71 1.30 18.16
C GLY A 1 -18.99 2.29 17.05
N SER A 2 -18.25 3.40 17.05
CA SER A 2 -18.42 4.44 16.05
C SER A 2 -18.73 3.82 14.68
N SER A 3 -19.57 4.50 13.91
CA SER A 3 -19.95 4.02 12.58
C SER A 3 -18.79 4.17 11.59
N GLY A 4 -18.32 5.40 11.44
CA GLY A 4 -17.22 5.65 10.52
C GLY A 4 -16.24 6.68 11.06
N SER A 5 -15.43 7.24 10.17
CA SER A 5 -14.44 8.24 10.57
C SER A 5 -14.44 9.42 9.61
N SER A 6 -14.54 10.64 10.16
CA SER A 6 -14.55 11.85 9.35
C SER A 6 -14.16 13.07 10.18
N GLY A 7 -13.82 14.15 9.51
CA GLY A 7 -13.43 15.37 10.20
C GLY A 7 -13.17 16.52 9.25
N THR A 8 -14.05 16.70 8.28
CA THR A 8 -13.91 17.77 7.29
C THR A 8 -12.45 17.98 6.93
N ASP A 9 -11.73 16.89 6.74
CA ASP A 9 -10.31 16.96 6.39
C ASP A 9 -9.86 15.69 5.67
N SER A 10 -8.65 15.72 5.11
CA SER A 10 -8.12 14.58 4.39
C SER A 10 -6.59 14.65 4.34
N THR A 11 -5.94 13.51 4.62
CA THR A 11 -4.49 13.44 4.60
C THR A 11 -3.98 12.88 3.27
N GLY A 12 -3.27 13.72 2.52
CA GLY A 12 -2.74 13.30 1.24
C GLY A 12 -3.04 14.29 0.13
N ILE A 13 -2.27 15.37 0.08
CA ILE A 13 -2.47 16.40 -0.94
C ILE A 13 -1.65 16.09 -2.19
N ASP A 14 -2.26 16.28 -3.35
CA ASP A 14 -1.59 16.03 -4.63
C ASP A 14 -0.67 14.82 -4.51
N LEU A 15 -1.16 13.75 -3.90
CA LEU A 15 -0.38 12.53 -3.73
C LEU A 15 0.04 11.97 -5.09
N HIS A 16 -0.95 11.68 -5.94
CA HIS A 16 -0.67 11.14 -7.26
C HIS A 16 0.56 11.80 -7.89
N GLU A 17 0.66 13.12 -7.71
CA GLU A 17 1.78 13.87 -8.26
C GLU A 17 3.11 13.24 -7.84
N PHE A 18 3.25 12.98 -6.55
CA PHE A 18 4.48 12.38 -6.02
C PHE A 18 4.65 10.96 -6.54
N LEU A 19 3.61 10.14 -6.40
CA LEU A 19 3.65 8.75 -6.86
C LEU A 19 4.20 8.67 -8.29
N VAL A 20 3.64 9.49 -9.18
CA VAL A 20 4.08 9.51 -10.57
C VAL A 20 5.53 9.93 -10.68
N ASN A 21 5.88 11.05 -10.05
CA ASN A 21 7.25 11.55 -10.08
C ASN A 21 8.25 10.43 -9.91
N THR A 22 8.10 9.67 -8.82
CA THR A 22 9.00 8.55 -8.54
C THR A 22 8.90 7.47 -9.60
N LEU A 23 7.67 7.18 -10.03
CA LEU A 23 7.44 6.17 -11.05
C LEU A 23 8.32 6.42 -12.27
N LYS A 24 8.55 7.69 -12.58
CA LYS A 24 9.38 8.07 -13.72
C LYS A 24 10.84 8.18 -13.32
N LYS A 25 11.12 8.97 -12.29
CA LYS A 25 12.48 9.16 -11.80
C LYS A 25 13.14 7.82 -11.52
N ASN A 26 12.50 7.02 -10.67
CA ASN A 26 13.02 5.70 -10.31
C ASN A 26 12.09 4.59 -10.79
N PRO A 27 12.23 4.22 -12.07
CA PRO A 27 11.41 3.17 -12.69
C PRO A 27 11.74 1.78 -12.14
N ARG A 28 12.84 1.70 -11.38
CA ARG A 28 13.27 0.43 -10.80
C ARG A 28 12.51 0.13 -9.51
N ASP A 29 12.14 1.19 -8.79
CA ASP A 29 11.41 1.04 -7.54
C ASP A 29 10.02 0.45 -7.79
N ARG A 30 9.61 0.44 -9.05
CA ARG A 30 8.30 -0.09 -9.42
C ARG A 30 8.01 -1.39 -8.68
N MET A 31 8.99 -2.30 -8.68
CA MET A 31 8.84 -3.58 -8.00
C MET A 31 8.40 -3.39 -6.56
N MET A 32 9.02 -2.44 -5.88
CA MET A 32 8.70 -2.15 -4.49
C MET A 32 7.28 -1.59 -4.37
N LEU A 33 7.07 -0.39 -4.90
CA LEU A 33 5.77 0.25 -4.86
C LEU A 33 4.66 -0.71 -5.28
N LEU A 34 4.83 -1.32 -6.44
CA LEU A 34 3.86 -2.27 -6.96
C LEU A 34 3.56 -3.37 -5.94
N LYS A 35 4.60 -4.05 -5.50
CA LYS A 35 4.46 -5.12 -4.52
C LYS A 35 3.60 -4.67 -3.35
N LEU A 36 4.07 -3.66 -2.62
CA LEU A 36 3.35 -3.13 -1.47
C LEU A 36 1.86 -2.99 -1.79
N GLU A 37 1.56 -2.30 -2.88
CA GLU A 37 0.17 -2.08 -3.30
C GLU A 37 -0.57 -3.42 -3.37
N GLN A 38 0.10 -4.44 -3.89
CA GLN A 38 -0.50 -5.76 -4.02
C GLN A 38 -0.88 -6.32 -2.65
N GLU A 39 0.06 -6.30 -1.72
CA GLU A 39 -0.17 -6.81 -0.38
C GLU A 39 -1.36 -6.10 0.27
N ILE A 40 -1.42 -4.78 0.10
CA ILE A 40 -2.50 -3.99 0.67
C ILE A 40 -3.86 -4.45 0.14
N LEU A 41 -3.94 -4.61 -1.18
CA LEU A 41 -5.18 -5.04 -1.82
C LEU A 41 -5.70 -6.32 -1.19
N GLU A 42 -4.85 -7.35 -1.16
CA GLU A 42 -5.23 -8.63 -0.58
C GLU A 42 -5.68 -8.46 0.87
N PHE A 43 -4.92 -7.69 1.64
CA PHE A 43 -5.24 -7.45 3.04
C PHE A 43 -6.67 -6.92 3.18
N ILE A 44 -7.00 -5.90 2.40
CA ILE A 44 -8.33 -5.31 2.44
C ILE A 44 -9.41 -6.35 2.17
N ASN A 45 -9.17 -7.21 1.18
CA ASN A 45 -10.12 -8.25 0.83
C ASN A 45 -10.47 -9.10 2.05
N ASP A 46 -9.45 -9.60 2.72
CA ASP A 46 -9.65 -10.43 3.92
C ASP A 46 -10.36 -9.64 5.02
N ASN A 47 -11.49 -10.14 5.47
CA ASN A 47 -12.27 -9.48 6.52
C ASN A 47 -11.82 -9.96 7.90
N ASN A 48 -11.50 -11.24 8.00
CA ASN A 48 -11.07 -11.83 9.27
C ASN A 48 -10.05 -10.92 9.96
N ASN A 49 -9.19 -10.30 9.17
CA ASN A 49 -8.16 -9.41 9.69
C ASN A 49 -8.65 -7.96 9.68
N GLN A 50 -8.07 -7.14 10.54
CA GLN A 50 -8.43 -5.72 10.63
C GLN A 50 -7.19 -4.84 10.56
N PHE A 51 -6.11 -5.29 11.19
CA PHE A 51 -4.87 -4.55 11.21
C PHE A 51 -3.75 -5.32 10.51
N LYS A 52 -2.72 -4.59 10.07
CA LYS A 52 -1.60 -5.20 9.39
C LYS A 52 -0.28 -4.60 9.86
N LYS A 53 0.69 -5.45 10.18
CA LYS A 53 2.00 -5.00 10.64
C LYS A 53 3.07 -5.33 9.61
N PHE A 54 3.70 -4.29 9.06
CA PHE A 54 4.76 -4.47 8.07
C PHE A 54 6.08 -4.79 8.74
N PRO A 55 6.94 -5.55 8.03
CA PRO A 55 8.26 -5.95 8.53
C PRO A 55 9.22 -4.77 8.62
N GLN A 56 10.27 -4.94 9.41
CA GLN A 56 11.27 -3.89 9.59
C GLN A 56 12.02 -3.62 8.29
N MET A 57 11.67 -2.53 7.63
CA MET A 57 12.29 -2.16 6.37
C MET A 57 13.14 -0.89 6.53
N THR A 58 13.83 -0.51 5.47
CA THR A 58 14.67 0.68 5.50
C THR A 58 13.85 1.95 5.35
N SER A 59 14.39 3.06 5.84
CA SER A 59 13.69 4.34 5.77
C SER A 59 12.98 4.51 4.42
N TYR A 60 13.76 4.44 3.34
CA TYR A 60 13.20 4.58 2.00
C TYR A 60 11.85 3.88 1.89
N HIS A 61 11.86 2.56 2.06
CA HIS A 61 10.63 1.78 1.99
C HIS A 61 9.53 2.40 2.85
N ARG A 62 9.86 2.67 4.11
CA ARG A 62 8.92 3.25 5.04
C ARG A 62 8.12 4.37 4.38
N MET A 63 8.83 5.35 3.82
CA MET A 63 8.19 6.48 3.15
C MET A 63 7.26 5.99 2.05
N LEU A 64 7.82 5.26 1.08
CA LEU A 64 7.04 4.74 -0.03
C LEU A 64 5.68 4.24 0.45
N LEU A 65 5.67 3.46 1.53
CA LEU A 65 4.44 2.92 2.08
C LEU A 65 3.52 4.04 2.57
N HIS A 66 4.02 4.85 3.49
CA HIS A 66 3.25 5.96 4.04
C HIS A 66 2.41 6.61 2.95
N ARG A 67 2.99 6.75 1.76
CA ARG A 67 2.29 7.37 0.64
C ARG A 67 1.18 6.46 0.12
N VAL A 68 1.55 5.24 -0.26
CA VAL A 68 0.58 4.28 -0.77
C VAL A 68 -0.61 4.14 0.17
N ALA A 69 -0.33 3.82 1.42
CA ALA A 69 -1.38 3.66 2.42
C ALA A 69 -2.27 4.90 2.47
N ALA A 70 -1.68 6.05 2.72
CA ALA A 70 -2.42 7.30 2.80
C ALA A 70 -3.20 7.55 1.51
N TYR A 71 -2.70 7.02 0.40
CA TYR A 71 -3.34 7.19 -0.89
C TYR A 71 -4.59 6.33 -0.99
N PHE A 72 -4.58 5.20 -0.30
CA PHE A 72 -5.71 4.27 -0.31
C PHE A 72 -6.62 4.52 0.89
N GLY A 73 -6.54 5.73 1.45
CA GLY A 73 -7.36 6.07 2.60
C GLY A 73 -7.09 5.17 3.79
N MET A 74 -5.83 4.79 3.97
CA MET A 74 -5.44 3.93 5.08
C MET A 74 -4.88 4.75 6.23
N ASP A 75 -5.32 4.44 7.45
CA ASP A 75 -4.86 5.14 8.63
C ASP A 75 -3.83 4.32 9.40
N HIS A 76 -2.56 4.60 9.17
CA HIS A 76 -1.47 3.88 9.83
C HIS A 76 -1.00 4.64 11.07
N ASN A 77 -0.17 3.98 11.87
CA ASN A 77 0.36 4.59 13.09
C ASN A 77 1.66 3.93 13.51
N VAL A 78 2.45 4.64 14.30
CA VAL A 78 3.72 4.11 14.78
C VAL A 78 3.54 3.29 16.06
N ASP A 79 4.38 2.27 16.22
CA ASP A 79 4.31 1.41 17.39
C ASP A 79 4.95 2.09 18.60
N GLN A 80 4.79 1.47 19.76
CA GLN A 80 5.34 2.01 21.00
C GLN A 80 6.76 2.54 20.77
N THR A 81 7.59 1.74 20.09
CA THR A 81 8.95 2.12 19.80
C THR A 81 9.04 2.95 18.53
N GLY A 82 8.20 2.62 17.56
CA GLY A 82 8.18 3.35 16.31
C GLY A 82 8.98 2.64 15.22
N LYS A 83 9.72 1.61 15.61
CA LYS A 83 10.52 0.84 14.66
C LYS A 83 9.70 0.48 13.43
N ALA A 84 8.64 -0.28 13.65
CA ALA A 84 7.77 -0.69 12.55
C ALA A 84 6.47 0.11 12.54
N VAL A 85 5.73 -0.01 11.44
CA VAL A 85 4.47 0.72 11.30
C VAL A 85 3.32 -0.24 11.00
N ILE A 86 2.16 0.03 11.58
CA ILE A 86 0.98 -0.80 11.38
C ILE A 86 -0.15 -0.02 10.72
N ILE A 87 -0.78 -0.62 9.73
CA ILE A 87 -1.88 0.02 9.01
C ILE A 87 -3.22 -0.64 9.34
N ASN A 88 -4.29 -0.10 8.79
CA ASN A 88 -5.63 -0.63 9.02
C ASN A 88 -6.53 -0.37 7.83
N LYS A 89 -7.71 -0.99 7.84
CA LYS A 89 -8.68 -0.82 6.76
C LYS A 89 -10.02 -0.32 7.30
N THR A 90 -10.61 0.64 6.59
CA THR A 90 -11.89 1.20 7.00
C THR A 90 -12.81 1.39 5.80
N SER A 91 -14.09 1.58 6.08
CA SER A 91 -15.08 1.77 5.02
C SER A 91 -14.60 2.80 4.00
N ASN A 92 -13.97 3.86 4.50
CA ASN A 92 -13.46 4.92 3.63
C ASN A 92 -12.49 4.35 2.60
N THR A 93 -11.71 3.36 3.00
CA THR A 93 -10.74 2.73 2.12
C THR A 93 -11.43 2.14 0.89
N ARG A 94 -11.37 2.87 -0.23
CA ARG A 94 -11.99 2.42 -1.47
C ARG A 94 -10.94 2.27 -2.56
N ILE A 95 -11.30 1.54 -3.61
CA ILE A 95 -10.39 1.32 -4.73
C ILE A 95 -10.26 2.57 -5.60
N PRO A 96 -9.01 2.94 -5.91
CA PRO A 96 -8.73 4.12 -6.74
C PRO A 96 -9.13 3.92 -8.19
N GLU A 97 -9.61 5.00 -8.82
CA GLU A 97 -10.04 4.94 -10.21
C GLU A 97 -9.03 4.17 -11.06
N GLN A 98 -7.75 4.49 -10.87
CA GLN A 98 -6.68 3.84 -11.62
C GLN A 98 -5.56 3.39 -10.69
N ARG A 99 -4.97 2.24 -10.99
CA ARG A 99 -3.89 1.70 -10.18
C ARG A 99 -2.54 2.00 -10.82
N PHE A 100 -1.46 1.63 -10.13
CA PHE A 100 -0.11 1.87 -10.62
C PHE A 100 0.25 0.86 -11.71
N SER A 101 -0.60 -0.15 -11.87
CA SER A 101 -0.37 -1.19 -12.87
C SER A 101 -0.40 -0.60 -14.27
N GLU A 102 -1.31 0.33 -14.50
CA GLU A 102 -1.44 0.98 -15.80
C GLU A 102 -0.08 1.32 -16.38
N HIS A 103 0.87 1.65 -15.50
CA HIS A 103 2.21 2.01 -15.92
C HIS A 103 2.94 0.80 -16.51
N ILE A 104 2.74 -0.37 -15.89
CA ILE A 104 3.36 -1.60 -16.35
C ILE A 104 2.36 -2.48 -17.08
N LYS A 105 1.38 -1.86 -17.73
CA LYS A 105 0.37 -2.60 -18.47
C LYS A 105 1.00 -3.49 -19.53
N ASP A 106 0.32 -4.57 -19.87
CA ASP A 106 0.81 -5.50 -20.88
C ASP A 106 -0.33 -6.09 -21.70
N GLU A 107 -0.19 -6.07 -23.02
CA GLU A 107 -1.22 -6.58 -23.91
C GLU A 107 -1.50 -8.06 -23.61
N LYS A 108 -0.43 -8.84 -23.48
CA LYS A 108 -0.56 -10.27 -23.19
C LYS A 108 0.42 -10.69 -22.11
N ASN A 109 -0.12 -11.20 -21.00
CA ASN A 109 0.71 -11.65 -19.89
C ASN A 109 0.00 -12.74 -19.09
N THR A 110 0.73 -13.82 -18.80
CA THR A 110 0.17 -14.94 -18.06
C THR A 110 -0.74 -14.45 -16.94
N GLU A 111 -1.76 -15.25 -16.62
CA GLU A 111 -2.71 -14.89 -15.57
C GLU A 111 -3.10 -16.12 -14.75
N PHE A 112 -2.96 -16.01 -13.43
CA PHE A 112 -3.30 -17.12 -12.54
C PHE A 112 -4.13 -16.63 -11.36
N GLN A 113 -4.95 -17.51 -10.82
CA GLN A 113 -5.80 -17.16 -9.68
C GLN A 113 -5.41 -17.96 -8.45
N GLN A 114 -4.70 -17.33 -7.53
CA GLN A 114 -4.25 -17.98 -6.30
C GLN A 114 -4.16 -16.99 -5.16
N ARG A 115 -4.98 -17.20 -4.12
CA ARG A 115 -4.99 -16.33 -2.95
C ARG A 115 -5.56 -17.05 -1.74
N PHE A 116 -4.68 -17.35 -0.78
CA PHE A 116 -5.09 -18.05 0.43
C PHE A 116 -4.50 -17.38 1.67
N ILE A 117 -5.24 -17.43 2.77
CA ILE A 117 -4.78 -16.82 4.02
C ILE A 117 -5.73 -17.15 5.17
N LEU A 118 -5.16 -17.65 6.27
CA LEU A 118 -5.96 -18.01 7.44
C LEU A 118 -5.15 -17.82 8.72
N SER A 119 -5.82 -17.36 9.77
CA SER A 119 -5.16 -17.13 11.06
C SER A 119 -6.00 -17.69 12.20
N GLY A 120 -5.33 -18.08 13.28
CA GLY A 120 -6.02 -18.64 14.43
C GLY A 120 -5.22 -18.53 15.71
N PRO A 121 -5.27 -17.34 16.34
CA PRO A 121 -4.54 -17.09 17.59
C PRO A 121 -5.12 -17.85 18.77
N SER A 122 -4.38 -17.90 19.87
CA SER A 122 -4.82 -18.61 21.07
C SER A 122 -4.99 -17.64 22.23
N SER A 123 -3.98 -16.79 22.44
CA SER A 123 -4.02 -15.81 23.53
C SER A 123 -3.23 -14.56 23.16
N GLY A 124 -3.95 -13.45 23.00
CA GLY A 124 -3.30 -12.20 22.65
C GLY A 124 -4.03 -11.45 21.54
N GLY A 1 -14.60 -4.71 22.88
CA GLY A 1 -14.81 -3.75 21.81
C GLY A 1 -14.42 -2.35 22.22
N SER A 2 -15.33 -1.40 21.98
CA SER A 2 -15.07 0.00 22.32
C SER A 2 -14.00 0.59 21.41
N SER A 3 -14.11 0.31 20.12
CA SER A 3 -13.15 0.82 19.15
C SER A 3 -13.85 1.63 18.06
N GLY A 4 -13.37 2.85 17.85
CA GLY A 4 -13.95 3.71 16.85
C GLY A 4 -12.94 4.20 15.83
N SER A 5 -13.42 4.88 14.79
CA SER A 5 -12.54 5.40 13.74
C SER A 5 -13.09 6.69 13.17
N SER A 6 -12.28 7.37 12.36
CA SER A 6 -12.68 8.63 11.75
C SER A 6 -11.72 9.03 10.64
N GLY A 7 -12.13 9.99 9.81
CA GLY A 7 -11.29 10.44 8.73
C GLY A 7 -11.20 11.95 8.64
N THR A 8 -10.52 12.46 7.62
CA THR A 8 -10.38 13.89 7.43
C THR A 8 -10.05 14.23 5.97
N ASP A 9 -10.33 15.46 5.59
CA ASP A 9 -10.07 15.92 4.22
C ASP A 9 -8.59 16.24 4.03
N SER A 10 -7.80 15.20 3.79
CA SER A 10 -6.36 15.38 3.59
C SER A 10 -6.06 15.78 2.15
N THR A 11 -6.60 16.92 1.73
CA THR A 11 -6.39 17.41 0.38
C THR A 11 -5.21 18.37 0.32
N GLY A 12 -4.50 18.37 -0.81
CA GLY A 12 -3.35 19.25 -0.96
C GLY A 12 -2.22 18.60 -1.72
N ILE A 13 -1.53 17.67 -1.07
CA ILE A 13 -0.41 16.97 -1.68
C ILE A 13 -0.90 15.97 -2.73
N ASP A 14 -0.70 16.31 -4.00
CA ASP A 14 -1.13 15.44 -5.09
C ASP A 14 -0.35 14.13 -5.08
N LEU A 15 -0.86 13.15 -4.36
CA LEU A 15 -0.21 11.84 -4.25
C LEU A 15 0.03 11.24 -5.65
N HIS A 16 -1.06 11.00 -6.37
CA HIS A 16 -0.97 10.44 -7.72
C HIS A 16 0.23 11.01 -8.46
N GLU A 17 0.34 12.33 -8.48
CA GLU A 17 1.44 13.00 -9.17
C GLU A 17 2.79 12.45 -8.70
N PHE A 18 3.07 12.61 -7.42
CA PHE A 18 4.32 12.13 -6.84
C PHE A 18 4.58 10.67 -7.23
N LEU A 19 3.60 9.82 -6.95
CA LEU A 19 3.71 8.40 -7.28
C LEU A 19 4.25 8.20 -8.69
N VAL A 20 3.61 8.83 -9.66
CA VAL A 20 4.03 8.73 -11.05
C VAL A 20 5.47 9.21 -11.22
N ASN A 21 5.75 10.41 -10.73
CA ASN A 21 7.09 10.97 -10.83
C ASN A 21 8.15 9.97 -10.37
N THR A 22 7.87 9.29 -9.26
CA THR A 22 8.80 8.31 -8.71
C THR A 22 9.01 7.16 -9.69
N LEU A 23 7.92 6.66 -10.25
CA LEU A 23 7.98 5.56 -11.21
C LEU A 23 8.90 5.92 -12.39
N LYS A 24 8.82 7.16 -12.83
CA LYS A 24 9.63 7.63 -13.95
C LYS A 24 11.11 7.70 -13.55
N LYS A 25 11.41 8.59 -12.61
CA LYS A 25 12.79 8.76 -12.14
C LYS A 25 13.37 7.43 -11.67
N ASN A 26 12.65 6.76 -10.77
CA ASN A 26 13.10 5.48 -10.25
C ASN A 26 12.10 4.38 -10.58
N PRO A 27 12.19 3.85 -11.81
CA PRO A 27 11.30 2.77 -12.27
C PRO A 27 11.57 1.44 -11.56
N ARG A 28 12.85 1.12 -11.39
CA ARG A 28 13.23 -0.12 -10.71
C ARG A 28 12.47 -0.29 -9.40
N ASP A 29 12.21 0.82 -8.73
CA ASP A 29 11.49 0.79 -7.47
C ASP A 29 10.12 0.15 -7.63
N ARG A 30 9.48 0.43 -8.76
CA ARG A 30 8.15 -0.12 -9.04
C ARG A 30 8.01 -1.52 -8.47
N MET A 31 9.11 -2.26 -8.46
CA MET A 31 9.10 -3.63 -7.94
C MET A 31 8.51 -3.67 -6.52
N MET A 32 9.17 -2.96 -5.59
CA MET A 32 8.71 -2.92 -4.21
C MET A 32 7.30 -2.32 -4.13
N LEU A 33 7.13 -1.14 -4.72
CA LEU A 33 5.83 -0.48 -4.71
C LEU A 33 4.71 -1.46 -5.00
N LEU A 34 4.81 -2.13 -6.14
CA LEU A 34 3.79 -3.11 -6.54
C LEU A 34 3.55 -4.13 -5.44
N LYS A 35 4.61 -4.85 -5.08
CA LYS A 35 4.52 -5.86 -4.03
C LYS A 35 3.61 -5.40 -2.90
N LEU A 36 3.90 -4.21 -2.37
CA LEU A 36 3.11 -3.65 -1.28
C LEU A 36 1.64 -3.52 -1.68
N GLU A 37 1.40 -2.89 -2.82
CA GLU A 37 0.05 -2.69 -3.32
C GLU A 37 -0.71 -4.02 -3.36
N GLN A 38 -0.01 -5.09 -3.75
CA GLN A 38 -0.61 -6.41 -3.84
C GLN A 38 -1.08 -6.87 -2.46
N GLU A 39 -0.19 -6.83 -1.49
CA GLU A 39 -0.51 -7.25 -0.13
C GLU A 39 -1.62 -6.40 0.46
N ILE A 40 -1.60 -5.10 0.13
CA ILE A 40 -2.62 -4.18 0.62
C ILE A 40 -3.98 -4.49 0.02
N LEU A 41 -4.08 -4.38 -1.30
CA LEU A 41 -5.33 -4.64 -2.00
C LEU A 41 -5.93 -5.98 -1.54
N GLU A 42 -5.10 -7.00 -1.46
CA GLU A 42 -5.55 -8.32 -1.04
C GLU A 42 -5.97 -8.31 0.43
N PHE A 43 -5.28 -7.50 1.23
CA PHE A 43 -5.57 -7.40 2.66
C PHE A 43 -6.93 -6.73 2.88
N ILE A 44 -7.26 -5.77 2.01
CA ILE A 44 -8.53 -5.06 2.12
C ILE A 44 -9.70 -5.96 1.75
N ASN A 45 -9.57 -6.66 0.62
CA ASN A 45 -10.61 -7.57 0.16
C ASN A 45 -10.90 -8.65 1.18
N ASP A 46 -9.84 -9.25 1.71
CA ASP A 46 -9.97 -10.31 2.71
C ASP A 46 -10.61 -9.78 3.99
N ASN A 47 -11.55 -10.54 4.53
CA ASN A 47 -12.25 -10.15 5.76
C ASN A 47 -11.57 -10.75 6.99
N ASN A 48 -11.18 -12.02 6.88
CA ASN A 48 -10.52 -12.71 7.98
C ASN A 48 -9.50 -11.80 8.66
N ASN A 49 -8.73 -11.08 7.86
CA ASN A 49 -7.71 -10.17 8.38
C ASN A 49 -8.31 -8.80 8.67
N GLN A 50 -7.84 -8.17 9.74
CA GLN A 50 -8.33 -6.85 10.13
C GLN A 50 -7.17 -5.90 10.39
N PHE A 51 -6.07 -6.43 10.91
CA PHE A 51 -4.89 -5.63 11.20
C PHE A 51 -3.66 -6.17 10.48
N LYS A 52 -2.80 -5.27 10.03
CA LYS A 52 -1.59 -5.67 9.31
C LYS A 52 -0.38 -4.87 9.81
N LYS A 53 0.73 -5.56 10.01
CA LYS A 53 1.95 -4.91 10.49
C LYS A 53 3.13 -5.26 9.59
N PHE A 54 3.57 -4.28 8.79
CA PHE A 54 4.69 -4.48 7.88
C PHE A 54 6.00 -4.60 8.65
N PRO A 55 6.90 -5.46 8.14
CA PRO A 55 8.20 -5.70 8.77
C PRO A 55 9.14 -4.50 8.65
N GLN A 56 10.25 -4.54 9.37
CA GLN A 56 11.22 -3.45 9.34
C GLN A 56 11.40 -2.91 7.92
N MET A 57 11.82 -1.66 7.82
CA MET A 57 12.03 -1.03 6.52
C MET A 57 13.03 0.13 6.64
N THR A 58 13.53 0.57 5.49
CA THR A 58 14.50 1.66 5.46
C THR A 58 13.80 3.00 5.27
N SER A 59 14.44 4.07 5.73
CA SER A 59 13.89 5.41 5.62
C SER A 59 13.17 5.59 4.27
N TYR A 60 13.92 5.39 3.19
CA TYR A 60 13.36 5.54 1.85
C TYR A 60 11.99 4.88 1.76
N HIS A 61 11.91 3.62 2.18
CA HIS A 61 10.65 2.88 2.14
C HIS A 61 9.59 3.57 2.99
N ARG A 62 9.89 3.75 4.27
CA ARG A 62 8.96 4.40 5.18
C ARG A 62 8.17 5.49 4.48
N MET A 63 8.87 6.32 3.71
CA MET A 63 8.23 7.41 2.98
C MET A 63 7.32 6.86 1.87
N LEU A 64 7.91 6.07 0.98
CA LEU A 64 7.17 5.49 -0.13
C LEU A 64 5.84 4.92 0.36
N LEU A 65 5.90 4.11 1.41
CA LEU A 65 4.71 3.49 1.98
C LEU A 65 3.71 4.55 2.44
N HIS A 66 4.19 5.48 3.27
CA HIS A 66 3.35 6.56 3.77
C HIS A 66 2.48 7.15 2.66
N ARG A 67 3.06 7.27 1.47
CA ARG A 67 2.35 7.82 0.32
C ARG A 67 1.27 6.85 -0.16
N VAL A 68 1.65 5.60 -0.38
CA VAL A 68 0.72 4.59 -0.85
C VAL A 68 -0.46 4.44 0.12
N ALA A 69 -0.14 4.27 1.40
CA ALA A 69 -1.16 4.12 2.43
C ALA A 69 -2.15 5.28 2.39
N ALA A 70 -1.62 6.49 2.49
CA ALA A 70 -2.46 7.69 2.47
C ALA A 70 -3.38 7.70 1.25
N TYR A 71 -2.88 7.19 0.13
CA TYR A 71 -3.66 7.14 -1.09
C TYR A 71 -4.88 6.23 -0.93
N PHE A 72 -4.65 5.04 -0.40
CA PHE A 72 -5.72 4.07 -0.19
C PHE A 72 -6.66 4.53 0.92
N GLY A 73 -6.18 5.46 1.75
CA GLY A 73 -7.00 5.98 2.83
C GLY A 73 -6.91 5.12 4.07
N MET A 74 -5.71 4.63 4.38
CA MET A 74 -5.50 3.79 5.54
C MET A 74 -5.00 4.61 6.72
N ASP A 75 -4.88 3.97 7.88
CA ASP A 75 -4.43 4.65 9.08
C ASP A 75 -3.23 3.91 9.70
N HIS A 76 -2.03 4.40 9.41
CA HIS A 76 -0.81 3.79 9.94
C HIS A 76 -0.41 4.42 11.27
N ASN A 77 0.28 3.65 12.10
CA ASN A 77 0.72 4.14 13.40
C ASN A 77 2.11 3.60 13.74
N VAL A 78 2.85 4.37 14.52
CA VAL A 78 4.20 3.98 14.93
C VAL A 78 4.18 3.15 16.20
N ASP A 79 5.18 2.29 16.37
CA ASP A 79 5.28 1.45 17.54
C ASP A 79 6.08 2.13 18.65
N GLN A 80 6.01 1.57 19.85
CA GLN A 80 6.73 2.14 21.00
C GLN A 80 8.15 2.54 20.60
N THR A 81 8.72 1.80 19.65
CA THR A 81 10.08 2.08 19.19
C THR A 81 10.07 2.96 17.94
N GLY A 82 9.03 2.79 17.12
CA GLY A 82 8.91 3.58 15.91
C GLY A 82 9.74 3.02 14.77
N LYS A 83 9.95 1.70 14.78
CA LYS A 83 10.73 1.05 13.74
C LYS A 83 9.86 0.69 12.55
N ALA A 84 8.69 0.12 12.82
CA ALA A 84 7.76 -0.26 11.75
C ALA A 84 6.37 0.31 12.02
N VAL A 85 5.66 0.66 10.96
CA VAL A 85 4.32 1.20 11.08
C VAL A 85 3.26 0.10 10.99
N ILE A 86 2.13 0.32 11.67
CA ILE A 86 1.06 -0.66 11.67
C ILE A 86 -0.23 -0.06 11.11
N ILE A 87 -0.77 -0.69 10.08
CA ILE A 87 -2.00 -0.22 9.44
C ILE A 87 -3.19 -1.08 9.86
N ASN A 88 -4.39 -0.60 9.54
CA ASN A 88 -5.61 -1.33 9.88
C ASN A 88 -6.65 -1.20 8.76
N LYS A 89 -7.77 -1.88 8.93
CA LYS A 89 -8.84 -1.83 7.94
C LYS A 89 -10.00 -0.97 8.44
N THR A 90 -10.28 0.11 7.71
CA THR A 90 -11.36 1.02 8.08
C THR A 90 -12.25 1.32 6.88
N SER A 91 -13.52 1.62 7.16
CA SER A 91 -14.47 1.92 6.09
C SER A 91 -13.86 2.86 5.06
N ASN A 92 -13.32 3.98 5.54
CA ASN A 92 -12.69 4.96 4.66
C ASN A 92 -11.87 4.28 3.58
N THR A 93 -11.20 3.18 3.95
CA THR A 93 -10.37 2.45 3.02
C THR A 93 -11.21 1.85 1.89
N ARG A 94 -11.18 2.50 0.74
CA ARG A 94 -11.94 2.04 -0.42
C ARG A 94 -11.03 1.87 -1.64
N ILE A 95 -11.56 1.24 -2.68
CA ILE A 95 -10.79 1.01 -3.90
C ILE A 95 -10.58 2.32 -4.67
N PRO A 96 -9.33 2.56 -5.06
CA PRO A 96 -8.95 3.77 -5.81
C PRO A 96 -9.50 3.76 -7.23
N GLU A 97 -9.00 4.67 -8.06
CA GLU A 97 -9.44 4.76 -9.45
C GLU A 97 -8.59 3.88 -10.36
N GLN A 98 -7.27 4.02 -10.24
CA GLN A 98 -6.34 3.24 -11.05
C GLN A 98 -5.13 2.82 -10.22
N ARG A 99 -4.63 1.61 -10.50
CA ARG A 99 -3.47 1.09 -9.78
C ARG A 99 -2.21 1.18 -10.64
N PHE A 100 -1.08 0.79 -10.06
CA PHE A 100 0.19 0.84 -10.77
C PHE A 100 0.46 -0.48 -11.50
N SER A 101 -0.52 -1.38 -11.45
CA SER A 101 -0.39 -2.68 -12.10
C SER A 101 -0.74 -2.60 -13.58
N GLU A 102 -1.20 -1.42 -14.00
CA GLU A 102 -1.58 -1.21 -15.39
C GLU A 102 -0.45 -0.56 -16.18
N HIS A 103 0.19 0.44 -15.58
CA HIS A 103 1.30 1.13 -16.21
C HIS A 103 2.46 0.18 -16.49
N ILE A 104 2.42 -0.99 -15.86
CA ILE A 104 3.46 -1.98 -16.04
C ILE A 104 3.07 -3.00 -17.09
N LYS A 105 1.94 -2.76 -17.75
CA LYS A 105 1.46 -3.66 -18.79
C LYS A 105 2.14 -3.37 -20.13
N ASP A 106 2.54 -4.43 -20.83
CA ASP A 106 3.19 -4.28 -22.12
C ASP A 106 2.24 -4.64 -23.26
N GLU A 107 2.26 -3.82 -24.31
CA GLU A 107 1.39 -4.05 -25.47
C GLU A 107 1.31 -5.53 -25.80
N LYS A 108 2.46 -6.21 -25.74
CA LYS A 108 2.53 -7.63 -26.04
C LYS A 108 1.53 -8.42 -25.17
N ASN A 109 0.48 -8.92 -25.79
CA ASN A 109 -0.53 -9.69 -25.07
C ASN A 109 0.08 -10.91 -24.40
N THR A 110 0.30 -10.81 -23.09
CA THR A 110 0.88 -11.90 -22.33
C THR A 110 -0.18 -12.66 -21.54
N GLU A 111 -0.15 -13.98 -21.63
CA GLU A 111 -1.11 -14.83 -20.92
C GLU A 111 -0.42 -15.72 -19.90
N PHE A 112 -0.83 -15.61 -18.64
CA PHE A 112 -0.25 -16.41 -17.57
C PHE A 112 -1.15 -16.39 -16.34
N GLN A 113 -1.00 -17.40 -15.49
CA GLN A 113 -1.79 -17.51 -14.27
C GLN A 113 -1.14 -18.46 -13.28
N GLN A 114 -1.13 -18.07 -12.01
CA GLN A 114 -0.53 -18.89 -10.96
C GLN A 114 -1.16 -18.58 -9.61
N ARG A 115 -1.29 -19.60 -8.77
CA ARG A 115 -1.87 -19.43 -7.44
C ARG A 115 -1.09 -20.23 -6.40
N PHE A 116 -1.30 -19.90 -5.13
CA PHE A 116 -0.61 -20.57 -4.04
C PHE A 116 -1.46 -20.56 -2.77
N ILE A 117 -1.38 -21.64 -2.00
CA ILE A 117 -2.14 -21.75 -0.76
C ILE A 117 -1.30 -22.37 0.35
N LEU A 118 -1.44 -21.86 1.56
CA LEU A 118 -0.69 -22.37 2.70
C LEU A 118 -1.61 -22.52 3.92
N SER A 119 -1.13 -23.27 4.92
CA SER A 119 -1.89 -23.49 6.14
C SER A 119 -0.98 -23.54 7.35
N GLY A 120 -1.56 -23.81 8.52
CA GLY A 120 -0.79 -23.88 9.74
C GLY A 120 -1.63 -24.24 10.95
N PRO A 121 -1.88 -25.54 11.14
CA PRO A 121 -2.68 -26.04 12.25
C PRO A 121 -1.97 -25.88 13.60
N SER A 122 -2.58 -26.41 14.66
CA SER A 122 -2.01 -26.32 15.99
C SER A 122 -2.69 -27.29 16.94
N SER A 123 -2.14 -27.43 18.14
CA SER A 123 -2.70 -28.33 19.15
C SER A 123 -1.96 -28.19 20.47
N GLY A 124 -2.51 -28.79 21.52
CA GLY A 124 -1.89 -28.73 22.83
C GLY A 124 -1.20 -27.40 23.08
N GLY A 1 -9.18 7.33 19.43
CA GLY A 1 -9.96 8.10 18.47
C GLY A 1 -9.09 8.90 17.52
N SER A 2 -8.08 8.25 16.95
CA SER A 2 -7.17 8.91 16.03
C SER A 2 -6.65 10.22 16.60
N SER A 3 -6.32 10.19 17.89
CA SER A 3 -5.82 11.37 18.58
C SER A 3 -4.32 11.25 18.84
N GLY A 4 -3.53 11.97 18.04
CA GLY A 4 -2.08 11.92 18.19
C GLY A 4 -1.36 12.75 17.15
N SER A 5 -0.17 12.31 16.77
CA SER A 5 0.63 13.01 15.78
C SER A 5 0.31 12.50 14.37
N SER A 6 -0.24 13.39 13.54
CA SER A 6 -0.61 13.04 12.17
C SER A 6 -0.75 14.28 11.30
N GLY A 7 -0.72 14.09 9.98
CA GLY A 7 -0.84 15.20 9.07
C GLY A 7 0.23 15.19 8.00
N THR A 8 -0.07 14.53 6.88
CA THR A 8 0.88 14.44 5.77
C THR A 8 1.57 15.78 5.52
N ASP A 9 2.79 15.74 5.01
CA ASP A 9 3.54 16.94 4.72
C ASP A 9 2.66 18.00 4.09
N SER A 10 3.05 19.27 4.23
CA SER A 10 2.28 20.37 3.68
C SER A 10 2.12 20.23 2.16
N THR A 11 3.25 20.16 1.46
CA THR A 11 3.25 20.02 0.01
C THR A 11 3.19 18.55 -0.40
N GLY A 12 1.97 18.05 -0.66
CA GLY A 12 1.81 16.68 -1.06
C GLY A 12 0.37 16.34 -1.39
N ILE A 13 -0.20 17.05 -2.36
CA ILE A 13 -1.58 16.82 -2.76
C ILE A 13 -1.64 16.07 -4.09
N ASP A 14 -0.51 16.01 -4.78
CA ASP A 14 -0.43 15.32 -6.06
C ASP A 14 0.31 14.00 -5.92
N LEU A 15 -0.41 12.96 -5.50
CA LEU A 15 0.19 11.64 -5.32
C LEU A 15 0.31 10.90 -6.65
N HIS A 16 -0.84 10.71 -7.32
CA HIS A 16 -0.86 10.02 -8.60
C HIS A 16 0.34 10.41 -9.46
N GLU A 17 0.68 11.70 -9.45
CA GLU A 17 1.80 12.20 -10.22
C GLU A 17 3.11 11.59 -9.74
N PHE A 18 3.52 11.96 -8.54
CA PHE A 18 4.76 11.44 -7.96
C PHE A 18 4.93 9.96 -8.29
N LEU A 19 3.85 9.20 -8.20
CA LEU A 19 3.88 7.78 -8.49
C LEU A 19 4.15 7.53 -9.98
N VAL A 20 3.44 8.25 -10.83
CA VAL A 20 3.60 8.11 -12.27
C VAL A 20 5.04 8.38 -12.69
N ASN A 21 5.53 9.58 -12.38
CA ASN A 21 6.89 9.96 -12.72
C ASN A 21 7.89 8.94 -12.19
N THR A 22 7.94 8.81 -10.87
CA THR A 22 8.86 7.86 -10.23
C THR A 22 8.75 6.48 -10.86
N LEU A 23 7.53 6.09 -11.19
CA LEU A 23 7.28 4.78 -11.79
C LEU A 23 7.91 4.70 -13.19
N LYS A 24 7.96 5.84 -13.87
CA LYS A 24 8.53 5.90 -15.21
C LYS A 24 10.01 6.25 -15.14
N LYS A 25 10.33 7.45 -14.70
CA LYS A 25 11.72 7.90 -14.60
C LYS A 25 12.53 6.93 -13.74
N ASN A 26 11.85 6.21 -12.87
CA ASN A 26 12.51 5.24 -11.99
C ASN A 26 11.76 3.91 -11.98
N PRO A 27 12.00 3.09 -13.00
CA PRO A 27 11.36 1.78 -13.14
C PRO A 27 11.85 0.78 -12.10
N ARG A 28 12.76 1.24 -11.22
CA ARG A 28 13.32 0.39 -10.18
C ARG A 28 12.48 0.47 -8.91
N ASP A 29 11.72 1.56 -8.78
CA ASP A 29 10.87 1.76 -7.61
C ASP A 29 9.60 0.91 -7.70
N ARG A 30 9.00 0.88 -8.89
CA ARG A 30 7.79 0.11 -9.11
C ARG A 30 7.83 -1.21 -8.35
N MET A 31 9.04 -1.72 -8.13
CA MET A 31 9.22 -2.98 -7.41
C MET A 31 8.37 -3.01 -6.14
N MET A 32 8.65 -2.09 -5.23
CA MET A 32 7.91 -2.02 -3.97
C MET A 32 6.48 -1.58 -4.22
N LEU A 33 6.31 -0.38 -4.78
CA LEU A 33 4.98 0.15 -5.06
C LEU A 33 4.04 -0.95 -5.53
N LEU A 34 4.49 -1.74 -6.50
CA LEU A 34 3.69 -2.84 -7.03
C LEU A 34 3.43 -3.89 -5.96
N LYS A 35 4.49 -4.52 -5.49
CA LYS A 35 4.37 -5.55 -4.46
C LYS A 35 3.47 -5.07 -3.32
N LEU A 36 3.93 -4.08 -2.57
CA LEU A 36 3.17 -3.54 -1.46
C LEU A 36 1.69 -3.41 -1.81
N GLU A 37 1.41 -2.65 -2.86
CA GLU A 37 0.03 -2.45 -3.31
C GLU A 37 -0.73 -3.77 -3.31
N GLN A 38 -0.31 -4.70 -4.17
CA GLN A 38 -0.94 -6.00 -4.27
C GLN A 38 -1.27 -6.56 -2.89
N GLU A 39 -0.28 -6.57 -2.00
CA GLU A 39 -0.46 -7.07 -0.65
C GLU A 39 -1.57 -6.33 0.06
N ILE A 40 -1.54 -5.00 -0.02
CA ILE A 40 -2.55 -4.16 0.63
C ILE A 40 -3.95 -4.58 0.20
N LEU A 41 -4.15 -4.74 -1.10
CA LEU A 41 -5.45 -5.13 -1.63
C LEU A 41 -5.94 -6.42 -0.99
N GLU A 42 -5.10 -7.46 -1.04
CA GLU A 42 -5.45 -8.74 -0.45
C GLU A 42 -5.84 -8.59 1.02
N PHE A 43 -5.10 -7.74 1.73
CA PHE A 43 -5.37 -7.50 3.14
C PHE A 43 -6.77 -6.93 3.33
N ILE A 44 -7.09 -5.87 2.60
CA ILE A 44 -8.39 -5.23 2.70
C ILE A 44 -9.51 -6.25 2.51
N ASN A 45 -9.40 -7.07 1.48
CA ASN A 45 -10.40 -8.10 1.21
C ASN A 45 -10.45 -9.14 2.32
N ASP A 46 -9.27 -9.55 2.78
CA ASP A 46 -9.18 -10.54 3.84
C ASP A 46 -10.03 -10.13 5.05
N ASN A 47 -10.98 -10.99 5.41
CA ASN A 47 -11.85 -10.72 6.54
C ASN A 47 -11.28 -11.31 7.83
N ASN A 48 -10.80 -12.54 7.75
CA ASN A 48 -10.22 -13.21 8.90
C ASN A 48 -9.32 -12.27 9.69
N ASN A 49 -8.55 -11.46 8.96
CA ASN A 49 -7.64 -10.51 9.59
C ASN A 49 -8.29 -9.13 9.74
N GLN A 50 -7.70 -8.29 10.56
CA GLN A 50 -8.22 -6.95 10.79
C GLN A 50 -7.12 -5.89 10.67
N PHE A 51 -5.96 -6.21 11.23
CA PHE A 51 -4.83 -5.29 11.20
C PHE A 51 -3.67 -5.89 10.40
N LYS A 52 -2.75 -5.04 9.95
CA LYS A 52 -1.60 -5.49 9.18
C LYS A 52 -0.34 -4.74 9.60
N LYS A 53 0.75 -5.48 9.80
CA LYS A 53 2.02 -4.88 10.20
C LYS A 53 3.12 -5.25 9.21
N PHE A 54 3.93 -4.25 8.84
CA PHE A 54 5.03 -4.47 7.91
C PHE A 54 6.35 -4.64 8.65
N PRO A 55 7.29 -5.37 8.03
CA PRO A 55 8.62 -5.62 8.61
C PRO A 55 9.47 -4.36 8.67
N GLN A 56 10.60 -4.44 9.36
CA GLN A 56 11.52 -3.31 9.48
C GLN A 56 11.64 -2.57 8.16
N MET A 57 11.38 -1.26 8.19
CA MET A 57 11.47 -0.44 6.99
C MET A 57 12.58 0.61 7.13
N THR A 58 13.31 0.83 6.05
CA THR A 58 14.39 1.81 6.06
C THR A 58 13.85 3.23 5.93
N SER A 59 14.76 4.20 5.99
CA SER A 59 14.37 5.61 5.90
C SER A 59 13.49 5.85 4.68
N TYR A 60 13.89 5.28 3.54
CA TYR A 60 13.14 5.44 2.30
C TYR A 60 11.86 4.61 2.34
N HIS A 61 12.00 3.32 2.62
CA HIS A 61 10.86 2.42 2.69
C HIS A 61 9.73 3.02 3.51
N ARG A 62 10.05 3.47 4.72
CA ARG A 62 9.06 4.07 5.60
C ARG A 62 8.22 5.10 4.85
N MET A 63 8.89 5.96 4.08
CA MET A 63 8.19 6.98 3.30
C MET A 63 7.32 6.35 2.22
N LEU A 64 7.94 5.60 1.32
CA LEU A 64 7.23 4.95 0.23
C LEU A 64 5.91 4.35 0.74
N LEU A 65 5.99 3.61 1.84
CA LEU A 65 4.81 2.98 2.42
C LEU A 65 3.77 4.03 2.79
N HIS A 66 4.11 4.91 3.72
CA HIS A 66 3.21 5.96 4.16
C HIS A 66 2.54 6.63 2.97
N ARG A 67 3.27 6.74 1.86
CA ARG A 67 2.73 7.37 0.65
C ARG A 67 1.65 6.49 0.03
N VAL A 68 2.00 5.24 -0.26
CA VAL A 68 1.05 4.30 -0.85
C VAL A 68 -0.28 4.31 -0.12
N ALA A 69 -0.23 4.06 1.19
CA ALA A 69 -1.43 4.05 2.00
C ALA A 69 -2.21 5.36 1.88
N ALA A 70 -1.48 6.46 1.96
CA ALA A 70 -2.09 7.79 1.86
C ALA A 70 -3.05 7.85 0.68
N TYR A 71 -2.57 7.49 -0.50
CA TYR A 71 -3.39 7.51 -1.71
C TYR A 71 -4.59 6.60 -1.56
N PHE A 72 -4.36 5.39 -1.05
CA PHE A 72 -5.43 4.41 -0.86
C PHE A 72 -6.39 4.87 0.24
N GLY A 73 -5.92 5.79 1.08
CA GLY A 73 -6.74 6.30 2.16
C GLY A 73 -6.73 5.39 3.38
N MET A 74 -5.53 5.04 3.83
CA MET A 74 -5.39 4.16 4.99
C MET A 74 -4.92 4.96 6.21
N ASP A 75 -4.82 4.27 7.35
CA ASP A 75 -4.37 4.91 8.58
C ASP A 75 -3.25 4.11 9.23
N HIS A 76 -2.01 4.58 9.04
CA HIS A 76 -0.85 3.91 9.60
C HIS A 76 -0.53 4.46 11.00
N ASN A 77 0.08 3.62 11.83
CA ASN A 77 0.44 4.01 13.18
C ASN A 77 1.84 3.55 13.53
N VAL A 78 2.48 4.25 14.46
CA VAL A 78 3.83 3.90 14.89
C VAL A 78 3.82 2.91 16.05
N ASP A 79 4.88 2.16 16.19
CA ASP A 79 5.00 1.17 17.26
C ASP A 79 5.69 1.76 18.48
N GLN A 80 5.64 1.04 19.60
CA GLN A 80 6.26 1.49 20.82
C GLN A 80 7.60 2.18 20.55
N THR A 81 8.46 1.51 19.79
CA THR A 81 9.77 2.05 19.45
C THR A 81 9.67 3.03 18.30
N GLY A 82 8.78 2.73 17.35
CA GLY A 82 8.60 3.60 16.20
C GLY A 82 9.40 3.13 15.00
N LYS A 83 9.51 1.82 14.83
CA LYS A 83 10.25 1.24 13.72
C LYS A 83 9.29 0.73 12.65
N ALA A 84 8.44 -0.21 13.02
CA ALA A 84 7.48 -0.79 12.10
C ALA A 84 6.09 -0.20 12.31
N VAL A 85 5.50 0.34 11.23
CA VAL A 85 4.17 0.94 11.31
C VAL A 85 3.09 -0.10 11.05
N ILE A 86 1.94 0.09 11.68
CA ILE A 86 0.82 -0.83 11.52
C ILE A 86 -0.40 -0.12 10.93
N ILE A 87 -1.04 -0.76 9.96
CA ILE A 87 -2.22 -0.19 9.32
C ILE A 87 -3.46 -1.02 9.61
N ASN A 88 -4.63 -0.45 9.33
CA ASN A 88 -5.89 -1.15 9.56
C ASN A 88 -6.87 -0.88 8.44
N LYS A 89 -8.05 -1.50 8.51
CA LYS A 89 -9.07 -1.32 7.49
C LYS A 89 -10.28 -0.56 8.06
N THR A 90 -10.60 0.56 7.43
CA THR A 90 -11.73 1.38 7.86
C THR A 90 -12.65 1.71 6.70
N SER A 91 -13.84 2.23 7.02
CA SER A 91 -14.81 2.58 5.99
C SER A 91 -14.19 3.48 4.93
N ASN A 92 -13.45 4.49 5.39
CA ASN A 92 -12.79 5.43 4.48
C ASN A 92 -11.92 4.68 3.47
N THR A 93 -11.24 3.64 3.95
CA THR A 93 -10.36 2.85 3.10
C THR A 93 -11.13 2.26 1.92
N ARG A 94 -10.99 2.90 0.76
CA ARG A 94 -11.68 2.44 -0.45
C ARG A 94 -10.69 2.24 -1.59
N ILE A 95 -11.15 1.61 -2.66
CA ILE A 95 -10.30 1.36 -3.82
C ILE A 95 -10.01 2.65 -4.59
N PRO A 96 -8.73 2.88 -4.89
CA PRO A 96 -8.30 4.08 -5.62
C PRO A 96 -8.74 4.07 -7.07
N GLU A 97 -9.02 5.25 -7.61
CA GLU A 97 -9.45 5.37 -9.00
C GLU A 97 -8.72 4.37 -9.89
N GLN A 98 -7.39 4.35 -9.79
CA GLN A 98 -6.57 3.45 -10.58
C GLN A 98 -5.38 2.94 -9.78
N ARG A 99 -4.86 1.78 -10.16
CA ARG A 99 -3.72 1.20 -9.47
C ARG A 99 -2.46 1.29 -10.33
N PHE A 100 -1.35 0.78 -9.81
CA PHE A 100 -0.08 0.81 -10.52
C PHE A 100 0.02 -0.37 -11.48
N SER A 101 -0.65 -1.48 -11.14
CA SER A 101 -0.61 -2.68 -11.96
C SER A 101 -0.97 -2.35 -13.41
N GLU A 102 -2.11 -1.69 -13.60
CA GLU A 102 -2.56 -1.31 -14.93
C GLU A 102 -1.40 -0.78 -15.77
N HIS A 103 -0.55 0.02 -15.15
CA HIS A 103 0.61 0.60 -15.83
C HIS A 103 1.43 -0.49 -16.52
N ILE A 104 1.62 -1.60 -15.82
CA ILE A 104 2.40 -2.71 -16.36
C ILE A 104 1.49 -3.88 -16.75
N LYS A 105 0.27 -3.55 -17.19
CA LYS A 105 -0.69 -4.57 -17.60
C LYS A 105 -0.74 -4.69 -19.12
N ASP A 106 -0.44 -5.87 -19.63
CA ASP A 106 -0.46 -6.13 -21.06
C ASP A 106 -1.84 -6.60 -21.52
N GLU A 107 -2.34 -7.64 -20.87
CA GLU A 107 -3.65 -8.19 -21.21
C GLU A 107 -4.65 -7.94 -20.08
N LYS A 108 -5.87 -7.55 -20.45
CA LYS A 108 -6.92 -7.28 -19.48
C LYS A 108 -7.21 -8.51 -18.63
N ASN A 109 -7.58 -8.29 -17.38
CA ASN A 109 -7.89 -9.39 -16.47
C ASN A 109 -9.40 -9.54 -16.28
N THR A 110 -10.04 -8.46 -15.83
CA THR A 110 -11.47 -8.46 -15.60
C THR A 110 -12.23 -8.94 -16.84
N GLU A 111 -13.22 -9.79 -16.63
CA GLU A 111 -14.02 -10.31 -17.74
C GLU A 111 -15.51 -10.25 -17.41
N PHE A 112 -16.33 -10.15 -18.44
CA PHE A 112 -17.77 -10.08 -18.28
C PHE A 112 -18.43 -11.42 -18.61
N GLN A 113 -19.42 -11.81 -17.80
CA GLN A 113 -20.12 -13.07 -18.00
C GLN A 113 -21.20 -12.92 -19.08
N GLN A 114 -21.76 -14.05 -19.49
CA GLN A 114 -22.80 -14.05 -20.52
C GLN A 114 -24.19 -14.10 -19.89
N ARG A 115 -25.14 -13.42 -20.52
CA ARG A 115 -26.51 -13.40 -20.02
C ARG A 115 -27.51 -13.70 -21.14
N PHE A 116 -28.62 -14.32 -20.78
CA PHE A 116 -29.65 -14.66 -21.76
C PHE A 116 -29.81 -13.57 -22.80
N ILE A 117 -29.26 -13.81 -23.99
CA ILE A 117 -29.34 -12.84 -25.07
C ILE A 117 -29.34 -13.53 -26.43
N LEU A 118 -30.25 -13.12 -27.31
CA LEU A 118 -30.35 -13.70 -28.64
C LEU A 118 -28.97 -14.05 -29.19
N SER A 119 -28.61 -15.32 -29.09
CA SER A 119 -27.32 -15.80 -29.58
C SER A 119 -27.43 -17.21 -30.13
N GLY A 120 -27.04 -17.37 -31.39
CA GLY A 120 -27.10 -18.68 -32.03
C GLY A 120 -25.72 -19.23 -32.36
N PRO A 121 -25.67 -20.16 -33.32
CA PRO A 121 -24.42 -20.78 -33.75
C PRO A 121 -23.53 -19.82 -34.51
N SER A 122 -24.14 -18.81 -35.13
CA SER A 122 -23.40 -17.82 -35.90
C SER A 122 -22.45 -17.03 -35.00
N SER A 123 -21.16 -17.06 -35.33
CA SER A 123 -20.16 -16.36 -34.55
C SER A 123 -20.70 -15.05 -34.02
N GLY A 124 -20.79 -14.94 -32.69
CA GLY A 124 -21.30 -13.73 -32.07
C GLY A 124 -21.99 -14.00 -30.76
N GLY A 1 -32.56 21.14 -23.38
CA GLY A 1 -32.47 20.22 -22.26
C GLY A 1 -31.18 20.36 -21.49
N SER A 2 -31.10 21.38 -20.65
CA SER A 2 -29.91 21.62 -19.84
C SER A 2 -29.81 20.62 -18.69
N SER A 3 -28.61 20.13 -18.45
CA SER A 3 -28.39 19.16 -17.37
C SER A 3 -26.90 18.91 -17.18
N GLY A 4 -26.41 19.24 -15.99
CA GLY A 4 -24.99 19.04 -15.69
C GLY A 4 -24.26 20.35 -15.46
N SER A 5 -23.08 20.27 -14.85
CA SER A 5 -22.28 21.45 -14.57
C SER A 5 -20.79 21.15 -14.71
N SER A 6 -19.99 22.20 -14.82
CA SER A 6 -18.54 22.05 -14.96
C SER A 6 -17.82 23.35 -14.60
N GLY A 7 -16.50 23.28 -14.59
CA GLY A 7 -15.71 24.46 -14.26
C GLY A 7 -15.49 24.62 -12.77
N THR A 8 -14.62 23.77 -12.21
CA THR A 8 -14.33 23.81 -10.78
C THR A 8 -13.16 22.90 -10.44
N ASP A 9 -12.10 23.48 -9.89
CA ASP A 9 -10.92 22.71 -9.52
C ASP A 9 -10.03 23.51 -8.58
N SER A 10 -9.69 22.93 -7.43
CA SER A 10 -8.84 23.60 -6.45
C SER A 10 -7.38 23.22 -6.65
N THR A 11 -6.49 24.20 -6.49
CA THR A 11 -5.07 23.97 -6.66
C THR A 11 -4.41 23.67 -5.31
N GLY A 12 -3.89 22.45 -5.16
CA GLY A 12 -3.24 22.07 -3.92
C GLY A 12 -2.16 21.02 -4.14
N ILE A 13 -2.45 19.80 -3.73
CA ILE A 13 -1.50 18.70 -3.88
C ILE A 13 -2.09 17.57 -4.72
N ASP A 14 -1.23 16.82 -5.39
CA ASP A 14 -1.66 15.71 -6.23
C ASP A 14 -0.83 14.45 -5.93
N LEU A 15 -1.36 13.59 -5.08
CA LEU A 15 -0.67 12.36 -4.72
C LEU A 15 -0.34 11.54 -5.95
N HIS A 16 -1.37 11.25 -6.75
CA HIS A 16 -1.18 10.48 -7.98
C HIS A 16 0.03 10.96 -8.76
N GLU A 17 0.17 12.27 -8.87
CA GLU A 17 1.29 12.87 -9.59
C GLU A 17 2.62 12.39 -9.02
N PHE A 18 2.73 12.40 -7.70
CA PHE A 18 3.95 11.96 -7.03
C PHE A 18 4.23 10.49 -7.30
N LEU A 19 3.31 9.63 -6.88
CA LEU A 19 3.45 8.19 -7.09
C LEU A 19 4.08 7.90 -8.45
N VAL A 20 3.41 8.34 -9.51
CA VAL A 20 3.91 8.12 -10.86
C VAL A 20 5.34 8.64 -11.02
N ASN A 21 5.59 9.84 -10.50
CA ASN A 21 6.91 10.45 -10.58
C ASN A 21 7.98 9.47 -10.11
N THR A 22 7.65 8.68 -9.09
CA THR A 22 8.59 7.71 -8.54
C THR A 22 8.71 6.49 -9.45
N LEU A 23 7.57 6.03 -9.96
CA LEU A 23 7.56 4.86 -10.85
C LEU A 23 8.44 5.09 -12.06
N LYS A 24 8.02 6.00 -12.94
CA LYS A 24 8.79 6.32 -14.14
C LYS A 24 10.24 6.59 -13.81
N LYS A 25 10.49 7.68 -13.07
CA LYS A 25 11.84 8.05 -12.68
C LYS A 25 12.59 6.85 -12.11
N ASN A 26 11.94 6.13 -11.20
CA ASN A 26 12.55 4.95 -10.58
C ASN A 26 11.87 3.68 -11.05
N PRO A 27 12.29 3.18 -12.23
CA PRO A 27 11.74 1.97 -12.83
C PRO A 27 12.14 0.71 -12.05
N ARG A 28 13.07 0.88 -11.11
CA ARG A 28 13.53 -0.24 -10.30
C ARG A 28 12.72 -0.37 -9.02
N ASP A 29 12.35 0.77 -8.44
CA ASP A 29 11.56 0.78 -7.21
C ASP A 29 10.17 0.20 -7.46
N ARG A 30 9.77 0.16 -8.72
CA ARG A 30 8.46 -0.37 -9.09
C ARG A 30 8.22 -1.73 -8.43
N MET A 31 9.24 -2.57 -8.43
CA MET A 31 9.13 -3.90 -7.82
C MET A 31 8.44 -3.82 -6.46
N MET A 32 9.12 -3.21 -5.50
CA MET A 32 8.56 -3.06 -4.15
C MET A 32 7.20 -2.38 -4.19
N LEU A 33 7.20 -1.11 -4.59
CA LEU A 33 5.96 -0.34 -4.68
C LEU A 33 4.79 -1.23 -5.07
N LEU A 34 5.05 -2.20 -5.93
CA LEU A 34 4.01 -3.13 -6.38
C LEU A 34 3.75 -4.20 -5.32
N LYS A 35 4.83 -4.79 -4.81
CA LYS A 35 4.72 -5.83 -3.80
C LYS A 35 3.87 -5.36 -2.62
N LEU A 36 4.08 -4.11 -2.21
CA LEU A 36 3.33 -3.54 -1.09
C LEU A 36 1.89 -3.24 -1.50
N GLU A 37 1.73 -2.45 -2.55
CA GLU A 37 0.40 -2.09 -3.04
C GLU A 37 -0.49 -3.32 -3.15
N GLN A 38 0.06 -4.41 -3.70
CA GLN A 38 -0.68 -5.65 -3.86
C GLN A 38 -1.03 -6.26 -2.50
N GLU A 39 -0.04 -6.34 -1.62
CA GLU A 39 -0.25 -6.90 -0.29
C GLU A 39 -1.42 -6.21 0.41
N ILE A 40 -1.51 -4.89 0.25
CA ILE A 40 -2.58 -4.12 0.87
C ILE A 40 -3.94 -4.51 0.29
N LEU A 41 -4.05 -4.47 -1.03
CA LEU A 41 -5.29 -4.82 -1.70
C LEU A 41 -5.87 -6.13 -1.15
N GLU A 42 -5.05 -7.17 -1.17
CA GLU A 42 -5.48 -8.48 -0.67
C GLU A 42 -5.86 -8.40 0.80
N PHE A 43 -5.14 -7.57 1.55
CA PHE A 43 -5.40 -7.40 2.98
C PHE A 43 -6.77 -6.78 3.21
N ILE A 44 -7.09 -5.74 2.45
CA ILE A 44 -8.37 -5.06 2.57
C ILE A 44 -9.53 -6.02 2.33
N ASN A 45 -9.44 -6.78 1.24
CA ASN A 45 -10.47 -7.75 0.90
C ASN A 45 -10.65 -8.78 2.00
N ASP A 46 -9.53 -9.20 2.60
CA ASP A 46 -9.56 -10.19 3.69
C ASP A 46 -10.27 -9.62 4.92
N ASN A 47 -11.48 -10.10 5.17
CA ASN A 47 -12.26 -9.64 6.32
C ASN A 47 -11.71 -10.22 7.61
N ASN A 48 -11.37 -11.51 7.57
CA ASN A 48 -10.83 -12.19 8.75
C ASN A 48 -9.78 -11.32 9.44
N ASN A 49 -8.85 -10.79 8.66
CA ASN A 49 -7.79 -9.95 9.20
C ASN A 49 -8.23 -8.49 9.25
N GLN A 50 -8.12 -7.88 10.43
CA GLN A 50 -8.50 -6.49 10.61
C GLN A 50 -7.28 -5.58 10.55
N PHE A 51 -6.19 -6.01 11.18
CA PHE A 51 -4.96 -5.23 11.19
C PHE A 51 -3.82 -6.00 10.54
N LYS A 52 -2.80 -5.27 10.09
CA LYS A 52 -1.65 -5.88 9.45
C LYS A 52 -0.36 -5.16 9.83
N LYS A 53 0.72 -5.92 9.97
CA LYS A 53 2.02 -5.35 10.33
C LYS A 53 3.00 -5.47 9.16
N PHE A 54 3.65 -4.35 8.85
CA PHE A 54 4.63 -4.33 7.76
C PHE A 54 6.03 -4.60 8.28
N PRO A 55 6.91 -5.07 7.39
CA PRO A 55 8.30 -5.39 7.73
C PRO A 55 9.12 -4.14 8.02
N GLN A 56 10.41 -4.33 8.28
CA GLN A 56 11.31 -3.21 8.57
C GLN A 56 11.78 -2.55 7.29
N MET A 57 11.71 -1.23 7.25
CA MET A 57 12.12 -0.46 6.08
C MET A 57 13.02 0.71 6.48
N THR A 58 13.61 1.35 5.49
CA THR A 58 14.50 2.49 5.73
C THR A 58 13.71 3.80 5.77
N SER A 59 14.40 4.89 6.08
CA SER A 59 13.77 6.20 6.15
C SER A 59 12.99 6.50 4.87
N TYR A 60 13.61 6.19 3.73
CA TYR A 60 12.98 6.43 2.44
C TYR A 60 11.81 5.48 2.21
N HIS A 61 12.11 4.18 2.22
CA HIS A 61 11.08 3.16 2.02
C HIS A 61 9.84 3.46 2.87
N ARG A 62 10.08 3.83 4.13
CA ARG A 62 8.98 4.14 5.04
C ARG A 62 8.09 5.24 4.47
N MET A 63 8.72 6.24 3.87
CA MET A 63 7.99 7.36 3.27
C MET A 63 7.11 6.88 2.11
N LEU A 64 7.69 6.07 1.24
CA LEU A 64 6.96 5.55 0.08
C LEU A 64 5.68 4.86 0.52
N LEU A 65 5.81 3.96 1.51
CA LEU A 65 4.65 3.23 2.01
C LEU A 65 3.59 4.18 2.56
N HIS A 66 4.02 5.09 3.43
CA HIS A 66 3.11 6.07 4.02
C HIS A 66 2.30 6.79 2.95
N ARG A 67 2.93 7.00 1.79
CA ARG A 67 2.26 7.67 0.69
C ARG A 67 1.16 6.81 0.10
N VAL A 68 1.50 5.56 -0.21
CA VAL A 68 0.53 4.63 -0.78
C VAL A 68 -0.71 4.51 0.10
N ALA A 69 -0.51 4.16 1.37
CA ALA A 69 -1.60 4.02 2.32
C ALA A 69 -2.46 5.29 2.34
N ALA A 70 -1.82 6.44 2.45
CA ALA A 70 -2.53 7.71 2.48
C ALA A 70 -3.39 7.89 1.23
N TYR A 71 -2.86 7.48 0.09
CA TYR A 71 -3.58 7.60 -1.17
C TYR A 71 -4.85 6.75 -1.16
N PHE A 72 -4.73 5.52 -0.68
CA PHE A 72 -5.87 4.62 -0.60
C PHE A 72 -6.81 5.01 0.54
N GLY A 73 -6.35 5.92 1.39
CA GLY A 73 -7.16 6.37 2.50
C GLY A 73 -7.07 5.43 3.69
N MET A 74 -5.84 5.07 4.06
CA MET A 74 -5.63 4.17 5.19
C MET A 74 -5.17 4.95 6.42
N ASP A 75 -5.12 4.27 7.56
CA ASP A 75 -4.70 4.89 8.81
C ASP A 75 -3.60 4.07 9.48
N HIS A 76 -2.34 4.42 9.19
CA HIS A 76 -1.21 3.71 9.76
C HIS A 76 -0.76 4.38 11.06
N ASN A 77 0.09 3.69 11.81
CA ASN A 77 0.59 4.20 13.08
C ASN A 77 1.96 3.60 13.42
N VAL A 78 2.68 4.25 14.32
CA VAL A 78 4.00 3.79 14.72
C VAL A 78 3.90 2.76 15.85
N ASP A 79 4.86 1.85 15.90
CA ASP A 79 4.88 0.82 16.94
C ASP A 79 5.38 1.38 18.26
N GLN A 80 5.23 0.61 19.33
CA GLN A 80 5.68 1.03 20.65
C GLN A 80 7.14 1.47 20.62
N THR A 81 7.84 1.10 19.56
CA THR A 81 9.24 1.46 19.40
C THR A 81 9.45 2.39 18.22
N GLY A 82 8.62 2.22 17.20
CA GLY A 82 8.72 3.07 16.02
C GLY A 82 9.59 2.46 14.94
N LYS A 83 9.68 1.12 14.95
CA LYS A 83 10.49 0.41 13.96
C LYS A 83 9.67 0.06 12.73
N ALA A 84 8.62 -0.73 12.92
CA ALA A 84 7.74 -1.14 11.83
C ALA A 84 6.44 -0.33 11.84
N VAL A 85 5.77 -0.29 10.70
CA VAL A 85 4.52 0.44 10.58
C VAL A 85 3.32 -0.51 10.53
N ILE A 86 2.26 -0.16 11.24
CA ILE A 86 1.06 -0.98 11.27
C ILE A 86 -0.12 -0.26 10.63
N ILE A 87 -0.84 -0.97 9.76
CA ILE A 87 -1.99 -0.40 9.07
C ILE A 87 -3.26 -1.17 9.42
N ASN A 88 -4.39 -0.68 8.90
CA ASN A 88 -5.69 -1.32 9.15
C ASN A 88 -6.58 -1.24 7.92
N LYS A 89 -7.77 -1.82 8.02
CA LYS A 89 -8.72 -1.81 6.92
C LYS A 89 -10.04 -1.17 7.34
N THR A 90 -10.54 -0.25 6.53
CA THR A 90 -11.79 0.43 6.82
C THR A 90 -12.67 0.51 5.57
N SER A 91 -13.96 0.79 5.78
CA SER A 91 -14.91 0.89 4.68
C SER A 91 -14.53 2.03 3.73
N ASN A 92 -14.24 3.18 4.30
CA ASN A 92 -13.86 4.36 3.52
C ASN A 92 -12.81 3.99 2.47
N THR A 93 -11.92 3.06 2.83
CA THR A 93 -10.87 2.62 1.93
C THR A 93 -11.45 1.88 0.73
N ARG A 94 -11.38 2.50 -0.44
CA ARG A 94 -11.90 1.90 -1.66
C ARG A 94 -10.79 1.79 -2.71
N ILE A 95 -11.05 0.97 -3.74
CA ILE A 95 -10.09 0.77 -4.81
C ILE A 95 -10.02 1.99 -5.72
N PRO A 96 -8.79 2.40 -6.07
CA PRO A 96 -8.56 3.56 -6.94
C PRO A 96 -8.99 3.29 -8.38
N GLU A 97 -9.33 4.36 -9.10
CA GLU A 97 -9.76 4.24 -10.49
C GLU A 97 -8.69 3.54 -11.32
N GLN A 98 -7.44 3.93 -11.12
CA GLN A 98 -6.33 3.35 -11.85
C GLN A 98 -5.32 2.70 -10.90
N ARG A 99 -4.63 1.67 -11.37
CA ARG A 99 -3.65 0.97 -10.57
C ARG A 99 -2.23 1.23 -11.08
N PHE A 100 -1.24 0.74 -10.35
CA PHE A 100 0.15 0.93 -10.73
C PHE A 100 0.50 0.12 -11.97
N SER A 101 0.00 -1.11 -12.02
CA SER A 101 0.25 -2.00 -13.16
C SER A 101 -0.29 -1.39 -14.45
N GLU A 102 -1.45 -0.74 -14.35
CA GLU A 102 -2.07 -0.11 -15.50
C GLU A 102 -1.04 0.67 -16.32
N HIS A 103 -0.25 1.48 -15.64
CA HIS A 103 0.78 2.28 -16.30
C HIS A 103 1.81 1.38 -16.99
N ILE A 104 1.99 0.18 -16.45
CA ILE A 104 2.94 -0.77 -17.02
C ILE A 104 2.31 -1.58 -18.14
N LYS A 105 1.38 -0.96 -18.86
CA LYS A 105 0.70 -1.62 -19.96
C LYS A 105 1.39 -1.33 -21.29
N ASP A 106 1.94 -2.37 -21.91
CA ASP A 106 2.64 -2.23 -23.18
C ASP A 106 2.48 -3.49 -24.04
N GLU A 107 2.93 -3.41 -25.28
CA GLU A 107 2.83 -4.54 -26.20
C GLU A 107 3.14 -5.85 -25.48
N LYS A 108 4.18 -5.83 -24.66
CA LYS A 108 4.59 -7.02 -23.91
C LYS A 108 3.48 -7.47 -22.96
N ASN A 109 2.81 -8.56 -23.32
CA ASN A 109 1.73 -9.09 -22.50
C ASN A 109 1.83 -10.61 -22.38
N THR A 110 1.08 -11.17 -21.44
CA THR A 110 1.10 -12.61 -21.21
C THR A 110 -0.22 -13.08 -20.59
N GLU A 111 -0.62 -14.31 -20.94
CA GLU A 111 -1.86 -14.87 -20.42
C GLU A 111 -1.58 -16.13 -19.59
N PHE A 112 -2.23 -16.24 -18.45
CA PHE A 112 -2.05 -17.39 -17.57
C PHE A 112 -3.23 -18.36 -17.70
N GLN A 113 -2.99 -19.62 -17.37
CA GLN A 113 -4.03 -20.64 -17.45
C GLN A 113 -4.14 -21.42 -16.13
N GLN A 114 -4.18 -20.68 -15.02
CA GLN A 114 -4.28 -21.30 -13.70
C GLN A 114 -5.45 -22.27 -13.64
N ARG A 115 -5.53 -23.03 -12.56
CA ARG A 115 -6.60 -24.00 -12.37
C ARG A 115 -7.38 -23.71 -11.10
N PHE A 116 -7.51 -22.43 -10.76
CA PHE A 116 -8.24 -22.01 -9.56
C PHE A 116 -9.27 -20.93 -9.89
N ILE A 117 -10.07 -20.57 -8.90
CA ILE A 117 -11.09 -19.54 -9.08
C ILE A 117 -10.61 -18.20 -8.54
N LEU A 118 -11.24 -17.13 -9.03
CA LEU A 118 -10.89 -15.78 -8.60
C LEU A 118 -12.12 -14.87 -8.59
N SER A 119 -12.03 -13.78 -7.84
CA SER A 119 -13.13 -12.83 -7.75
C SER A 119 -13.52 -12.31 -9.13
N GLY A 120 -14.82 -12.16 -9.35
CA GLY A 120 -15.30 -11.67 -10.63
C GLY A 120 -15.85 -10.26 -10.54
N PRO A 121 -15.89 -9.57 -11.69
CA PRO A 121 -16.39 -8.19 -11.76
C PRO A 121 -17.90 -8.11 -11.55
N SER A 122 -18.30 -8.06 -10.28
CA SER A 122 -19.72 -7.98 -9.93
C SER A 122 -20.29 -6.61 -10.27
N SER A 123 -21.25 -6.58 -11.20
CA SER A 123 -21.87 -5.34 -11.62
C SER A 123 -22.33 -4.52 -10.41
N GLY A 124 -22.99 -5.20 -9.47
CA GLY A 124 -23.47 -4.52 -8.28
C GLY A 124 -23.79 -5.49 -7.16
N GLY A 1 5.05 -0.12 28.00
CA GLY A 1 4.65 1.23 27.68
C GLY A 1 3.52 1.29 26.68
N SER A 2 3.15 2.49 26.25
CA SER A 2 2.07 2.67 25.29
C SER A 2 2.04 4.09 24.75
N SER A 3 1.60 4.24 23.50
CA SER A 3 1.53 5.56 22.87
C SER A 3 0.57 5.53 21.68
N GLY A 4 0.10 6.70 21.30
CA GLY A 4 -0.83 6.81 20.18
C GLY A 4 -0.56 8.02 19.31
N SER A 5 -0.82 7.89 18.02
CA SER A 5 -0.60 8.97 17.07
C SER A 5 -1.92 9.53 16.57
N SER A 6 -1.88 10.73 15.99
CA SER A 6 -3.07 11.37 15.46
C SER A 6 -2.79 12.03 14.12
N GLY A 7 -3.85 12.25 13.35
CA GLY A 7 -3.70 12.87 12.04
C GLY A 7 -3.49 14.36 12.12
N THR A 8 -3.05 14.96 11.02
CA THR A 8 -2.80 16.39 10.97
C THR A 8 -3.63 17.06 9.88
N ASP A 9 -3.69 18.39 9.92
CA ASP A 9 -4.45 19.14 8.93
C ASP A 9 -3.63 19.36 7.66
N SER A 10 -4.17 18.89 6.54
CA SER A 10 -3.49 19.03 5.26
C SER A 10 -4.22 20.01 4.35
N THR A 11 -3.51 20.53 3.36
CA THR A 11 -4.08 21.49 2.42
C THR A 11 -3.80 21.08 0.97
N GLY A 12 -4.09 19.83 0.64
CA GLY A 12 -3.85 19.36 -0.71
C GLY A 12 -2.47 18.76 -0.88
N ILE A 13 -2.35 17.45 -0.70
CA ILE A 13 -1.07 16.78 -0.84
C ILE A 13 -0.91 16.19 -2.24
N ASP A 14 0.27 16.38 -2.83
CA ASP A 14 0.56 15.86 -4.16
C ASP A 14 1.11 14.44 -4.08
N LEU A 15 0.22 13.46 -4.06
CA LEU A 15 0.61 12.07 -3.99
C LEU A 15 0.71 11.45 -5.39
N HIS A 16 -0.39 11.50 -6.13
CA HIS A 16 -0.42 10.95 -7.49
C HIS A 16 0.80 11.43 -8.29
N GLU A 17 1.11 12.71 -8.17
CA GLU A 17 2.24 13.29 -8.89
C GLU A 17 3.54 12.62 -8.48
N PHE A 18 3.83 12.64 -7.17
CA PHE A 18 5.05 12.03 -6.65
C PHE A 18 5.16 10.58 -7.09
N LEU A 19 4.10 9.80 -6.87
CA LEU A 19 4.08 8.40 -7.24
C LEU A 19 4.52 8.21 -8.69
N VAL A 20 3.76 8.78 -9.61
CA VAL A 20 4.06 8.67 -11.03
C VAL A 20 5.52 9.03 -11.30
N ASN A 21 5.90 10.25 -10.93
CA ASN A 21 7.27 10.72 -11.13
C ASN A 21 8.27 9.65 -10.73
N THR A 22 8.15 9.17 -9.49
CA THR A 22 9.06 8.15 -8.97
C THR A 22 9.14 6.96 -9.94
N LEU A 23 8.00 6.57 -10.49
CA LEU A 23 7.93 5.45 -11.42
C LEU A 23 8.78 5.73 -12.66
N LYS A 24 8.65 6.93 -13.20
CA LYS A 24 9.41 7.31 -14.39
C LYS A 24 10.90 7.44 -14.07
N LYS A 25 11.23 8.35 -13.16
CA LYS A 25 12.61 8.58 -12.77
C LYS A 25 13.26 7.27 -12.30
N ASN A 26 12.61 6.60 -11.36
CA ASN A 26 13.11 5.34 -10.82
C ASN A 26 12.19 4.17 -11.20
N PRO A 27 12.35 3.69 -12.44
CA PRO A 27 11.54 2.57 -12.95
C PRO A 27 11.88 1.25 -12.27
N ARG A 28 12.93 1.26 -11.46
CA ARG A 28 13.36 0.06 -10.74
C ARG A 28 12.59 -0.11 -9.45
N ASP A 29 11.99 0.98 -8.97
CA ASP A 29 11.22 0.95 -7.73
C ASP A 29 9.84 0.35 -7.98
N ARG A 30 9.42 0.31 -9.24
CA ARG A 30 8.12 -0.23 -9.60
C ARG A 30 7.79 -1.46 -8.75
N MET A 31 8.60 -2.51 -8.90
CA MET A 31 8.40 -3.74 -8.16
C MET A 31 8.14 -3.45 -6.68
N MET A 32 8.78 -2.39 -6.17
CA MET A 32 8.62 -2.00 -4.77
C MET A 32 7.17 -1.62 -4.48
N LEU A 33 6.75 -0.49 -5.04
CA LEU A 33 5.39 -0.01 -4.83
C LEU A 33 4.36 -1.07 -5.23
N LEU A 34 4.57 -1.69 -6.39
CA LEU A 34 3.68 -2.73 -6.88
C LEU A 34 3.45 -3.80 -5.82
N LYS A 35 4.55 -4.33 -5.29
CA LYS A 35 4.46 -5.37 -4.26
C LYS A 35 3.61 -4.91 -3.09
N LEU A 36 3.97 -3.75 -2.53
CA LEU A 36 3.23 -3.20 -1.40
C LEU A 36 1.75 -3.06 -1.73
N GLU A 37 1.45 -2.46 -2.88
CA GLU A 37 0.08 -2.27 -3.31
C GLU A 37 -0.68 -3.59 -3.33
N GLN A 38 -0.02 -4.63 -3.83
CA GLN A 38 -0.63 -5.95 -3.91
C GLN A 38 -0.94 -6.50 -2.52
N GLU A 39 0.04 -6.40 -1.63
CA GLU A 39 -0.12 -6.88 -0.26
C GLU A 39 -1.32 -6.21 0.41
N ILE A 40 -1.40 -4.90 0.28
CA ILE A 40 -2.49 -4.14 0.88
C ILE A 40 -3.85 -4.61 0.35
N LEU A 41 -3.93 -4.80 -0.96
CA LEU A 41 -5.16 -5.25 -1.58
C LEU A 41 -5.65 -6.55 -0.95
N GLU A 42 -4.82 -7.58 -1.00
CA GLU A 42 -5.16 -8.87 -0.42
C GLU A 42 -5.61 -8.72 1.03
N PHE A 43 -4.99 -7.79 1.75
CA PHE A 43 -5.32 -7.54 3.14
C PHE A 43 -6.73 -6.98 3.27
N ILE A 44 -7.07 -6.03 2.40
CA ILE A 44 -8.39 -5.41 2.42
C ILE A 44 -9.48 -6.44 2.22
N ASN A 45 -9.30 -7.32 1.23
CA ASN A 45 -10.27 -8.36 0.93
C ASN A 45 -10.38 -9.36 2.08
N ASP A 46 -9.25 -9.60 2.75
CA ASP A 46 -9.21 -10.53 3.87
C ASP A 46 -9.94 -9.95 5.08
N ASN A 47 -11.08 -10.54 5.41
CA ASN A 47 -11.88 -10.07 6.55
C ASN A 47 -11.33 -10.63 7.86
N ASN A 48 -10.94 -11.90 7.84
CA ASN A 48 -10.40 -12.55 9.02
C ASN A 48 -9.43 -11.61 9.76
N ASN A 49 -8.56 -10.94 9.00
CA ASN A 49 -7.60 -10.03 9.58
C ASN A 49 -8.16 -8.61 9.64
N GLN A 50 -7.96 -7.95 10.77
CA GLN A 50 -8.45 -6.58 10.95
C GLN A 50 -7.31 -5.57 10.82
N PHE A 51 -6.11 -5.97 11.24
CA PHE A 51 -4.95 -5.10 11.17
C PHE A 51 -3.82 -5.78 10.39
N LYS A 52 -2.89 -4.96 9.89
CA LYS A 52 -1.77 -5.48 9.12
C LYS A 52 -0.47 -4.80 9.55
N LYS A 53 0.49 -5.60 10.02
CA LYS A 53 1.77 -5.08 10.45
C LYS A 53 2.87 -5.45 9.47
N PHE A 54 3.58 -4.44 8.97
CA PHE A 54 4.65 -4.66 8.01
C PHE A 54 5.99 -4.83 8.72
N PRO A 55 6.94 -5.50 8.06
CA PRO A 55 8.28 -5.74 8.61
C PRO A 55 9.11 -4.47 8.71
N GLN A 56 10.22 -4.55 9.42
CA GLN A 56 11.11 -3.40 9.59
C GLN A 56 11.26 -2.63 8.28
N MET A 57 10.91 -1.36 8.31
CA MET A 57 11.02 -0.51 7.12
C MET A 57 12.13 0.52 7.28
N THR A 58 12.93 0.68 6.23
CA THR A 58 14.04 1.64 6.27
C THR A 58 13.55 3.04 5.91
N SER A 59 14.35 4.04 6.26
CA SER A 59 14.01 5.43 5.98
C SER A 59 13.31 5.56 4.63
N TYR A 60 13.74 4.75 3.67
CA TYR A 60 13.16 4.77 2.33
C TYR A 60 11.78 4.11 2.33
N HIS A 61 11.74 2.85 2.77
CA HIS A 61 10.48 2.12 2.81
C HIS A 61 9.41 2.91 3.54
N ARG A 62 9.69 3.31 4.77
CA ARG A 62 8.75 4.08 5.57
C ARG A 62 8.07 5.15 4.72
N MET A 63 8.88 5.97 4.05
CA MET A 63 8.35 7.03 3.20
C MET A 63 7.45 6.46 2.10
N LEU A 64 8.03 5.66 1.22
CA LEU A 64 7.28 5.05 0.14
C LEU A 64 5.90 4.60 0.60
N LEU A 65 5.87 3.72 1.58
CA LEU A 65 4.61 3.22 2.13
C LEU A 65 3.70 4.37 2.53
N HIS A 66 4.16 5.19 3.47
CA HIS A 66 3.37 6.33 3.94
C HIS A 66 2.60 6.96 2.78
N ARG A 67 3.23 7.03 1.62
CA ARG A 67 2.58 7.62 0.44
C ARG A 67 1.49 6.71 -0.09
N VAL A 68 1.83 5.42 -0.26
CA VAL A 68 0.87 4.45 -0.77
C VAL A 68 -0.39 4.42 0.08
N ALA A 69 -0.22 4.22 1.39
CA ALA A 69 -1.35 4.17 2.31
C ALA A 69 -2.16 5.46 2.24
N ALA A 70 -1.49 6.60 2.41
CA ALA A 70 -2.15 7.89 2.38
C ALA A 70 -2.98 8.05 1.10
N TYR A 71 -2.53 7.40 0.03
CA TYR A 71 -3.22 7.47 -1.25
C TYR A 71 -4.52 6.67 -1.21
N PHE A 72 -4.44 5.44 -0.72
CA PHE A 72 -5.61 4.57 -0.63
C PHE A 72 -6.53 5.03 0.51
N GLY A 73 -6.06 5.99 1.30
CA GLY A 73 -6.85 6.48 2.41
C GLY A 73 -6.86 5.54 3.58
N MET A 74 -5.67 5.12 4.03
CA MET A 74 -5.56 4.21 5.15
C MET A 74 -4.96 4.92 6.36
N ASP A 75 -5.43 4.55 7.55
CA ASP A 75 -4.94 5.15 8.79
C ASP A 75 -3.85 4.29 9.41
N HIS A 76 -2.60 4.58 9.08
CA HIS A 76 -1.47 3.83 9.61
C HIS A 76 -0.93 4.49 10.89
N ASN A 77 -0.19 3.71 11.68
CA ASN A 77 0.38 4.22 12.92
C ASN A 77 1.67 3.49 13.26
N VAL A 78 2.58 4.18 13.94
CA VAL A 78 3.85 3.60 14.33
C VAL A 78 3.74 2.88 15.67
N ASP A 79 4.55 1.84 15.85
CA ASP A 79 4.55 1.07 17.08
C ASP A 79 5.15 1.88 18.22
N GLN A 80 4.96 1.39 19.44
CA GLN A 80 5.48 2.07 20.63
C GLN A 80 6.97 2.40 20.45
N THR A 81 7.61 1.72 19.51
CA THR A 81 9.02 1.96 19.25
C THR A 81 9.23 2.63 17.90
N GLY A 82 8.38 2.30 16.94
CA GLY A 82 8.48 2.89 15.62
C GLY A 82 9.20 1.99 14.64
N LYS A 83 9.83 0.94 15.15
CA LYS A 83 10.56 0.00 14.31
C LYS A 83 9.71 -0.44 13.11
N ALA A 84 8.41 -0.58 13.33
CA ALA A 84 7.49 -0.98 12.27
C ALA A 84 6.21 -0.18 12.33
N VAL A 85 5.60 0.07 11.18
CA VAL A 85 4.36 0.83 11.09
C VAL A 85 3.17 -0.10 10.84
N ILE A 86 2.25 -0.14 11.80
CA ILE A 86 1.07 -0.97 11.67
C ILE A 86 -0.09 -0.21 11.03
N ILE A 87 -0.69 -0.82 10.02
CA ILE A 87 -1.82 -0.19 9.32
C ILE A 87 -3.12 -0.94 9.59
N ASN A 88 -4.21 -0.42 9.05
CA ASN A 88 -5.53 -1.03 9.24
C ASN A 88 -6.43 -0.78 8.03
N LYS A 89 -7.64 -1.31 8.08
CA LYS A 89 -8.60 -1.15 7.00
C LYS A 89 -9.85 -0.43 7.48
N THR A 90 -10.20 0.65 6.79
CA THR A 90 -11.39 1.43 7.15
C THR A 90 -12.28 1.66 5.94
N SER A 91 -13.56 1.92 6.20
CA SER A 91 -14.53 2.16 5.13
C SER A 91 -14.00 3.21 4.15
N ASN A 92 -13.32 4.22 4.70
CA ASN A 92 -12.77 5.29 3.88
C ASN A 92 -11.90 4.73 2.76
N THR A 93 -11.17 3.66 3.06
CA THR A 93 -10.29 3.02 2.08
C THR A 93 -11.09 2.46 0.92
N ARG A 94 -10.79 2.93 -0.29
CA ARG A 94 -11.48 2.47 -1.48
C ARG A 94 -10.52 2.33 -2.65
N ILE A 95 -10.93 1.62 -3.69
CA ILE A 95 -10.11 1.41 -4.88
C ILE A 95 -10.01 2.70 -5.69
N PRO A 96 -8.77 3.07 -6.05
CA PRO A 96 -8.49 4.26 -6.85
C PRO A 96 -8.98 4.13 -8.29
N GLU A 97 -8.97 5.24 -9.02
CA GLU A 97 -9.40 5.24 -10.40
C GLU A 97 -8.44 4.45 -11.29
N GLN A 98 -7.15 4.61 -11.02
CA GLN A 98 -6.11 3.91 -11.78
C GLN A 98 -5.03 3.35 -10.86
N ARG A 99 -4.44 2.23 -11.27
CA ARG A 99 -3.40 1.59 -10.48
C ARG A 99 -2.06 1.64 -11.21
N PHE A 100 -0.98 1.54 -10.45
CA PHE A 100 0.36 1.57 -11.03
C PHE A 100 0.46 0.62 -12.23
N SER A 101 -0.16 -0.55 -12.11
CA SER A 101 -0.14 -1.54 -13.18
C SER A 101 -0.69 -0.96 -14.47
N GLU A 102 -1.87 -0.36 -14.39
CA GLU A 102 -2.51 0.24 -15.56
C GLU A 102 -1.55 1.19 -16.27
N HIS A 103 -0.98 2.13 -15.52
CA HIS A 103 -0.03 3.09 -16.09
C HIS A 103 1.05 2.38 -16.89
N ILE A 104 1.45 1.20 -16.43
CA ILE A 104 2.48 0.43 -17.10
C ILE A 104 1.88 -0.78 -17.83
N LYS A 105 0.63 -0.63 -18.28
CA LYS A 105 -0.06 -1.70 -18.99
C LYS A 105 0.64 -2.02 -20.30
N ASP A 106 0.89 -3.31 -20.53
CA ASP A 106 1.56 -3.75 -21.76
C ASP A 106 0.98 -5.07 -22.25
N GLU A 107 0.71 -5.15 -23.55
CA GLU A 107 0.15 -6.36 -24.14
C GLU A 107 1.26 -7.36 -24.49
N LYS A 108 1.53 -8.26 -23.56
CA LYS A 108 2.56 -9.27 -23.77
C LYS A 108 2.25 -10.54 -22.97
N ASN A 109 2.96 -11.62 -23.28
CA ASN A 109 2.77 -12.89 -22.59
C ASN A 109 4.08 -13.38 -21.97
N THR A 110 3.97 -14.17 -20.91
CA THR A 110 5.14 -14.71 -20.24
C THR A 110 4.74 -15.73 -19.17
N GLU A 111 5.53 -16.78 -19.04
CA GLU A 111 5.25 -17.82 -18.05
C GLU A 111 4.84 -17.20 -16.72
N PHE A 112 4.03 -17.95 -15.96
CA PHE A 112 3.55 -17.48 -14.67
C PHE A 112 4.02 -18.40 -13.54
N GLN A 113 4.17 -17.84 -12.36
CA GLN A 113 4.60 -18.62 -11.19
C GLN A 113 3.72 -18.33 -9.98
N GLN A 114 4.09 -18.91 -8.85
CA GLN A 114 3.33 -18.73 -7.61
C GLN A 114 2.99 -17.25 -7.41
N ARG A 115 1.70 -16.94 -7.46
CA ARG A 115 1.24 -15.57 -7.28
C ARG A 115 1.96 -14.90 -6.11
N PHE A 116 1.81 -15.48 -4.93
CA PHE A 116 2.44 -14.93 -3.73
C PHE A 116 2.68 -16.03 -2.70
N ILE A 117 3.46 -15.70 -1.67
CA ILE A 117 3.76 -16.66 -0.61
C ILE A 117 2.69 -16.66 0.46
N LEU A 118 2.21 -17.85 0.82
CA LEU A 118 1.17 -17.99 1.83
C LEU A 118 1.79 -18.19 3.22
N SER A 119 1.49 -17.27 4.12
CA SER A 119 2.01 -17.35 5.48
C SER A 119 0.89 -17.22 6.51
N GLY A 120 1.21 -17.54 7.76
CA GLY A 120 0.22 -17.44 8.83
C GLY A 120 0.84 -17.19 10.18
N PRO A 121 1.31 -15.95 10.39
CA PRO A 121 1.94 -15.54 11.64
C PRO A 121 0.94 -15.46 12.80
N SER A 122 1.06 -16.39 13.74
CA SER A 122 0.16 -16.43 14.90
C SER A 122 0.47 -15.29 15.86
N SER A 123 -0.42 -14.30 15.91
CA SER A 123 -0.24 -13.16 16.78
C SER A 123 -0.68 -13.48 18.21
N GLY A 124 -0.34 -14.68 18.67
CA GLY A 124 -0.71 -15.09 20.01
C GLY A 124 0.46 -15.63 20.80
N GLY A 1 -22.50 3.15 -6.77
CA GLY A 1 -23.41 3.99 -7.53
C GLY A 1 -23.28 5.45 -7.18
N SER A 2 -22.53 6.20 -8.00
CA SER A 2 -22.33 7.62 -7.76
C SER A 2 -22.49 8.41 -9.06
N SER A 3 -23.35 9.42 -9.02
CA SER A 3 -23.61 10.25 -10.19
C SER A 3 -24.19 11.61 -9.78
N GLY A 4 -23.61 12.68 -10.32
CA GLY A 4 -24.08 14.01 -10.00
C GLY A 4 -23.28 14.66 -8.88
N SER A 5 -22.00 14.91 -9.16
CA SER A 5 -21.12 15.53 -8.17
C SER A 5 -20.64 16.90 -8.64
N SER A 6 -20.31 17.77 -7.69
CA SER A 6 -19.84 19.11 -8.01
C SER A 6 -18.72 19.54 -7.07
N GLY A 7 -17.90 20.48 -7.52
CA GLY A 7 -16.80 20.95 -6.71
C GLY A 7 -15.45 20.75 -7.39
N THR A 8 -14.42 21.42 -6.87
CA THR A 8 -13.09 21.31 -7.44
C THR A 8 -12.07 20.93 -6.36
N ASP A 9 -11.43 19.77 -6.54
CA ASP A 9 -10.44 19.29 -5.59
C ASP A 9 -9.27 20.27 -5.49
N SER A 10 -9.15 20.92 -4.33
CA SER A 10 -8.09 21.88 -4.11
C SER A 10 -6.75 21.35 -4.61
N THR A 11 -5.98 22.22 -5.25
CA THR A 11 -4.67 21.83 -5.79
C THR A 11 -3.56 22.09 -4.78
N GLY A 12 -2.72 21.09 -4.56
CA GLY A 12 -1.62 21.24 -3.62
C GLY A 12 -0.91 19.92 -3.34
N ILE A 13 -1.68 18.91 -2.95
CA ILE A 13 -1.13 17.61 -2.65
C ILE A 13 -1.14 16.70 -3.88
N ASP A 14 0.02 16.52 -4.49
CA ASP A 14 0.14 15.68 -5.68
C ASP A 14 0.66 14.30 -5.32
N LEU A 15 -0.25 13.35 -5.15
CA LEU A 15 0.11 11.97 -4.81
C LEU A 15 0.29 11.12 -6.06
N HIS A 16 -0.83 10.88 -6.76
CA HIS A 16 -0.81 10.08 -7.97
C HIS A 16 0.38 10.45 -8.86
N GLU A 17 0.57 11.76 -9.05
CA GLU A 17 1.67 12.25 -9.88
C GLU A 17 3.00 11.66 -9.42
N PHE A 18 3.31 11.85 -8.15
CA PHE A 18 4.55 11.34 -7.58
C PHE A 18 4.67 9.84 -7.78
N LEU A 19 3.64 9.11 -7.37
CA LEU A 19 3.62 7.66 -7.51
C LEU A 19 3.94 7.25 -8.94
N VAL A 20 3.16 7.76 -9.89
CA VAL A 20 3.36 7.44 -11.29
C VAL A 20 4.77 7.83 -11.75
N ASN A 21 5.10 9.11 -11.65
CA ASN A 21 6.41 9.60 -12.04
C ASN A 21 7.50 8.60 -11.69
N THR A 22 7.41 8.02 -10.50
CA THR A 22 8.38 7.04 -10.04
C THR A 22 8.23 5.73 -10.78
N LEU A 23 6.98 5.34 -11.04
CA LEU A 23 6.69 4.09 -11.74
C LEU A 23 7.42 4.05 -13.09
N LYS A 24 7.38 5.16 -13.81
CA LYS A 24 8.03 5.25 -15.12
C LYS A 24 9.51 5.59 -14.96
N LYS A 25 9.79 6.73 -14.35
CA LYS A 25 11.16 7.18 -14.14
C LYS A 25 11.99 6.06 -13.51
N ASN A 26 11.42 5.37 -12.54
CA ASN A 26 12.11 4.28 -11.86
C ASN A 26 11.42 2.95 -12.13
N PRO A 27 11.73 2.35 -13.30
CA PRO A 27 11.15 1.07 -13.70
C PRO A 27 11.67 -0.10 -12.86
N ARG A 28 12.73 0.16 -12.11
CA ARG A 28 13.34 -0.86 -11.26
C ARG A 28 12.74 -0.82 -9.86
N ASP A 29 12.74 0.36 -9.26
CA ASP A 29 12.20 0.54 -7.92
C ASP A 29 10.75 0.09 -7.85
N ARG A 30 9.96 0.52 -8.83
CA ARG A 30 8.54 0.17 -8.88
C ARG A 30 8.31 -1.25 -8.35
N MET A 31 9.26 -2.14 -8.63
CA MET A 31 9.16 -3.53 -8.19
C MET A 31 8.63 -3.60 -6.76
N MET A 32 9.27 -2.86 -5.86
CA MET A 32 8.86 -2.84 -4.46
C MET A 32 7.45 -2.27 -4.31
N LEU A 33 7.25 -1.08 -4.86
CA LEU A 33 5.94 -0.42 -4.80
C LEU A 33 4.83 -1.39 -5.17
N LEU A 34 4.93 -1.98 -6.36
CA LEU A 34 3.93 -2.92 -6.83
C LEU A 34 3.66 -4.00 -5.80
N LYS A 35 4.72 -4.67 -5.37
CA LYS A 35 4.61 -5.74 -4.37
C LYS A 35 3.65 -5.33 -3.25
N LEU A 36 3.86 -4.13 -2.72
CA LEU A 36 3.02 -3.61 -1.64
C LEU A 36 1.55 -3.54 -2.08
N GLU A 37 1.31 -2.88 -3.20
CA GLU A 37 -0.05 -2.74 -3.73
C GLU A 37 -0.78 -4.09 -3.69
N GLN A 38 -0.06 -5.15 -4.04
CA GLN A 38 -0.64 -6.49 -4.05
C GLN A 38 -1.03 -6.93 -2.64
N GLU A 39 -0.08 -6.86 -1.72
CA GLU A 39 -0.34 -7.24 -0.34
C GLU A 39 -1.49 -6.45 0.25
N ILE A 40 -1.44 -5.13 0.09
CA ILE A 40 -2.49 -4.25 0.60
C ILE A 40 -3.85 -4.62 0.02
N LEU A 41 -3.90 -4.75 -1.31
CA LEU A 41 -5.13 -5.10 -2.00
C LEU A 41 -5.81 -6.28 -1.33
N GLU A 42 -5.07 -7.38 -1.19
CA GLU A 42 -5.60 -8.58 -0.55
C GLU A 42 -6.09 -8.29 0.86
N PHE A 43 -5.33 -7.48 1.58
CA PHE A 43 -5.68 -7.12 2.96
C PHE A 43 -7.04 -6.40 3.00
N ILE A 44 -7.13 -5.29 2.28
CA ILE A 44 -8.36 -4.51 2.24
C ILE A 44 -9.57 -5.41 2.00
N ASN A 45 -9.49 -6.22 0.95
CA ASN A 45 -10.58 -7.13 0.61
C ASN A 45 -10.77 -8.19 1.69
N ASP A 46 -9.67 -8.66 2.25
CA ASP A 46 -9.71 -9.67 3.30
C ASP A 46 -10.24 -9.08 4.61
N ASN A 47 -11.42 -9.53 5.01
CA ASN A 47 -12.04 -9.04 6.23
C ASN A 47 -11.41 -9.68 7.46
N ASN A 48 -11.13 -10.98 7.36
CA ASN A 48 -10.52 -11.72 8.46
C ASN A 48 -9.39 -10.91 9.11
N ASN A 49 -8.57 -10.28 8.28
CA ASN A 49 -7.46 -9.46 8.77
C ASN A 49 -7.92 -8.03 9.04
N GLN A 50 -7.54 -7.51 10.20
CA GLN A 50 -7.91 -6.15 10.60
C GLN A 50 -6.67 -5.32 10.89
N PHE A 51 -5.55 -6.00 11.10
CA PHE A 51 -4.29 -5.31 11.40
C PHE A 51 -3.12 -6.02 10.73
N LYS A 52 -2.15 -5.23 10.26
CA LYS A 52 -0.98 -5.77 9.60
C LYS A 52 0.28 -4.98 9.97
N LYS A 53 1.27 -5.68 10.50
CA LYS A 53 2.52 -5.04 10.91
C LYS A 53 3.64 -5.39 9.93
N PHE A 54 4.04 -4.42 9.11
CA PHE A 54 5.09 -4.63 8.14
C PHE A 54 6.44 -4.81 8.83
N PRO A 55 7.35 -5.55 8.18
CA PRO A 55 8.69 -5.81 8.70
C PRO A 55 9.57 -4.57 8.72
N GLN A 56 10.79 -4.71 9.23
CA GLN A 56 11.73 -3.59 9.29
C GLN A 56 11.99 -3.02 7.90
N MET A 57 11.83 -1.70 7.76
CA MET A 57 12.04 -1.04 6.49
C MET A 57 13.05 0.10 6.64
N THR A 58 13.51 0.63 5.52
CA THR A 58 14.48 1.72 5.52
C THR A 58 13.78 3.08 5.59
N SER A 59 14.58 4.13 5.71
CA SER A 59 14.03 5.49 5.79
C SER A 59 13.17 5.79 4.56
N TYR A 60 13.75 5.63 3.38
CA TYR A 60 13.04 5.89 2.14
C TYR A 60 11.80 5.00 2.02
N HIS A 61 12.01 3.70 2.07
CA HIS A 61 10.92 2.74 1.96
C HIS A 61 9.74 3.18 2.83
N ARG A 62 9.96 3.22 4.15
CA ARG A 62 8.93 3.61 5.09
C ARG A 62 8.05 4.71 4.50
N MET A 63 8.69 5.81 4.10
CA MET A 63 7.96 6.94 3.52
C MET A 63 7.05 6.48 2.39
N LEU A 64 7.63 5.87 1.38
CA LEU A 64 6.86 5.38 0.23
C LEU A 64 5.56 4.73 0.69
N LEU A 65 5.67 3.83 1.66
CA LEU A 65 4.50 3.13 2.19
C LEU A 65 3.46 4.12 2.70
N HIS A 66 3.87 4.98 3.63
CA HIS A 66 2.97 5.98 4.19
C HIS A 66 2.15 6.66 3.09
N ARG A 67 2.79 6.88 1.95
CA ARG A 67 2.13 7.52 0.82
C ARG A 67 1.06 6.60 0.21
N VAL A 68 1.42 5.33 0.04
CA VAL A 68 0.50 4.36 -0.53
C VAL A 68 -0.81 4.32 0.24
N ALA A 69 -0.72 4.13 1.55
CA ALA A 69 -1.90 4.08 2.41
C ALA A 69 -2.69 5.37 2.31
N ALA A 70 -2.06 6.48 2.64
CA ALA A 70 -2.72 7.79 2.60
C ALA A 70 -3.51 7.95 1.30
N TYR A 71 -3.00 7.37 0.22
CA TYR A 71 -3.66 7.45 -1.07
C TYR A 71 -4.92 6.60 -1.10
N PHE A 72 -4.78 5.33 -0.73
CA PHE A 72 -5.91 4.40 -0.70
C PHE A 72 -6.97 4.87 0.29
N GLY A 73 -6.58 5.77 1.18
CA GLY A 73 -7.51 6.29 2.18
C GLY A 73 -7.47 5.48 3.46
N MET A 74 -6.28 5.07 3.87
CA MET A 74 -6.11 4.29 5.10
C MET A 74 -5.20 5.01 6.08
N ASP A 75 -5.47 4.82 7.37
CA ASP A 75 -4.67 5.45 8.41
C ASP A 75 -3.68 4.46 9.03
N HIS A 76 -2.44 4.90 9.20
CA HIS A 76 -1.40 4.05 9.77
C HIS A 76 -0.79 4.69 11.01
N ASN A 77 -0.19 3.88 11.86
CA ASN A 77 0.43 4.37 13.09
C ASN A 77 1.67 3.55 13.43
N VAL A 78 2.54 4.13 14.25
CA VAL A 78 3.78 3.46 14.65
C VAL A 78 3.55 2.61 15.91
N ASP A 79 4.38 1.59 16.07
CA ASP A 79 4.27 0.71 17.23
C ASP A 79 4.41 1.50 18.53
N GLN A 80 4.13 0.84 19.65
CA GLN A 80 4.21 1.48 20.96
C GLN A 80 5.63 1.99 21.22
N THR A 81 6.57 1.57 20.38
CA THR A 81 7.96 1.97 20.51
C THR A 81 8.41 2.81 19.31
N GLY A 82 7.90 2.45 18.14
CA GLY A 82 8.26 3.18 16.93
C GLY A 82 9.30 2.45 16.10
N LYS A 83 9.25 1.12 16.14
CA LYS A 83 10.19 0.30 15.39
C LYS A 83 9.67 0.00 13.99
N ALA A 84 8.39 -0.34 13.90
CA ALA A 84 7.77 -0.63 12.62
C ALA A 84 6.39 0.03 12.50
N VAL A 85 5.95 0.25 11.27
CA VAL A 85 4.66 0.88 11.03
C VAL A 85 3.58 -0.16 10.76
N ILE A 86 2.46 -0.06 11.47
CA ILE A 86 1.36 -0.98 11.31
C ILE A 86 0.11 -0.28 10.78
N ILE A 87 -0.52 -0.86 9.77
CA ILE A 87 -1.73 -0.28 9.18
C ILE A 87 -2.94 -1.17 9.45
N ASN A 88 -4.10 -0.54 9.62
CA ASN A 88 -5.33 -1.28 9.87
C ASN A 88 -6.36 -1.00 8.76
N LYS A 89 -7.53 -1.61 8.89
CA LYS A 89 -8.59 -1.44 7.91
C LYS A 89 -9.74 -0.61 8.49
N THR A 90 -10.17 0.40 7.74
CA THR A 90 -11.25 1.26 8.19
C THR A 90 -12.22 1.57 7.04
N SER A 91 -13.49 1.74 7.36
CA SER A 91 -14.51 2.03 6.36
C SER A 91 -13.99 3.06 5.36
N ASN A 92 -13.44 4.16 5.87
CA ASN A 92 -12.91 5.22 5.01
C ASN A 92 -12.10 4.63 3.87
N THR A 93 -11.36 3.56 4.15
CA THR A 93 -10.54 2.91 3.15
C THR A 93 -11.38 2.36 2.01
N ARG A 94 -11.20 2.92 0.82
CA ARG A 94 -11.96 2.48 -0.34
C ARG A 94 -11.05 2.34 -1.56
N ILE A 95 -11.56 1.72 -2.61
CA ILE A 95 -10.79 1.51 -3.83
C ILE A 95 -10.60 2.82 -4.59
N PRO A 96 -9.35 3.10 -4.96
CA PRO A 96 -9.00 4.32 -5.70
C PRO A 96 -9.51 4.30 -7.14
N GLU A 97 -9.03 5.23 -7.95
CA GLU A 97 -9.45 5.31 -9.35
C GLU A 97 -8.82 4.20 -10.17
N GLN A 98 -7.51 4.02 -10.03
CA GLN A 98 -6.79 2.99 -10.76
C GLN A 98 -5.64 2.44 -9.93
N ARG A 99 -5.07 1.32 -10.39
CA ARG A 99 -3.97 0.68 -9.68
C ARG A 99 -2.67 0.81 -10.48
N PHE A 100 -1.54 0.77 -9.78
CA PHE A 100 -0.24 0.87 -10.44
C PHE A 100 -0.05 -0.25 -11.45
N SER A 101 -0.85 -1.31 -11.32
CA SER A 101 -0.77 -2.44 -12.22
C SER A 101 -1.39 -2.10 -13.58
N GLU A 102 -2.11 -0.99 -13.63
CA GLU A 102 -2.75 -0.56 -14.86
C GLU A 102 -1.72 -0.10 -15.89
N HIS A 103 -0.50 0.14 -15.42
CA HIS A 103 0.58 0.58 -16.30
C HIS A 103 1.38 -0.61 -16.81
N ILE A 104 1.43 -1.68 -16.03
CA ILE A 104 2.16 -2.88 -16.40
C ILE A 104 1.20 -4.01 -16.76
N LYS A 105 0.03 -3.65 -17.28
CA LYS A 105 -0.96 -4.64 -17.67
C LYS A 105 -0.38 -5.64 -18.66
N ASP A 106 -0.15 -6.87 -18.19
CA ASP A 106 0.41 -7.92 -19.04
C ASP A 106 0.20 -9.29 -18.41
N GLU A 107 -0.03 -10.29 -19.25
CA GLU A 107 -0.24 -11.66 -18.77
C GLU A 107 1.04 -12.48 -18.88
N LYS A 108 1.40 -13.13 -17.78
CA LYS A 108 2.61 -13.95 -17.75
C LYS A 108 2.42 -15.14 -16.81
N ASN A 109 2.40 -16.35 -17.38
CA ASN A 109 2.24 -17.55 -16.59
C ASN A 109 3.35 -17.70 -15.56
N THR A 110 3.00 -17.50 -14.29
CA THR A 110 3.98 -17.59 -13.21
C THR A 110 3.36 -18.25 -11.98
N GLU A 111 4.00 -19.31 -11.49
CA GLU A 111 3.52 -20.02 -10.31
C GLU A 111 4.08 -19.41 -9.03
N PHE A 112 3.20 -18.79 -8.24
CA PHE A 112 3.62 -18.17 -6.99
C PHE A 112 3.06 -18.93 -5.80
N GLN A 113 3.68 -18.74 -4.64
CA GLN A 113 3.25 -19.40 -3.41
C GLN A 113 2.40 -18.48 -2.56
N GLN A 114 2.94 -17.31 -2.23
CA GLN A 114 2.22 -16.34 -1.41
C GLN A 114 1.94 -16.90 -0.01
N ARG A 115 2.93 -17.59 0.55
CA ARG A 115 2.77 -18.18 1.88
C ARG A 115 3.37 -17.26 2.95
N PHE A 116 2.80 -17.33 4.15
CA PHE A 116 3.28 -16.50 5.25
C PHE A 116 2.55 -16.85 6.55
N ILE A 117 3.29 -17.35 7.53
CA ILE A 117 2.72 -17.73 8.81
C ILE A 117 2.96 -16.65 9.86
N LEU A 118 1.89 -16.22 10.52
CA LEU A 118 1.98 -15.20 11.56
C LEU A 118 0.75 -15.23 12.46
N SER A 119 0.89 -14.68 13.66
CA SER A 119 -0.20 -14.64 14.62
C SER A 119 -0.74 -13.22 14.78
N GLY A 120 0.17 -12.27 15.01
CA GLY A 120 -0.24 -10.89 15.18
C GLY A 120 -0.56 -10.55 16.63
N PRO A 121 -0.26 -9.30 17.02
CA PRO A 121 -0.51 -8.83 18.39
C PRO A 121 -2.00 -8.67 18.67
N SER A 122 -2.35 -8.73 19.95
CA SER A 122 -3.75 -8.60 20.37
C SER A 122 -3.90 -7.52 21.42
N SER A 123 -4.06 -6.27 20.97
CA SER A 123 -4.21 -5.14 21.89
C SER A 123 -3.09 -5.13 22.93
N GLY A 124 -1.87 -5.43 22.48
CA GLY A 124 -0.74 -5.46 23.38
C GLY A 124 0.21 -6.62 23.10
N GLY A 1 -5.34 -0.23 22.11
CA GLY A 1 -5.10 1.09 21.59
C GLY A 1 -5.83 1.33 20.27
N SER A 2 -6.78 2.26 20.29
CA SER A 2 -7.56 2.57 19.09
C SER A 2 -7.42 4.05 18.73
N SER A 3 -7.22 4.31 17.44
CA SER A 3 -7.07 5.69 16.97
C SER A 3 -7.76 5.86 15.61
N GLY A 4 -8.90 6.55 15.62
CA GLY A 4 -9.63 6.79 14.39
C GLY A 4 -9.52 8.21 13.91
N SER A 5 -9.32 8.40 12.61
CA SER A 5 -9.21 9.73 12.02
C SER A 5 -10.57 10.27 11.62
N SER A 6 -10.80 11.56 11.89
CA SER A 6 -12.06 12.20 11.55
C SER A 6 -11.93 13.03 10.28
N GLY A 7 -11.25 12.48 9.28
CA GLY A 7 -11.06 13.20 8.03
C GLY A 7 -10.74 14.66 8.24
N THR A 8 -9.49 14.95 8.55
CA THR A 8 -9.06 16.33 8.77
C THR A 8 -8.18 16.83 7.62
N ASP A 9 -8.82 17.44 6.63
CA ASP A 9 -8.09 17.97 5.47
C ASP A 9 -7.21 16.89 4.85
N SER A 10 -7.76 15.69 4.73
CA SER A 10 -7.02 14.57 4.14
C SER A 10 -7.28 14.46 2.65
N THR A 11 -7.32 15.62 1.98
CA THR A 11 -7.55 15.66 0.55
C THR A 11 -6.85 16.84 -0.10
N GLY A 12 -6.06 16.56 -1.13
CA GLY A 12 -5.34 17.61 -1.83
C GLY A 12 -3.93 17.19 -2.23
N ILE A 13 -3.13 16.80 -1.25
CA ILE A 13 -1.76 16.37 -1.52
C ILE A 13 -1.68 15.55 -2.80
N ASP A 14 -0.91 16.05 -3.77
CA ASP A 14 -0.74 15.36 -5.04
C ASP A 14 0.10 14.10 -4.87
N LEU A 15 -0.56 12.95 -4.82
CA LEU A 15 0.13 11.68 -4.67
C LEU A 15 0.43 11.05 -6.02
N HIS A 16 -0.61 10.85 -6.83
CA HIS A 16 -0.46 10.27 -8.15
C HIS A 16 0.79 10.80 -8.84
N GLU A 17 0.91 12.12 -8.91
CA GLU A 17 2.06 12.74 -9.54
C GLU A 17 3.36 12.08 -9.10
N PHE A 18 3.62 12.13 -7.79
CA PHE A 18 4.84 11.53 -7.24
C PHE A 18 4.95 10.07 -7.64
N LEU A 19 3.90 9.30 -7.38
CA LEU A 19 3.89 7.88 -7.71
C LEU A 19 4.43 7.65 -9.12
N VAL A 20 3.72 8.18 -10.11
CA VAL A 20 4.13 8.04 -11.51
C VAL A 20 5.60 8.40 -11.69
N ASN A 21 5.99 9.55 -11.15
CA ASN A 21 7.38 10.00 -11.25
C ASN A 21 8.35 8.91 -10.81
N THR A 22 8.08 8.33 -9.65
CA THR A 22 8.93 7.27 -9.12
C THR A 22 9.04 6.10 -10.09
N LEU A 23 7.91 5.76 -10.72
CA LEU A 23 7.87 4.66 -11.68
C LEU A 23 8.48 5.09 -13.02
N LYS A 24 8.61 6.39 -13.22
CA LYS A 24 9.17 6.93 -14.45
C LYS A 24 10.70 6.96 -14.38
N LYS A 25 11.23 7.65 -13.37
CA LYS A 25 12.67 7.75 -13.18
C LYS A 25 13.25 6.44 -12.66
N ASN A 26 12.51 5.79 -11.76
CA ASN A 26 12.95 4.53 -11.18
C ASN A 26 12.00 3.40 -11.54
N PRO A 27 12.19 2.84 -12.76
CA PRO A 27 11.35 1.74 -13.26
C PRO A 27 11.61 0.43 -12.51
N ARG A 28 12.69 0.40 -11.74
CA ARG A 28 13.04 -0.79 -10.98
C ARG A 28 12.44 -0.72 -9.57
N ASP A 29 12.23 0.49 -9.08
CA ASP A 29 11.67 0.70 -7.75
C ASP A 29 10.27 0.11 -7.66
N ARG A 30 9.51 0.21 -8.74
CA ARG A 30 8.15 -0.31 -8.78
C ARG A 30 8.04 -1.60 -7.96
N MET A 31 8.99 -2.50 -8.15
CA MET A 31 9.00 -3.76 -7.43
C MET A 31 8.44 -3.59 -6.02
N MET A 32 9.07 -2.70 -5.25
CA MET A 32 8.64 -2.44 -3.88
C MET A 32 7.25 -1.82 -3.86
N LEU A 33 7.08 -0.74 -4.62
CA LEU A 33 5.79 -0.05 -4.68
C LEU A 33 4.65 -1.05 -4.89
N LEU A 34 4.66 -1.74 -6.03
CA LEU A 34 3.63 -2.71 -6.35
C LEU A 34 3.41 -3.67 -5.18
N LYS A 35 4.46 -4.41 -4.82
CA LYS A 35 4.38 -5.37 -3.72
C LYS A 35 3.54 -4.80 -2.57
N LEU A 36 3.79 -3.54 -2.24
CA LEU A 36 3.05 -2.88 -1.17
C LEU A 36 1.57 -2.77 -1.51
N GLU A 37 1.28 -2.47 -2.77
CA GLU A 37 -0.10 -2.34 -3.23
C GLU A 37 -0.81 -3.68 -3.23
N GLN A 38 -0.20 -4.68 -3.87
CA GLN A 38 -0.77 -6.02 -3.94
C GLN A 38 -1.03 -6.57 -2.55
N GLU A 39 -0.09 -6.32 -1.63
CA GLU A 39 -0.22 -6.80 -0.26
C GLU A 39 -1.44 -6.18 0.42
N ILE A 40 -1.57 -4.87 0.28
CA ILE A 40 -2.69 -4.16 0.88
C ILE A 40 -4.02 -4.59 0.27
N LEU A 41 -4.07 -4.63 -1.07
CA LEU A 41 -5.27 -5.03 -1.77
C LEU A 41 -5.83 -6.33 -1.20
N GLU A 42 -5.04 -7.40 -1.28
CA GLU A 42 -5.46 -8.70 -0.77
C GLU A 42 -5.88 -8.60 0.69
N PHE A 43 -5.14 -7.82 1.46
CA PHE A 43 -5.43 -7.64 2.88
C PHE A 43 -6.84 -7.10 3.08
N ILE A 44 -7.17 -6.04 2.35
CA ILE A 44 -8.50 -5.43 2.44
C ILE A 44 -9.59 -6.44 2.12
N ASN A 45 -9.40 -7.18 1.04
CA ASN A 45 -10.38 -8.18 0.61
C ASN A 45 -10.69 -9.15 1.75
N ASP A 46 -9.66 -9.58 2.45
CA ASP A 46 -9.83 -10.50 3.57
C ASP A 46 -10.39 -9.78 4.79
N ASN A 47 -11.45 -10.35 5.36
CA ASN A 47 -12.08 -9.76 6.53
C ASN A 47 -11.47 -10.32 7.82
N ASN A 48 -11.17 -11.61 7.82
CA ASN A 48 -10.59 -12.27 8.98
C ASN A 48 -9.50 -11.39 9.60
N ASN A 49 -8.70 -10.75 8.75
CA ASN A 49 -7.63 -9.89 9.21
C ASN A 49 -8.11 -8.46 9.37
N GLN A 50 -7.92 -7.91 10.57
CA GLN A 50 -8.35 -6.54 10.86
C GLN A 50 -7.14 -5.60 10.89
N PHE A 51 -5.97 -6.15 11.18
CA PHE A 51 -4.74 -5.37 11.24
C PHE A 51 -3.61 -6.06 10.49
N LYS A 52 -2.68 -5.27 9.98
CA LYS A 52 -1.54 -5.80 9.24
C LYS A 52 -0.25 -5.07 9.62
N LYS A 53 0.74 -5.84 10.07
CA LYS A 53 2.03 -5.27 10.46
C LYS A 53 3.11 -5.63 9.46
N PHE A 54 3.78 -4.61 8.91
CA PHE A 54 4.84 -4.83 7.94
C PHE A 54 6.19 -4.99 8.64
N PRO A 55 7.12 -5.68 7.96
CA PRO A 55 8.47 -5.92 8.50
C PRO A 55 9.31 -4.65 8.56
N GLN A 56 10.32 -4.66 9.42
CA GLN A 56 11.19 -3.50 9.57
C GLN A 56 11.43 -2.81 8.23
N MET A 57 11.34 -1.49 8.22
CA MET A 57 11.54 -0.72 7.01
C MET A 57 12.56 0.40 7.23
N THR A 58 13.11 0.92 6.15
CA THR A 58 14.09 2.00 6.22
C THR A 58 13.48 3.34 5.84
N SER A 59 14.24 4.41 6.04
CA SER A 59 13.77 5.75 5.72
C SER A 59 13.02 5.76 4.39
N TYR A 60 13.74 5.50 3.31
CA TYR A 60 13.15 5.47 1.97
C TYR A 60 11.86 4.66 1.97
N HIS A 61 11.94 3.43 2.47
CA HIS A 61 10.78 2.55 2.54
C HIS A 61 9.58 3.28 3.13
N ARG A 62 9.63 3.55 4.42
CA ARG A 62 8.55 4.25 5.11
C ARG A 62 7.90 5.28 4.19
N MET A 63 8.70 6.20 3.68
CA MET A 63 8.20 7.24 2.79
C MET A 63 7.29 6.65 1.72
N LEU A 64 7.85 5.78 0.87
CA LEU A 64 7.08 5.15 -0.18
C LEU A 64 5.71 4.70 0.32
N LEU A 65 5.71 3.90 1.38
CA LEU A 65 4.47 3.41 1.96
C LEU A 65 3.52 4.55 2.29
N HIS A 66 4.02 5.51 3.08
CA HIS A 66 3.23 6.67 3.47
C HIS A 66 2.45 7.22 2.28
N ARG A 67 3.07 7.21 1.11
CA ARG A 67 2.45 7.71 -0.10
C ARG A 67 1.29 6.80 -0.53
N VAL A 68 1.58 5.52 -0.70
CA VAL A 68 0.57 4.54 -1.11
C VAL A 68 -0.60 4.54 -0.13
N ALA A 69 -0.29 4.37 1.16
CA ALA A 69 -1.32 4.36 2.19
C ALA A 69 -2.25 5.55 2.07
N ALA A 70 -1.66 6.74 1.98
CA ALA A 70 -2.43 7.98 1.87
C ALA A 70 -3.30 7.96 0.61
N TYR A 71 -2.78 7.36 -0.45
CA TYR A 71 -3.50 7.28 -1.72
C TYR A 71 -4.81 6.51 -1.55
N PHE A 72 -4.75 5.41 -0.81
CA PHE A 72 -5.92 4.59 -0.57
C PHE A 72 -6.75 5.13 0.59
N GLY A 73 -6.11 5.94 1.44
CA GLY A 73 -6.79 6.51 2.58
C GLY A 73 -6.76 5.60 3.79
N MET A 74 -5.57 5.10 4.13
CA MET A 74 -5.41 4.22 5.27
C MET A 74 -4.87 4.98 6.48
N ASP A 75 -4.91 4.34 7.64
CA ASP A 75 -4.43 4.96 8.88
C ASP A 75 -3.26 4.17 9.45
N HIS A 76 -2.06 4.75 9.36
CA HIS A 76 -0.85 4.11 9.86
C HIS A 76 -0.55 4.57 11.28
N ASN A 77 0.15 3.72 12.04
CA ASN A 77 0.51 4.04 13.41
C ASN A 77 1.81 3.36 13.81
N VAL A 78 2.48 3.91 14.82
CA VAL A 78 3.75 3.37 15.29
C VAL A 78 3.53 2.38 16.44
N ASP A 79 4.49 1.50 16.66
CA ASP A 79 4.40 0.51 17.72
C ASP A 79 5.11 1.00 18.98
N GLN A 80 4.88 0.30 20.09
CA GLN A 80 5.48 0.67 21.36
C GLN A 80 6.96 0.99 21.19
N THR A 81 7.56 0.44 20.13
CA THR A 81 8.97 0.68 19.86
C THR A 81 9.16 1.65 18.70
N GLY A 82 8.15 1.73 17.84
CA GLY A 82 8.21 2.63 16.70
C GLY A 82 9.26 2.20 15.68
N LYS A 83 9.48 0.89 15.58
CA LYS A 83 10.45 0.35 14.64
C LYS A 83 9.77 -0.16 13.38
N ALA A 84 8.50 -0.50 13.49
CA ALA A 84 7.73 -0.99 12.35
C ALA A 84 6.39 -0.28 12.24
N VAL A 85 5.94 -0.04 11.02
CA VAL A 85 4.67 0.64 10.77
C VAL A 85 3.53 -0.37 10.65
N ILE A 86 2.42 -0.09 11.34
CA ILE A 86 1.27 -0.97 11.30
C ILE A 86 0.05 -0.23 10.76
N ILE A 87 -0.66 -0.87 9.82
CA ILE A 87 -1.86 -0.28 9.24
C ILE A 87 -3.10 -1.06 9.61
N ASN A 88 -4.26 -0.55 9.23
CA ASN A 88 -5.53 -1.21 9.52
C ASN A 88 -6.52 -1.01 8.39
N LYS A 89 -7.54 -1.87 8.33
CA LYS A 89 -8.56 -1.78 7.30
C LYS A 89 -9.75 -0.96 7.78
N THR A 90 -10.16 0.02 6.97
CA THR A 90 -11.30 0.87 7.31
C THR A 90 -12.24 1.04 6.13
N SER A 91 -13.46 1.49 6.41
CA SER A 91 -14.46 1.68 5.37
C SER A 91 -14.01 2.76 4.39
N ASN A 92 -13.53 3.88 4.91
CA ASN A 92 -13.07 4.98 4.09
C ASN A 92 -12.10 4.49 3.01
N THR A 93 -11.54 3.30 3.22
CA THR A 93 -10.61 2.71 2.28
C THR A 93 -11.35 2.12 1.08
N ARG A 94 -11.33 2.83 -0.04
CA ARG A 94 -11.99 2.37 -1.26
C ARG A 94 -11.00 2.27 -2.42
N ILE A 95 -11.44 1.65 -3.50
CA ILE A 95 -10.59 1.51 -4.69
C ILE A 95 -10.43 2.83 -5.42
N PRO A 96 -9.18 3.14 -5.80
CA PRO A 96 -8.87 4.38 -6.51
C PRO A 96 -9.41 4.39 -7.94
N GLU A 97 -8.92 5.31 -8.75
CA GLU A 97 -9.36 5.43 -10.14
C GLU A 97 -8.46 4.59 -11.06
N GLN A 98 -7.16 4.60 -10.78
CA GLN A 98 -6.22 3.85 -11.59
C GLN A 98 -5.10 3.29 -10.72
N ARG A 99 -4.65 2.08 -11.05
CA ARG A 99 -3.57 1.43 -10.31
C ARG A 99 -2.30 1.35 -11.13
N PHE A 100 -1.19 1.02 -10.47
CA PHE A 100 0.10 0.92 -11.15
C PHE A 100 0.14 -0.32 -12.06
N SER A 101 -0.50 -1.39 -11.60
CA SER A 101 -0.52 -2.64 -12.37
C SER A 101 -0.99 -2.38 -13.80
N GLU A 102 -1.74 -1.30 -13.98
CA GLU A 102 -2.25 -0.94 -15.31
C GLU A 102 -1.12 -0.43 -16.21
N HIS A 103 -0.20 0.32 -15.61
CA HIS A 103 0.94 0.87 -16.36
C HIS A 103 1.70 -0.24 -17.08
N ILE A 104 1.74 -1.42 -16.48
CA ILE A 104 2.42 -2.56 -17.07
C ILE A 104 1.49 -3.75 -17.23
N LYS A 105 0.21 -3.47 -17.48
CA LYS A 105 -0.79 -4.52 -17.66
C LYS A 105 -0.87 -4.94 -19.12
N ASP A 106 -1.15 -6.22 -19.34
CA ASP A 106 -1.27 -6.76 -20.69
C ASP A 106 -2.53 -7.60 -20.84
N GLU A 107 -3.63 -7.11 -20.28
CA GLU A 107 -4.90 -7.81 -20.35
C GLU A 107 -4.72 -9.29 -20.03
N LYS A 108 -3.82 -9.58 -19.09
CA LYS A 108 -3.55 -10.95 -18.69
C LYS A 108 -3.02 -11.01 -17.25
N ASN A 109 -3.58 -11.92 -16.45
CA ASN A 109 -3.16 -12.07 -15.07
C ASN A 109 -2.41 -13.38 -14.87
N THR A 110 -1.24 -13.29 -14.24
CA THR A 110 -0.41 -14.47 -13.98
C THR A 110 0.71 -14.15 -13.00
N GLU A 111 0.69 -14.82 -11.86
CA GLU A 111 1.71 -14.62 -10.83
C GLU A 111 1.61 -15.67 -9.73
N PHE A 112 2.75 -16.07 -9.20
CA PHE A 112 2.79 -17.07 -8.14
C PHE A 112 3.24 -16.45 -6.82
N GLN A 113 2.89 -17.11 -5.72
CA GLN A 113 3.26 -16.63 -4.40
C GLN A 113 4.52 -17.32 -3.89
N GLN A 114 5.38 -16.57 -3.21
CA GLN A 114 6.62 -17.11 -2.67
C GLN A 114 7.00 -16.44 -1.36
N ARG A 115 6.96 -17.20 -0.28
CA ARG A 115 7.30 -16.67 1.04
C ARG A 115 8.65 -17.19 1.51
N PHE A 116 9.36 -16.38 2.27
CA PHE A 116 10.67 -16.76 2.79
C PHE A 116 10.74 -16.57 4.31
N ILE A 117 11.79 -17.11 4.91
CA ILE A 117 11.98 -17.00 6.35
C ILE A 117 13.44 -16.81 6.72
N LEU A 118 13.70 -15.86 7.61
CA LEU A 118 15.07 -15.58 8.04
C LEU A 118 15.36 -16.22 9.39
N SER A 119 16.60 -16.07 9.85
CA SER A 119 17.01 -16.65 11.13
C SER A 119 17.64 -15.58 12.02
N GLY A 120 17.12 -15.45 13.23
CA GLY A 120 17.65 -14.46 14.17
C GLY A 120 18.20 -15.09 15.42
N PRO A 121 19.45 -15.57 15.36
CA PRO A 121 20.12 -16.21 16.49
C PRO A 121 20.46 -15.22 17.60
N SER A 122 21.07 -15.72 18.66
CA SER A 122 21.44 -14.88 19.81
C SER A 122 22.67 -14.04 19.47
N SER A 123 22.90 -13.00 20.27
CA SER A 123 24.04 -12.12 20.05
C SER A 123 25.17 -12.44 21.03
N GLY A 124 26.32 -11.82 20.81
CA GLY A 124 27.46 -12.05 21.67
C GLY A 124 28.71 -11.34 21.19
N GLY A 1 -37.89 11.43 2.85
CA GLY A 1 -37.50 12.72 2.32
C GLY A 1 -36.30 13.32 3.03
N SER A 2 -35.23 13.56 2.28
CA SER A 2 -34.02 14.12 2.86
C SER A 2 -33.01 14.48 1.77
N SER A 3 -32.31 15.59 1.96
CA SER A 3 -31.32 16.05 0.98
C SER A 3 -29.99 16.35 1.66
N GLY A 4 -28.98 16.65 0.85
CA GLY A 4 -27.67 16.94 1.40
C GLY A 4 -26.68 15.82 1.18
N SER A 5 -25.50 16.16 0.66
CA SER A 5 -24.46 15.16 0.39
C SER A 5 -23.10 15.67 0.83
N SER A 6 -22.22 14.75 1.22
CA SER A 6 -20.88 15.11 1.67
C SER A 6 -19.87 14.02 1.28
N GLY A 7 -18.59 14.36 1.37
CA GLY A 7 -17.55 13.40 1.03
C GLY A 7 -16.48 14.01 0.14
N THR A 8 -15.94 15.16 0.56
CA THR A 8 -14.91 15.83 -0.21
C THR A 8 -13.60 15.91 0.57
N ASP A 9 -12.48 15.72 -0.13
CA ASP A 9 -11.17 15.77 0.50
C ASP A 9 -10.66 17.20 0.57
N SER A 10 -10.72 17.79 1.76
CA SER A 10 -10.25 19.17 1.96
C SER A 10 -8.83 19.33 1.46
N THR A 11 -7.93 18.47 1.92
CA THR A 11 -6.53 18.52 1.52
C THR A 11 -6.39 18.43 0.00
N GLY A 12 -5.30 18.99 -0.52
CA GLY A 12 -5.08 18.96 -1.95
C GLY A 12 -3.78 18.26 -2.31
N ILE A 13 -3.28 17.43 -1.40
CA ILE A 13 -2.04 16.70 -1.62
C ILE A 13 -2.00 16.10 -3.02
N ASP A 14 -0.81 15.69 -3.45
CA ASP A 14 -0.65 15.09 -4.77
C ASP A 14 0.18 13.82 -4.69
N LEU A 15 -0.49 12.69 -4.52
CA LEU A 15 0.18 11.40 -4.42
C LEU A 15 0.37 10.77 -5.80
N HIS A 16 -0.73 10.58 -6.51
CA HIS A 16 -0.68 10.00 -7.85
C HIS A 16 0.48 10.57 -8.66
N GLU A 17 0.52 11.89 -8.77
CA GLU A 17 1.57 12.57 -9.51
C GLU A 17 2.93 11.92 -9.23
N PHE A 18 3.27 11.80 -7.94
CA PHE A 18 4.53 11.21 -7.53
C PHE A 18 4.63 9.76 -8.02
N LEU A 19 3.79 8.90 -7.45
CA LEU A 19 3.79 7.49 -7.83
C LEU A 19 4.04 7.32 -9.32
N VAL A 20 3.09 7.75 -10.14
CA VAL A 20 3.21 7.65 -11.58
C VAL A 20 4.60 8.05 -12.05
N ASN A 21 4.97 9.30 -11.77
CA ASN A 21 6.28 9.81 -12.17
C ASN A 21 7.39 8.83 -11.78
N THR A 22 7.27 8.23 -10.59
CA THR A 22 8.25 7.27 -10.12
C THR A 22 8.17 5.97 -10.90
N LEU A 23 7.00 5.69 -11.46
CA LEU A 23 6.79 4.47 -12.24
C LEU A 23 7.52 4.54 -13.58
N LYS A 24 7.48 5.70 -14.21
CA LYS A 24 8.14 5.90 -15.49
C LYS A 24 9.60 6.29 -15.29
N LYS A 25 9.83 7.37 -14.56
CA LYS A 25 11.17 7.86 -14.29
C LYS A 25 12.06 6.73 -13.76
N ASN A 26 11.53 5.98 -12.80
CA ASN A 26 12.27 4.87 -12.21
C ASN A 26 11.51 3.55 -12.39
N PRO A 27 11.71 2.90 -13.54
CA PRO A 27 11.06 1.63 -13.85
C PRO A 27 11.58 0.48 -13.01
N ARG A 28 12.61 0.76 -12.19
CA ARG A 28 13.20 -0.25 -11.33
C ARG A 28 12.53 -0.24 -9.96
N ASP A 29 12.40 0.94 -9.38
CA ASP A 29 11.78 1.08 -8.06
C ASP A 29 10.33 0.63 -8.09
N ARG A 30 9.61 1.01 -9.15
CA ARG A 30 8.21 0.64 -9.29
C ARG A 30 7.97 -0.79 -8.81
N MET A 31 9.00 -1.63 -8.91
CA MET A 31 8.90 -3.01 -8.47
C MET A 31 8.40 -3.09 -7.03
N MET A 32 9.02 -2.33 -6.15
CA MET A 32 8.65 -2.31 -4.74
C MET A 32 7.22 -1.81 -4.56
N LEU A 33 6.92 -0.68 -5.20
CA LEU A 33 5.58 -0.08 -5.11
C LEU A 33 4.52 -1.11 -5.45
N LEU A 34 4.74 -1.87 -6.53
CA LEU A 34 3.80 -2.89 -6.95
C LEU A 34 3.58 -3.94 -5.86
N LYS A 35 4.66 -4.57 -5.44
CA LYS A 35 4.59 -5.59 -4.39
C LYS A 35 3.66 -5.15 -3.27
N LEU A 36 3.97 -4.01 -2.66
CA LEU A 36 3.17 -3.47 -1.57
C LEU A 36 1.69 -3.41 -1.96
N GLU A 37 1.42 -2.76 -3.09
CA GLU A 37 0.05 -2.62 -3.58
C GLU A 37 -0.65 -3.97 -3.60
N GLN A 38 0.05 -4.99 -4.06
CA GLN A 38 -0.52 -6.34 -4.14
C GLN A 38 -0.93 -6.83 -2.75
N GLU A 39 0.02 -6.82 -1.82
CA GLU A 39 -0.25 -7.26 -0.45
C GLU A 39 -1.42 -6.49 0.14
N ILE A 40 -1.33 -5.17 0.10
CA ILE A 40 -2.39 -4.32 0.64
C ILE A 40 -3.75 -4.69 0.06
N LEU A 41 -3.81 -4.84 -1.26
CA LEU A 41 -5.04 -5.20 -1.94
C LEU A 41 -5.69 -6.41 -1.29
N GLU A 42 -4.95 -7.51 -1.21
CA GLU A 42 -5.44 -8.73 -0.61
C GLU A 42 -5.90 -8.49 0.83
N PHE A 43 -5.16 -7.65 1.54
CA PHE A 43 -5.48 -7.33 2.92
C PHE A 43 -6.83 -6.62 3.02
N ILE A 44 -6.90 -5.42 2.43
CA ILE A 44 -8.12 -4.64 2.44
C ILE A 44 -9.35 -5.52 2.19
N ASN A 45 -9.31 -6.24 1.07
CA ASN A 45 -10.41 -7.12 0.70
C ASN A 45 -10.71 -8.11 1.82
N ASP A 46 -9.67 -8.72 2.36
CA ASP A 46 -9.81 -9.69 3.44
C ASP A 46 -10.54 -9.08 4.62
N ASN A 47 -11.56 -9.78 5.12
CA ASN A 47 -12.34 -9.29 6.26
C ASN A 47 -11.77 -9.82 7.58
N ASN A 48 -11.44 -11.11 7.59
CA ASN A 48 -10.88 -11.74 8.78
C ASN A 48 -9.77 -10.89 9.37
N ASN A 49 -8.94 -10.32 8.51
CA ASN A 49 -7.82 -9.47 8.96
C ASN A 49 -8.26 -8.02 9.08
N GLN A 50 -8.03 -7.43 10.25
CA GLN A 50 -8.40 -6.05 10.50
C GLN A 50 -7.16 -5.18 10.68
N PHE A 51 -6.15 -5.71 11.35
CA PHE A 51 -4.91 -4.99 11.58
C PHE A 51 -3.72 -5.72 10.97
N LYS A 52 -2.74 -4.96 10.52
CA LYS A 52 -1.54 -5.53 9.92
C LYS A 52 -0.28 -4.89 10.47
N LYS A 53 0.77 -5.68 10.63
CA LYS A 53 2.04 -5.19 11.15
C LYS A 53 3.19 -5.57 10.23
N PHE A 54 3.61 -4.63 9.39
CA PHE A 54 4.71 -4.88 8.45
C PHE A 54 6.04 -4.97 9.20
N PRO A 55 6.97 -5.76 8.63
CA PRO A 55 8.30 -5.95 9.21
C PRO A 55 9.16 -4.70 9.15
N GLN A 56 10.35 -4.77 9.72
CA GLN A 56 11.28 -3.63 9.72
C GLN A 56 11.40 -3.02 8.33
N MET A 57 11.61 -1.72 8.28
CA MET A 57 11.75 -1.01 7.01
C MET A 57 12.65 0.21 7.15
N THR A 58 13.39 0.53 6.11
CA THR A 58 14.29 1.67 6.12
C THR A 58 13.55 2.96 5.78
N SER A 59 14.10 4.09 6.22
CA SER A 59 13.49 5.38 5.97
C SER A 59 12.82 5.41 4.61
N TYR A 60 13.62 5.28 3.56
CA TYR A 60 13.10 5.29 2.19
C TYR A 60 11.77 4.56 2.11
N HIS A 61 11.72 3.36 2.67
CA HIS A 61 10.51 2.54 2.66
C HIS A 61 9.37 3.29 3.35
N ARG A 62 9.60 3.74 4.57
CA ARG A 62 8.59 4.46 5.33
C ARG A 62 7.85 5.46 4.45
N MET A 63 8.61 6.35 3.82
CA MET A 63 8.02 7.36 2.93
C MET A 63 7.15 6.70 1.86
N LEU A 64 7.72 5.76 1.13
CA LEU A 64 7.00 5.05 0.08
C LEU A 64 5.67 4.51 0.60
N LEU A 65 5.74 3.65 1.60
CA LEU A 65 4.55 3.07 2.19
C LEU A 65 3.55 4.14 2.58
N HIS A 66 3.98 5.03 3.49
CA HIS A 66 3.12 6.11 3.95
C HIS A 66 2.32 6.71 2.80
N ARG A 67 2.94 6.81 1.63
CA ARG A 67 2.29 7.35 0.46
C ARG A 67 1.24 6.38 -0.09
N VAL A 68 1.61 5.10 -0.15
CA VAL A 68 0.71 4.07 -0.65
C VAL A 68 -0.60 4.06 0.14
N ALA A 69 -0.49 3.95 1.46
CA ALA A 69 -1.65 3.91 2.33
C ALA A 69 -2.49 5.18 2.17
N ALA A 70 -1.83 6.33 2.36
CA ALA A 70 -2.51 7.61 2.23
C ALA A 70 -3.28 7.71 0.93
N TYR A 71 -2.80 7.01 -0.10
CA TYR A 71 -3.45 7.02 -1.40
C TYR A 71 -4.72 6.16 -1.38
N PHE A 72 -4.60 4.97 -0.83
CA PHE A 72 -5.73 4.05 -0.75
C PHE A 72 -6.77 4.55 0.26
N GLY A 73 -6.34 5.43 1.15
CA GLY A 73 -7.24 5.97 2.15
C GLY A 73 -7.17 5.21 3.46
N MET A 74 -5.97 4.81 3.85
CA MET A 74 -5.77 4.08 5.09
C MET A 74 -4.80 4.82 6.01
N ASP A 75 -5.05 4.75 7.32
CA ASP A 75 -4.20 5.41 8.29
C ASP A 75 -3.13 4.45 8.81
N HIS A 76 -2.00 5.01 9.24
CA HIS A 76 -0.90 4.21 9.75
C HIS A 76 -0.55 4.63 11.18
N ASN A 77 0.15 3.75 11.90
CA ASN A 77 0.54 4.02 13.27
C ASN A 77 1.86 3.32 13.61
N VAL A 78 2.65 3.94 14.48
CA VAL A 78 3.93 3.38 14.89
C VAL A 78 3.76 2.41 16.06
N ASP A 79 4.61 1.40 16.11
CA ASP A 79 4.55 0.41 17.18
C ASP A 79 4.65 1.08 18.54
N GLN A 80 4.38 0.31 19.59
CA GLN A 80 4.42 0.83 20.96
C GLN A 80 5.78 1.48 21.24
N THR A 81 6.76 1.17 20.40
CA THR A 81 8.10 1.73 20.56
C THR A 81 8.51 2.54 19.35
N GLY A 82 8.00 2.15 18.18
CA GLY A 82 8.33 2.86 16.96
C GLY A 82 9.35 2.14 16.11
N LYS A 83 9.34 0.81 16.19
CA LYS A 83 10.28 -0.01 15.43
C LYS A 83 9.77 -0.24 14.01
N ALA A 84 8.50 -0.62 13.90
CA ALA A 84 7.89 -0.86 12.59
C ALA A 84 6.58 -0.09 12.44
N VAL A 85 6.01 -0.15 11.24
CA VAL A 85 4.75 0.54 10.97
C VAL A 85 3.58 -0.42 10.96
N ILE A 86 2.46 0.01 11.52
CA ILE A 86 1.26 -0.83 11.57
C ILE A 86 0.05 -0.09 10.97
N ILE A 87 -0.70 -0.79 10.13
CA ILE A 87 -1.87 -0.21 9.50
C ILE A 87 -3.13 -1.01 9.84
N ASN A 88 -4.29 -0.40 9.61
CA ASN A 88 -5.57 -1.05 9.89
C ASN A 88 -6.56 -0.82 8.76
N LYS A 89 -7.76 -1.37 8.90
CA LYS A 89 -8.80 -1.22 7.89
C LYS A 89 -9.88 -0.23 8.36
N THR A 90 -10.35 0.60 7.44
CA THR A 90 -11.38 1.58 7.77
C THR A 90 -12.31 1.81 6.58
N SER A 91 -13.56 2.11 6.87
CA SER A 91 -14.56 2.34 5.83
C SER A 91 -14.02 3.31 4.78
N ASN A 92 -13.40 4.40 5.24
CA ASN A 92 -12.86 5.41 4.34
C ASN A 92 -11.97 4.75 3.28
N THR A 93 -11.29 3.68 3.66
CA THR A 93 -10.42 2.97 2.74
C THR A 93 -11.21 2.31 1.61
N ARG A 94 -11.01 2.80 0.40
CA ARG A 94 -11.71 2.26 -0.76
C ARG A 94 -10.76 2.07 -1.93
N ILE A 95 -11.22 1.35 -2.96
CA ILE A 95 -10.40 1.10 -4.13
C ILE A 95 -10.37 2.31 -5.06
N PRO A 96 -9.17 2.69 -5.49
CA PRO A 96 -8.97 3.83 -6.39
C PRO A 96 -9.50 3.57 -7.79
N GLU A 97 -9.73 4.64 -8.55
CA GLU A 97 -10.24 4.52 -9.91
C GLU A 97 -9.41 3.53 -10.72
N GLN A 98 -8.09 3.70 -10.69
CA GLN A 98 -7.19 2.83 -11.42
C GLN A 98 -5.95 2.49 -10.57
N ARG A 99 -5.44 1.28 -10.75
CA ARG A 99 -4.28 0.83 -10.00
C ARG A 99 -3.03 0.86 -10.88
N PHE A 100 -1.87 0.59 -10.28
CA PHE A 100 -0.61 0.59 -11.00
C PHE A 100 -0.69 -0.31 -12.23
N SER A 101 -1.26 -1.48 -12.06
CA SER A 101 -1.40 -2.43 -13.16
C SER A 101 -1.80 -1.72 -14.45
N GLU A 102 -2.68 -0.73 -14.33
CA GLU A 102 -3.14 0.03 -15.48
C GLU A 102 -1.96 0.43 -16.37
N HIS A 103 -1.05 1.23 -15.82
CA HIS A 103 0.12 1.68 -16.57
C HIS A 103 0.85 0.49 -17.20
N ILE A 104 0.57 -0.71 -16.70
CA ILE A 104 1.21 -1.91 -17.21
C ILE A 104 0.31 -2.61 -18.23
N LYS A 105 -0.50 -1.83 -18.93
CA LYS A 105 -1.39 -2.36 -19.95
C LYS A 105 -0.63 -3.17 -20.99
N ASP A 106 -1.31 -4.12 -21.60
CA ASP A 106 -0.69 -4.96 -22.63
C ASP A 106 0.43 -5.81 -22.03
N GLU A 107 0.12 -6.53 -20.96
CA GLU A 107 1.09 -7.38 -20.29
C GLU A 107 0.55 -8.79 -20.11
N LYS A 108 0.84 -9.66 -21.07
CA LYS A 108 0.38 -11.04 -21.01
C LYS A 108 1.49 -11.96 -20.52
N ASN A 109 1.56 -12.16 -19.21
CA ASN A 109 2.58 -13.01 -18.61
C ASN A 109 2.36 -13.17 -17.11
N THR A 110 2.33 -14.42 -16.65
CA THR A 110 2.12 -14.70 -15.23
C THR A 110 2.77 -16.03 -14.84
N GLU A 111 3.76 -15.95 -13.95
CA GLU A 111 4.45 -17.14 -13.49
C GLU A 111 5.32 -16.83 -12.27
N PHE A 112 5.74 -17.88 -11.56
CA PHE A 112 6.57 -17.71 -10.38
C PHE A 112 7.08 -19.06 -9.88
N GLN A 113 8.32 -19.07 -9.42
CA GLN A 113 8.93 -20.30 -8.91
C GLN A 113 9.96 -20.00 -7.82
N GLN A 114 9.66 -20.43 -6.60
CA GLN A 114 10.56 -20.20 -5.47
C GLN A 114 10.37 -21.27 -4.41
N ARG A 115 11.41 -22.08 -4.19
CA ARG A 115 11.37 -23.13 -3.19
C ARG A 115 12.76 -23.44 -2.65
N PHE A 116 12.85 -23.57 -1.33
CA PHE A 116 14.13 -23.86 -0.68
C PHE A 116 13.92 -24.39 0.73
N ILE A 117 14.36 -25.62 0.97
CA ILE A 117 14.22 -26.24 2.28
C ILE A 117 15.31 -27.29 2.51
N LEU A 118 16.20 -27.00 3.45
CA LEU A 118 17.29 -27.92 3.77
C LEU A 118 17.24 -28.33 5.24
N SER A 119 17.61 -29.57 5.52
CA SER A 119 17.61 -30.10 6.88
C SER A 119 18.48 -31.34 6.99
N GLY A 120 19.26 -31.42 8.07
CA GLY A 120 20.13 -32.56 8.28
C GLY A 120 21.52 -32.16 8.71
N PRO A 121 21.64 -31.71 9.97
CA PRO A 121 22.92 -31.28 10.55
C PRO A 121 23.88 -32.45 10.76
N SER A 122 25.13 -32.27 10.36
CA SER A 122 26.14 -33.31 10.51
C SER A 122 26.83 -33.21 11.87
N SER A 123 27.40 -32.04 12.16
CA SER A 123 28.09 -31.82 13.42
C SER A 123 27.53 -30.59 14.12
N GLY A 124 27.26 -30.73 15.43
CA GLY A 124 26.73 -29.62 16.19
C GLY A 124 27.73 -29.08 17.19
N GLY A 1 -18.96 5.19 15.70
CA GLY A 1 -17.96 6.18 16.03
C GLY A 1 -16.56 5.73 15.68
N SER A 2 -15.73 5.52 16.71
CA SER A 2 -14.35 5.09 16.51
C SER A 2 -13.67 5.94 15.44
N SER A 3 -13.83 7.26 15.55
CA SER A 3 -13.22 8.18 14.59
C SER A 3 -12.61 9.38 15.31
N GLY A 4 -11.38 9.73 14.93
CA GLY A 4 -10.70 10.85 15.55
C GLY A 4 -9.23 10.89 15.20
N SER A 5 -8.93 10.95 13.91
CA SER A 5 -7.54 10.99 13.45
C SER A 5 -7.22 12.34 12.79
N SER A 6 -6.15 12.98 13.25
CA SER A 6 -5.75 14.27 12.73
C SER A 6 -4.23 14.35 12.60
N GLY A 7 -3.75 15.34 11.85
CA GLY A 7 -2.32 15.51 11.65
C GLY A 7 -1.93 15.46 10.19
N THR A 8 -2.65 16.21 9.35
CA THR A 8 -2.37 16.25 7.93
C THR A 8 -2.93 17.51 7.29
N ASP A 9 -2.07 18.27 6.62
CA ASP A 9 -2.49 19.50 5.96
C ASP A 9 -1.47 19.93 4.92
N SER A 10 -1.83 19.79 3.65
CA SER A 10 -0.95 20.15 2.55
C SER A 10 -1.73 20.78 1.40
N THR A 11 -1.39 22.01 1.05
CA THR A 11 -2.06 22.72 -0.04
C THR A 11 -1.78 22.07 -1.39
N GLY A 12 -2.82 21.51 -2.00
CA GLY A 12 -2.65 20.88 -3.30
C GLY A 12 -1.76 19.65 -3.22
N ILE A 13 -2.35 18.51 -2.86
CA ILE A 13 -1.61 17.26 -2.74
C ILE A 13 -1.41 16.61 -4.11
N ASP A 14 -0.26 16.00 -4.31
CA ASP A 14 0.06 15.34 -5.58
C ASP A 14 0.62 13.94 -5.33
N LEU A 15 -0.28 12.98 -5.12
CA LEU A 15 0.12 11.60 -4.88
C LEU A 15 0.21 10.82 -6.19
N HIS A 16 -0.91 10.72 -6.89
CA HIS A 16 -0.95 10.01 -8.16
C HIS A 16 0.19 10.44 -9.07
N GLU A 17 0.35 11.74 -9.22
CA GLU A 17 1.41 12.29 -10.07
C GLU A 17 2.78 11.80 -9.61
N PHE A 18 3.00 11.81 -8.29
CA PHE A 18 4.26 11.37 -7.73
C PHE A 18 4.50 9.89 -8.00
N LEU A 19 3.53 9.06 -7.61
CA LEU A 19 3.63 7.62 -7.81
C LEU A 19 3.91 7.29 -9.28
N VAL A 20 3.06 7.79 -10.17
CA VAL A 20 3.22 7.57 -11.59
C VAL A 20 4.60 8.00 -12.07
N ASN A 21 5.07 9.13 -11.56
CA ASN A 21 6.37 9.66 -11.94
C ASN A 21 7.48 8.65 -11.63
N THR A 22 7.45 8.10 -10.42
CA THR A 22 8.44 7.12 -10.00
C THR A 22 8.33 5.84 -10.82
N LEU A 23 7.11 5.38 -11.03
CA LEU A 23 6.86 4.17 -11.80
C LEU A 23 7.52 4.24 -13.17
N LYS A 24 7.30 5.36 -13.86
CA LYS A 24 7.88 5.56 -15.18
C LYS A 24 9.39 5.79 -15.09
N LYS A 25 9.77 6.93 -14.51
CA LYS A 25 11.18 7.27 -14.36
C LYS A 25 11.97 6.08 -13.82
N ASN A 26 11.50 5.51 -12.72
CA ASN A 26 12.16 4.37 -12.11
C ASN A 26 11.36 3.09 -12.32
N PRO A 27 11.54 2.48 -13.51
CA PRO A 27 10.85 1.24 -13.87
C PRO A 27 11.33 0.04 -13.08
N ARG A 28 12.44 0.23 -12.36
CA ARG A 28 13.01 -0.84 -11.54
C ARG A 28 12.47 -0.79 -10.11
N ASP A 29 12.76 0.31 -9.43
CA ASP A 29 12.29 0.49 -8.05
C ASP A 29 10.82 0.09 -7.92
N ARG A 30 10.00 0.59 -8.83
CA ARG A 30 8.57 0.31 -8.81
C ARG A 30 8.32 -1.11 -8.30
N MET A 31 9.20 -2.03 -8.66
CA MET A 31 9.07 -3.42 -8.24
C MET A 31 8.46 -3.51 -6.85
N MET A 32 8.95 -2.70 -5.93
CA MET A 32 8.45 -2.68 -4.56
C MET A 32 7.05 -2.09 -4.50
N LEU A 33 6.92 -0.85 -4.95
CA LEU A 33 5.63 -0.16 -4.95
C LEU A 33 4.51 -1.10 -5.37
N LEU A 34 4.74 -1.82 -6.47
CA LEU A 34 3.75 -2.76 -6.98
C LEU A 34 3.51 -3.90 -5.99
N LYS A 35 4.59 -4.55 -5.57
CA LYS A 35 4.50 -5.65 -4.62
C LYS A 35 3.63 -5.26 -3.42
N LEU A 36 3.96 -4.14 -2.80
CA LEU A 36 3.20 -3.66 -1.65
C LEU A 36 1.72 -3.54 -1.98
N GLU A 37 1.42 -2.94 -3.12
CA GLU A 37 0.03 -2.76 -3.55
C GLU A 37 -0.71 -4.10 -3.57
N GLN A 38 -0.06 -5.13 -4.09
CA GLN A 38 -0.65 -6.46 -4.17
C GLN A 38 -1.00 -6.98 -2.78
N GLU A 39 -0.03 -6.92 -1.87
CA GLU A 39 -0.22 -7.39 -0.50
C GLU A 39 -1.40 -6.67 0.15
N ILE A 40 -1.38 -5.33 0.10
CA ILE A 40 -2.45 -4.52 0.69
C ILE A 40 -3.79 -4.87 0.07
N LEU A 41 -3.87 -4.80 -1.26
CA LEU A 41 -5.10 -5.10 -1.98
C LEU A 41 -5.78 -6.32 -1.39
N GLU A 42 -5.02 -7.41 -1.26
CA GLU A 42 -5.56 -8.66 -0.71
C GLU A 42 -6.01 -8.47 0.74
N PHE A 43 -5.26 -7.65 1.47
CA PHE A 43 -5.58 -7.38 2.87
C PHE A 43 -6.91 -6.64 2.99
N ILE A 44 -7.00 -5.49 2.34
CA ILE A 44 -8.22 -4.68 2.37
C ILE A 44 -9.45 -5.53 2.09
N ASN A 45 -9.42 -6.24 0.95
CA ASN A 45 -10.53 -7.08 0.56
C ASN A 45 -10.79 -8.17 1.61
N ASP A 46 -9.72 -8.78 2.08
CA ASP A 46 -9.82 -9.84 3.09
C ASP A 46 -10.58 -9.34 4.31
N ASN A 47 -11.51 -10.16 4.79
CA ASN A 47 -12.32 -9.79 5.95
C ASN A 47 -11.69 -10.36 7.23
N ASN A 48 -11.32 -11.63 7.19
CA ASN A 48 -10.72 -12.29 8.35
C ASN A 48 -9.68 -11.39 9.00
N ASN A 49 -8.88 -10.71 8.17
CA ASN A 49 -7.84 -9.81 8.67
C ASN A 49 -8.39 -8.39 8.84
N GLN A 50 -7.90 -7.71 9.87
CA GLN A 50 -8.34 -6.34 10.14
C GLN A 50 -7.15 -5.43 10.39
N PHE A 51 -6.10 -5.98 10.97
CA PHE A 51 -4.88 -5.22 11.26
C PHE A 51 -3.67 -5.84 10.58
N LYS A 52 -2.76 -4.98 10.12
CA LYS A 52 -1.56 -5.44 9.45
C LYS A 52 -0.31 -4.76 10.03
N LYS A 53 0.72 -5.55 10.28
CA LYS A 53 1.97 -5.03 10.84
C LYS A 53 3.15 -5.38 9.94
N PHE A 54 3.73 -4.37 9.30
CA PHE A 54 4.87 -4.58 8.42
C PHE A 54 6.17 -4.63 9.21
N PRO A 55 7.17 -5.32 8.66
CA PRO A 55 8.49 -5.47 9.30
C PRO A 55 9.27 -4.16 9.31
N GLN A 56 10.56 -4.26 9.61
CA GLN A 56 11.43 -3.08 9.66
C GLN A 56 11.56 -2.45 8.28
N MET A 57 11.50 -1.12 8.24
CA MET A 57 11.61 -0.40 6.98
C MET A 57 12.62 0.75 7.10
N THR A 58 13.32 1.03 6.01
CA THR A 58 14.31 2.10 5.99
C THR A 58 13.66 3.45 5.81
N SER A 59 14.47 4.51 5.85
CA SER A 59 13.96 5.87 5.71
C SER A 59 13.15 6.00 4.41
N TYR A 60 13.75 5.60 3.30
CA TYR A 60 13.09 5.67 2.01
C TYR A 60 11.83 4.80 1.98
N HIS A 61 11.96 3.58 2.50
CA HIS A 61 10.85 2.65 2.54
C HIS A 61 9.64 3.28 3.24
N ARG A 62 9.83 3.68 4.50
CA ARG A 62 8.76 4.30 5.27
C ARG A 62 7.95 5.26 4.41
N MET A 63 8.61 6.29 3.90
CA MET A 63 7.96 7.29 3.06
C MET A 63 7.08 6.61 2.00
N LEU A 64 7.71 5.85 1.12
CA LEU A 64 6.99 5.14 0.06
C LEU A 64 5.65 4.61 0.57
N LEU A 65 5.71 3.70 1.54
CA LEU A 65 4.51 3.12 2.11
C LEU A 65 3.54 4.19 2.57
N HIS A 66 4.00 5.05 3.47
CA HIS A 66 3.17 6.14 4.00
C HIS A 66 2.28 6.70 2.90
N ARG A 67 2.83 6.85 1.70
CA ARG A 67 2.09 7.38 0.57
C ARG A 67 1.05 6.38 0.08
N VAL A 68 1.47 5.13 -0.08
CA VAL A 68 0.56 4.08 -0.53
C VAL A 68 -0.72 4.07 0.28
N ALA A 69 -0.59 3.89 1.59
CA ALA A 69 -1.75 3.87 2.47
C ALA A 69 -2.55 5.16 2.37
N ALA A 70 -1.87 6.30 2.51
CA ALA A 70 -2.53 7.60 2.42
C ALA A 70 -3.42 7.69 1.18
N TYR A 71 -2.93 7.14 0.07
CA TYR A 71 -3.67 7.17 -1.18
C TYR A 71 -4.93 6.32 -1.08
N PHE A 72 -4.76 5.07 -0.62
CA PHE A 72 -5.88 4.15 -0.48
C PHE A 72 -6.88 4.67 0.56
N GLY A 73 -6.44 5.63 1.36
CA GLY A 73 -7.31 6.20 2.38
C GLY A 73 -7.26 5.43 3.68
N MET A 74 -6.08 4.90 4.01
CA MET A 74 -5.89 4.13 5.24
C MET A 74 -4.92 4.84 6.18
N ASP A 75 -5.18 4.73 7.47
CA ASP A 75 -4.33 5.36 8.48
C ASP A 75 -3.19 4.42 8.88
N HIS A 76 -2.19 4.98 9.57
CA HIS A 76 -1.04 4.20 10.01
C HIS A 76 -0.59 4.64 11.39
N ASN A 77 0.03 3.72 12.13
CA ASN A 77 0.51 4.02 13.47
C ASN A 77 1.87 3.37 13.72
N VAL A 78 2.72 4.09 14.46
CA VAL A 78 4.07 3.59 14.77
C VAL A 78 4.06 2.76 16.06
N ASP A 79 4.94 1.77 16.11
CA ASP A 79 5.05 0.91 17.29
C ASP A 79 5.23 1.73 18.55
N GLN A 80 5.00 1.11 19.70
CA GLN A 80 5.14 1.79 20.98
C GLN A 80 6.44 2.60 21.03
N THR A 81 7.40 2.20 20.21
CA THR A 81 8.69 2.89 20.17
C THR A 81 8.92 3.53 18.79
N GLY A 82 8.40 2.88 17.75
CA GLY A 82 8.56 3.39 16.40
C GLY A 82 9.57 2.60 15.60
N LYS A 83 9.63 1.30 15.85
CA LYS A 83 10.56 0.43 15.14
C LYS A 83 10.00 0.03 13.78
N ALA A 84 8.72 -0.33 13.76
CA ALA A 84 8.06 -0.73 12.53
C ALA A 84 6.76 0.04 12.32
N VAL A 85 6.12 -0.19 11.18
CA VAL A 85 4.87 0.48 10.86
C VAL A 85 3.68 -0.48 10.95
N ILE A 86 2.53 0.04 11.37
CA ILE A 86 1.33 -0.77 11.50
C ILE A 86 0.11 -0.06 10.93
N ILE A 87 -0.48 -0.63 9.90
CA ILE A 87 -1.65 -0.06 9.27
C ILE A 87 -2.89 -0.91 9.51
N ASN A 88 -4.07 -0.28 9.43
CA ASN A 88 -5.32 -0.98 9.64
C ASN A 88 -6.30 -0.69 8.50
N LYS A 89 -7.28 -1.59 8.34
CA LYS A 89 -8.28 -1.43 7.29
C LYS A 89 -9.51 -0.70 7.82
N THR A 90 -9.97 0.30 7.08
CA THR A 90 -11.14 1.07 7.47
C THR A 90 -12.09 1.28 6.29
N SER A 91 -13.38 1.38 6.59
CA SER A 91 -14.39 1.58 5.55
C SER A 91 -13.95 2.65 4.57
N ASN A 92 -13.46 3.77 5.10
CA ASN A 92 -13.00 4.87 4.27
C ASN A 92 -12.09 4.37 3.15
N THR A 93 -11.27 3.38 3.46
CA THR A 93 -10.35 2.81 2.48
C THR A 93 -11.11 2.04 1.41
N ARG A 94 -11.00 2.50 0.16
CA ARG A 94 -11.67 1.85 -0.96
C ARG A 94 -10.71 1.70 -2.14
N ILE A 95 -11.12 0.90 -3.12
CA ILE A 95 -10.32 0.66 -4.31
C ILE A 95 -10.27 1.90 -5.20
N PRO A 96 -9.06 2.32 -5.59
CA PRO A 96 -8.87 3.49 -6.45
C PRO A 96 -9.34 3.25 -7.88
N GLU A 97 -9.71 4.32 -8.56
CA GLU A 97 -10.19 4.23 -9.94
C GLU A 97 -9.34 3.27 -10.75
N GLN A 98 -8.02 3.38 -10.61
CA GLN A 98 -7.10 2.51 -11.34
C GLN A 98 -5.88 2.20 -10.48
N ARG A 99 -5.32 1.00 -10.67
CA ARG A 99 -4.14 0.58 -9.92
C ARG A 99 -2.87 0.86 -10.70
N PHE A 100 -1.73 0.72 -10.03
CA PHE A 100 -0.43 0.96 -10.66
C PHE A 100 -0.29 0.12 -11.93
N SER A 101 -0.65 -1.16 -11.83
CA SER A 101 -0.55 -2.07 -12.97
C SER A 101 -1.33 -1.52 -14.17
N GLU A 102 -2.58 -1.15 -13.93
CA GLU A 102 -3.44 -0.63 -14.99
C GLU A 102 -2.64 0.31 -15.90
N HIS A 103 -1.81 1.15 -15.30
CA HIS A 103 -1.00 2.09 -16.07
C HIS A 103 -0.02 1.36 -16.98
N ILE A 104 0.55 0.27 -16.47
CA ILE A 104 1.50 -0.53 -17.24
C ILE A 104 0.85 -1.82 -17.76
N LYS A 105 -0.44 -1.74 -18.05
CA LYS A 105 -1.18 -2.89 -18.55
C LYS A 105 -1.51 -2.73 -20.03
N ASP A 106 -1.21 -3.75 -20.82
CA ASP A 106 -1.48 -3.71 -22.25
C ASP A 106 -2.83 -4.38 -22.57
N GLU A 107 -2.95 -5.65 -22.21
CA GLU A 107 -4.17 -6.39 -22.45
C GLU A 107 -4.23 -7.66 -21.60
N LYS A 108 -5.10 -7.66 -20.60
CA LYS A 108 -5.24 -8.80 -19.70
C LYS A 108 -6.66 -8.89 -19.16
N ASN A 109 -7.23 -10.09 -19.17
CA ASN A 109 -8.58 -10.30 -18.68
C ASN A 109 -8.56 -11.09 -17.38
N THR A 110 -8.07 -12.33 -17.45
CA THR A 110 -8.00 -13.19 -16.28
C THR A 110 -6.60 -13.79 -16.12
N GLU A 111 -5.89 -13.33 -15.09
CA GLU A 111 -4.54 -13.82 -14.83
C GLU A 111 -4.49 -14.60 -13.52
N PHE A 112 -3.65 -15.63 -13.48
CA PHE A 112 -3.50 -16.46 -12.29
C PHE A 112 -2.18 -16.17 -11.59
N GLN A 113 -2.20 -16.27 -10.26
CA GLN A 113 -1.00 -16.02 -9.46
C GLN A 113 -1.06 -16.78 -8.14
N GLN A 114 0.12 -17.12 -7.62
CA GLN A 114 0.20 -17.87 -6.36
C GLN A 114 1.44 -17.44 -5.57
N ARG A 115 1.25 -17.23 -4.27
CA ARG A 115 2.34 -16.82 -3.40
C ARG A 115 1.92 -16.85 -1.93
N PHE A 116 2.84 -17.26 -1.07
CA PHE A 116 2.56 -17.33 0.36
C PHE A 116 3.77 -16.89 1.18
N ILE A 117 3.53 -16.50 2.43
CA ILE A 117 4.60 -16.06 3.31
C ILE A 117 5.43 -17.24 3.80
N LEU A 118 6.60 -16.94 4.35
CA LEU A 118 7.49 -17.98 4.86
C LEU A 118 8.01 -17.62 6.25
N SER A 119 8.22 -16.33 6.48
CA SER A 119 8.71 -15.85 7.76
C SER A 119 9.97 -16.60 8.17
N GLY A 120 10.92 -16.69 7.26
CA GLY A 120 12.17 -17.38 7.54
C GLY A 120 12.76 -17.00 8.88
N PRO A 121 13.41 -17.95 9.55
CA PRO A 121 14.03 -17.73 10.86
C PRO A 121 15.25 -16.83 10.78
N SER A 122 15.57 -16.38 9.57
CA SER A 122 16.72 -15.51 9.35
C SER A 122 16.87 -14.51 10.50
N SER A 123 17.92 -14.67 11.29
CA SER A 123 18.17 -13.78 12.42
C SER A 123 19.64 -13.80 12.80
N GLY A 124 20.33 -12.69 12.54
CA GLY A 124 21.75 -12.59 12.86
C GLY A 124 22.22 -11.15 12.97
N GLY A 1 -22.30 7.16 14.10
CA GLY A 1 -21.18 6.98 15.00
C GLY A 1 -20.14 6.00 14.46
N SER A 2 -18.87 6.35 14.60
CA SER A 2 -17.79 5.51 14.11
C SER A 2 -16.85 5.12 15.25
N SER A 3 -17.00 3.88 15.72
CA SER A 3 -16.17 3.39 16.81
C SER A 3 -14.69 3.66 16.54
N GLY A 4 -14.17 4.72 17.14
CA GLY A 4 -12.77 5.07 16.93
C GLY A 4 -12.46 6.48 17.37
N SER A 5 -11.18 6.75 17.65
CA SER A 5 -10.76 8.08 18.07
C SER A 5 -10.08 8.83 16.93
N SER A 6 -10.82 9.74 16.32
CA SER A 6 -10.29 10.53 15.21
C SER A 6 -10.29 12.01 15.54
N GLY A 7 -9.21 12.70 15.15
CA GLY A 7 -9.12 14.12 15.41
C GLY A 7 -7.98 14.78 14.64
N THR A 8 -6.76 14.65 15.15
CA THR A 8 -5.59 15.23 14.52
C THR A 8 -4.85 14.19 13.68
N ASP A 9 -4.78 14.42 12.37
CA ASP A 9 -4.10 13.51 11.47
C ASP A 9 -3.56 14.25 10.25
N SER A 10 -2.69 13.59 9.49
CA SER A 10 -2.11 14.18 8.30
C SER A 10 -3.01 13.99 7.09
N THR A 11 -2.68 14.68 6.00
CA THR A 11 -3.46 14.58 4.78
C THR A 11 -2.56 14.49 3.55
N GLY A 12 -3.10 13.97 2.45
CA GLY A 12 -2.33 13.83 1.23
C GLY A 12 -2.80 14.79 0.15
N ILE A 13 -1.89 15.65 -0.30
CA ILE A 13 -2.22 16.62 -1.34
C ILE A 13 -1.58 16.23 -2.67
N ASP A 14 -2.41 16.10 -3.70
CA ASP A 14 -1.93 15.73 -5.02
C ASP A 14 -0.94 14.57 -4.95
N LEU A 15 -1.26 13.59 -4.11
CA LEU A 15 -0.41 12.43 -3.94
C LEU A 15 0.04 11.87 -5.29
N HIS A 16 -0.91 11.71 -6.20
CA HIS A 16 -0.60 11.20 -7.53
C HIS A 16 0.67 11.84 -8.08
N GLU A 17 0.80 13.14 -7.86
CA GLU A 17 1.97 13.87 -8.35
C GLU A 17 3.26 13.22 -7.85
N PHE A 18 3.45 13.23 -6.54
CA PHE A 18 4.64 12.64 -5.93
C PHE A 18 4.89 11.24 -6.47
N LEU A 19 3.88 10.38 -6.34
CA LEU A 19 3.98 9.01 -6.81
C LEU A 19 4.52 8.96 -8.23
N VAL A 20 3.68 9.32 -9.20
CA VAL A 20 4.08 9.33 -10.60
C VAL A 20 5.51 9.84 -10.77
N ASN A 21 5.78 11.01 -10.20
CA ASN A 21 7.10 11.62 -10.29
C ASN A 21 8.17 10.64 -9.83
N THR A 22 7.87 9.89 -8.78
CA THR A 22 8.81 8.91 -8.23
C THR A 22 9.08 7.79 -9.24
N LEU A 23 8.01 7.34 -9.91
CA LEU A 23 8.13 6.27 -10.89
C LEU A 23 8.79 6.77 -12.18
N LYS A 24 8.63 8.06 -12.45
CA LYS A 24 9.21 8.67 -13.64
C LYS A 24 10.74 8.66 -13.56
N LYS A 25 11.28 9.41 -12.61
CA LYS A 25 12.73 9.48 -12.43
C LYS A 25 13.27 8.18 -11.85
N ASN A 26 12.56 7.63 -10.87
CA ASN A 26 12.97 6.37 -10.24
C ASN A 26 11.94 5.28 -10.48
N PRO A 27 12.00 4.66 -11.68
CA PRO A 27 11.09 3.58 -12.06
C PRO A 27 11.33 2.30 -11.27
N ARG A 28 12.56 2.15 -10.77
CA ARG A 28 12.92 0.97 -9.99
C ARG A 28 11.92 0.73 -8.86
N ASP A 29 11.39 1.81 -8.31
CA ASP A 29 10.42 1.72 -7.22
C ASP A 29 9.25 0.83 -7.62
N ARG A 30 8.88 0.87 -8.89
CA ARG A 30 7.77 0.07 -9.39
C ARG A 30 7.74 -1.30 -8.73
N MET A 31 8.93 -1.87 -8.54
CA MET A 31 9.05 -3.19 -7.92
C MET A 31 8.26 -3.25 -6.62
N MET A 32 8.75 -2.52 -5.61
CA MET A 32 8.09 -2.49 -4.31
C MET A 32 6.67 -1.94 -4.43
N LEU A 33 6.56 -0.68 -4.85
CA LEU A 33 5.27 -0.03 -5.01
C LEU A 33 4.22 -1.02 -5.53
N LEU A 34 4.61 -1.80 -6.53
CA LEU A 34 3.71 -2.79 -7.11
C LEU A 34 3.42 -3.92 -6.12
N LYS A 35 4.49 -4.51 -5.58
CA LYS A 35 4.36 -5.60 -4.63
C LYS A 35 3.55 -5.16 -3.41
N LEU A 36 4.07 -4.16 -2.69
CA LEU A 36 3.41 -3.65 -1.50
C LEU A 36 1.93 -3.38 -1.78
N GLU A 37 1.65 -2.66 -2.86
CA GLU A 37 0.28 -2.33 -3.24
C GLU A 37 -0.57 -3.60 -3.32
N GLN A 38 0.01 -4.66 -3.89
CA GLN A 38 -0.70 -5.93 -4.03
C GLN A 38 -1.03 -6.52 -2.67
N GLU A 39 -0.02 -6.61 -1.80
CA GLU A 39 -0.21 -7.16 -0.46
C GLU A 39 -1.37 -6.47 0.25
N ILE A 40 -1.38 -5.14 0.19
CA ILE A 40 -2.44 -4.37 0.83
C ILE A 40 -3.80 -4.74 0.29
N LEU A 41 -3.93 -4.76 -1.04
CA LEU A 41 -5.19 -5.11 -1.68
C LEU A 41 -5.75 -6.41 -1.11
N GLU A 42 -4.92 -7.44 -1.04
CA GLU A 42 -5.34 -8.73 -0.51
C GLU A 42 -5.85 -8.59 0.92
N PHE A 43 -5.13 -7.82 1.74
CA PHE A 43 -5.51 -7.60 3.12
C PHE A 43 -6.90 -6.96 3.22
N ILE A 44 -7.10 -5.89 2.45
CA ILE A 44 -8.37 -5.18 2.44
C ILE A 44 -9.53 -6.15 2.21
N ASN A 45 -9.42 -6.96 1.16
CA ASN A 45 -10.46 -7.93 0.83
C ASN A 45 -10.62 -8.95 1.95
N ASP A 46 -9.49 -9.40 2.49
CA ASP A 46 -9.52 -10.38 3.58
C ASP A 46 -10.28 -9.85 4.77
N ASN A 47 -11.23 -10.66 5.26
CA ASN A 47 -12.05 -10.27 6.41
C ASN A 47 -11.45 -10.81 7.71
N ASN A 48 -11.04 -12.08 7.67
CA ASN A 48 -10.44 -12.72 8.84
C ASN A 48 -9.48 -11.76 9.55
N ASN A 49 -8.67 -11.07 8.78
CA ASN A 49 -7.70 -10.12 9.34
C ASN A 49 -8.32 -8.74 9.49
N GLN A 50 -7.88 -8.02 10.51
CA GLN A 50 -8.39 -6.68 10.77
C GLN A 50 -7.28 -5.64 10.69
N PHE A 51 -6.06 -6.04 11.04
CA PHE A 51 -4.91 -5.15 10.99
C PHE A 51 -3.80 -5.74 10.12
N LYS A 52 -2.87 -4.89 9.71
CA LYS A 52 -1.75 -5.32 8.88
C LYS A 52 -0.46 -4.63 9.31
N LYS A 53 0.49 -5.42 9.81
CA LYS A 53 1.78 -4.89 10.25
C LYS A 53 2.88 -5.26 9.27
N PHE A 54 3.81 -4.33 9.04
CA PHE A 54 4.93 -4.57 8.13
C PHE A 54 6.22 -4.77 8.90
N PRO A 55 7.16 -5.51 8.30
CA PRO A 55 8.47 -5.80 8.91
C PRO A 55 9.36 -4.55 8.99
N GLN A 56 10.56 -4.73 9.51
CA GLN A 56 11.50 -3.62 9.65
C GLN A 56 11.86 -3.03 8.28
N MET A 57 11.53 -1.76 8.09
CA MET A 57 11.82 -1.09 6.83
C MET A 57 12.88 -0.01 7.03
N THR A 58 13.47 0.43 5.92
CA THR A 58 14.51 1.47 5.97
C THR A 58 13.89 2.86 6.02
N SER A 59 14.73 3.88 6.07
CA SER A 59 14.28 5.25 6.13
C SER A 59 13.50 5.62 4.87
N TYR A 60 13.98 5.14 3.72
CA TYR A 60 13.33 5.41 2.45
C TYR A 60 12.00 4.69 2.35
N HIS A 61 12.03 3.37 2.52
CA HIS A 61 10.83 2.55 2.45
C HIS A 61 9.72 3.15 3.30
N ARG A 62 10.04 3.49 4.54
CA ARG A 62 9.07 4.07 5.46
C ARG A 62 8.24 5.15 4.75
N MET A 63 8.92 6.03 4.03
CA MET A 63 8.26 7.11 3.32
C MET A 63 7.38 6.55 2.20
N LEU A 64 7.97 5.75 1.33
CA LEU A 64 7.25 5.15 0.21
C LEU A 64 5.91 4.60 0.67
N LEU A 65 5.94 3.72 1.67
CA LEU A 65 4.72 3.12 2.21
C LEU A 65 3.75 4.19 2.68
N HIS A 66 4.23 5.10 3.52
CA HIS A 66 3.40 6.18 4.05
C HIS A 66 2.58 6.81 2.92
N ARG A 67 3.18 6.94 1.75
CA ARG A 67 2.50 7.54 0.61
C ARG A 67 1.40 6.62 0.08
N VAL A 68 1.77 5.40 -0.28
CA VAL A 68 0.82 4.42 -0.79
C VAL A 68 -0.37 4.27 0.15
N ALA A 69 -0.09 4.03 1.42
CA ALA A 69 -1.13 3.87 2.43
C ALA A 69 -2.08 5.06 2.43
N ALA A 70 -1.51 6.26 2.55
CA ALA A 70 -2.30 7.48 2.56
C ALA A 70 -3.12 7.62 1.28
N TYR A 71 -2.60 7.08 0.19
CA TYR A 71 -3.27 7.14 -1.10
C TYR A 71 -4.49 6.21 -1.14
N PHE A 72 -4.40 5.12 -0.38
CA PHE A 72 -5.48 4.15 -0.32
C PHE A 72 -6.36 4.39 0.89
N GLY A 73 -6.45 5.64 1.32
CA GLY A 73 -7.25 5.99 2.47
C GLY A 73 -6.97 5.11 3.67
N MET A 74 -5.68 4.89 3.93
CA MET A 74 -5.26 4.06 5.06
C MET A 74 -4.65 4.91 6.17
N ASP A 75 -4.81 4.46 7.41
CA ASP A 75 -4.27 5.19 8.56
C ASP A 75 -3.20 4.36 9.26
N HIS A 76 -1.93 4.71 9.02
CA HIS A 76 -0.81 4.00 9.64
C HIS A 76 -0.45 4.63 10.98
N ASN A 77 0.09 3.81 11.88
CA ASN A 77 0.49 4.28 13.20
C ASN A 77 1.85 3.72 13.59
N VAL A 78 2.57 4.45 14.44
CA VAL A 78 3.89 4.03 14.89
C VAL A 78 3.79 3.14 16.13
N ASP A 79 4.68 2.17 16.22
CA ASP A 79 4.70 1.24 17.35
C ASP A 79 5.58 1.78 18.48
N GLN A 80 5.53 1.11 19.62
CA GLN A 80 6.32 1.52 20.78
C GLN A 80 7.67 2.09 20.35
N THR A 81 8.36 1.36 19.47
CA THR A 81 9.66 1.78 18.98
C THR A 81 9.51 2.71 17.77
N GLY A 82 8.47 2.47 16.97
CA GLY A 82 8.25 3.29 15.80
C GLY A 82 8.95 2.75 14.57
N LYS A 83 9.71 1.68 14.74
CA LYS A 83 10.45 1.07 13.64
C LYS A 83 9.49 0.57 12.56
N ALA A 84 8.47 -0.17 12.98
CA ALA A 84 7.49 -0.70 12.04
C ALA A 84 6.14 -0.01 12.22
N VAL A 85 5.46 0.25 11.11
CA VAL A 85 4.16 0.90 11.15
C VAL A 85 3.04 -0.10 10.92
N ILE A 86 1.89 0.13 11.56
CA ILE A 86 0.74 -0.75 11.43
C ILE A 86 -0.45 -0.01 10.82
N ILE A 87 -1.12 -0.67 9.89
CA ILE A 87 -2.29 -0.08 9.23
C ILE A 87 -3.54 -0.93 9.44
N ASN A 88 -4.70 -0.31 9.29
CA ASN A 88 -5.97 -1.01 9.48
C ASN A 88 -6.90 -0.75 8.30
N LYS A 89 -8.10 -1.32 8.36
CA LYS A 89 -9.09 -1.15 7.30
C LYS A 89 -10.24 -0.26 7.77
N THR A 90 -10.33 0.94 7.20
CA THR A 90 -11.37 1.88 7.56
C THR A 90 -12.25 2.22 6.35
N SER A 91 -13.43 2.77 6.62
CA SER A 91 -14.36 3.14 5.56
C SER A 91 -13.67 4.00 4.51
N ASN A 92 -12.88 4.97 4.96
CA ASN A 92 -12.15 5.85 4.06
C ASN A 92 -11.38 5.06 3.02
N THR A 93 -10.89 3.89 3.41
CA THR A 93 -10.13 3.03 2.52
C THR A 93 -10.99 2.54 1.36
N ARG A 94 -10.73 3.06 0.16
CA ARG A 94 -11.48 2.68 -1.02
C ARG A 94 -10.57 2.57 -2.23
N ILE A 95 -11.09 1.98 -3.31
CA ILE A 95 -10.31 1.81 -4.54
C ILE A 95 -10.10 3.15 -5.24
N PRO A 96 -8.84 3.45 -5.57
CA PRO A 96 -8.48 4.69 -6.25
C PRO A 96 -8.96 4.73 -7.70
N GLU A 97 -8.52 5.73 -8.44
CA GLU A 97 -8.91 5.88 -9.84
C GLU A 97 -8.06 5.00 -10.74
N GLN A 98 -6.75 4.99 -10.49
CA GLN A 98 -5.82 4.19 -11.27
C GLN A 98 -4.73 3.60 -10.39
N ARG A 99 -4.08 2.55 -10.88
CA ARG A 99 -3.01 1.89 -10.13
C ARG A 99 -1.65 2.10 -10.82
N PHE A 100 -0.59 1.65 -10.17
CA PHE A 100 0.76 1.78 -10.71
C PHE A 100 1.05 0.66 -11.70
N SER A 101 0.04 -0.16 -11.98
CA SER A 101 0.19 -1.28 -12.90
C SER A 101 0.03 -0.82 -14.35
N GLU A 102 -0.44 0.41 -14.52
CA GLU A 102 -0.65 0.97 -15.85
C GLU A 102 0.69 1.38 -16.48
N HIS A 103 1.74 1.40 -15.66
CA HIS A 103 3.06 1.77 -16.13
C HIS A 103 3.82 0.55 -16.64
N ILE A 104 3.33 -0.63 -16.30
CA ILE A 104 3.96 -1.88 -16.71
C ILE A 104 3.11 -2.60 -17.76
N LYS A 105 2.16 -1.88 -18.35
CA LYS A 105 1.28 -2.46 -19.35
C LYS A 105 2.03 -2.69 -20.66
N ASP A 106 1.44 -3.47 -21.55
CA ASP A 106 2.05 -3.78 -22.84
C ASP A 106 1.05 -4.45 -23.77
N GLU A 107 1.43 -4.58 -25.04
CA GLU A 107 0.56 -5.20 -26.04
C GLU A 107 -0.08 -6.46 -25.48
N LYS A 108 0.75 -7.36 -24.95
CA LYS A 108 0.26 -8.60 -24.37
C LYS A 108 1.38 -9.34 -23.63
N ASN A 109 1.31 -9.34 -22.31
CA ASN A 109 2.32 -10.00 -21.49
C ASN A 109 1.86 -11.41 -21.12
N THR A 110 2.62 -12.41 -21.56
CA THR A 110 2.31 -13.80 -21.28
C THR A 110 3.52 -14.54 -20.72
N GLU A 111 3.69 -14.50 -19.41
CA GLU A 111 4.81 -15.18 -18.77
C GLU A 111 4.64 -15.20 -17.25
N PHE A 112 4.69 -16.39 -16.67
CA PHE A 112 4.53 -16.56 -15.23
C PHE A 112 4.78 -18.01 -14.82
N GLN A 113 5.36 -18.19 -13.64
CA GLN A 113 5.64 -19.52 -13.12
C GLN A 113 4.90 -19.78 -11.82
N GLN A 114 3.82 -20.56 -11.91
CA GLN A 114 3.02 -20.87 -10.74
C GLN A 114 2.35 -22.24 -10.90
N ARG A 115 2.46 -23.07 -9.86
CA ARG A 115 1.88 -24.40 -9.89
C ARG A 115 1.48 -24.84 -8.48
N PHE A 116 0.20 -25.17 -8.30
CA PHE A 116 -0.32 -25.60 -7.01
C PHE A 116 -0.63 -27.10 -7.03
N ILE A 117 -0.63 -27.71 -5.84
CA ILE A 117 -0.91 -29.13 -5.73
C ILE A 117 -2.29 -29.37 -5.13
N LEU A 118 -3.19 -29.93 -5.93
CA LEU A 118 -4.55 -30.21 -5.48
C LEU A 118 -4.74 -31.70 -5.22
N SER A 119 -4.20 -32.53 -6.11
CA SER A 119 -4.31 -33.97 -5.98
C SER A 119 -2.98 -34.58 -5.53
N GLY A 120 -2.91 -34.93 -4.26
CA GLY A 120 -1.69 -35.52 -3.71
C GLY A 120 -1.31 -34.93 -2.37
N PRO A 121 -2.10 -35.25 -1.33
CA PRO A 121 -1.86 -34.76 0.02
C PRO A 121 -0.63 -35.38 0.67
N SER A 122 -0.53 -36.70 0.57
CA SER A 122 0.60 -37.44 1.14
C SER A 122 0.55 -38.91 0.74
N SER A 123 1.73 -39.47 0.50
CA SER A 123 1.83 -40.88 0.10
C SER A 123 0.93 -41.75 0.98
N GLY A 124 -0.17 -42.23 0.41
CA GLY A 124 -1.09 -43.06 1.15
C GLY A 124 -2.38 -42.34 1.50
#